data_2P71
# 
_entry.id   2P71 
# 
_audit_conform.dict_name       mmcif_pdbx.dic 
_audit_conform.dict_version    5.399 
_audit_conform.dict_location   http://mmcif.pdb.org/dictionaries/ascii/mmcif_pdbx.dic 
# 
loop_
_database_2.database_id 
_database_2.database_code 
_database_2.pdbx_database_accession 
_database_2.pdbx_DOI 
PDB   2P71         pdb_00002p71 10.2210/pdb2p71/pdb 
RCSB  RCSB042046   ?            ?                   
WWPDB D_1000042046 ?            ?                   
# 
loop_
_pdbx_audit_revision_history.ordinal 
_pdbx_audit_revision_history.data_content_type 
_pdbx_audit_revision_history.major_revision 
_pdbx_audit_revision_history.minor_revision 
_pdbx_audit_revision_history.revision_date 
1 'Structure model' 1 0 2007-04-10 
2 'Structure model' 1 1 2008-05-01 
3 'Structure model' 1 2 2011-07-13 
4 'Structure model' 1 3 2017-10-18 
5 'Structure model' 1 4 2023-08-30 
6 'Structure model' 1 5 2024-11-20 
# 
_pdbx_audit_revision_details.ordinal             1 
_pdbx_audit_revision_details.revision_ordinal    1 
_pdbx_audit_revision_details.data_content_type   'Structure model' 
_pdbx_audit_revision_details.provider            repository 
_pdbx_audit_revision_details.type                'Initial release' 
_pdbx_audit_revision_details.description         ? 
_pdbx_audit_revision_details.details             ? 
# 
loop_
_pdbx_audit_revision_group.ordinal 
_pdbx_audit_revision_group.revision_ordinal 
_pdbx_audit_revision_group.data_content_type 
_pdbx_audit_revision_group.group 
1 2 'Structure model' 'Version format compliance' 
2 3 'Structure model' 'Version format compliance' 
3 4 'Structure model' 'Refinement description'    
4 5 'Structure model' 'Data collection'           
5 5 'Structure model' 'Database references'       
6 5 'Structure model' 'Derived calculations'      
7 5 'Structure model' 'Refinement description'    
8 6 'Structure model' 'Structure summary'         
# 
loop_
_pdbx_audit_revision_category.ordinal 
_pdbx_audit_revision_category.revision_ordinal 
_pdbx_audit_revision_category.data_content_type 
_pdbx_audit_revision_category.category 
1 4 'Structure model' software                      
2 5 'Structure model' chem_comp_atom                
3 5 'Structure model' chem_comp_bond                
4 5 'Structure model' database_2                    
5 5 'Structure model' pdbx_initial_refinement_model 
6 5 'Structure model' struct_site                   
7 6 'Structure model' pdbx_entry_details            
8 6 'Structure model' pdbx_modification_feature     
# 
loop_
_pdbx_audit_revision_item.ordinal 
_pdbx_audit_revision_item.revision_ordinal 
_pdbx_audit_revision_item.data_content_type 
_pdbx_audit_revision_item.item 
1 5 'Structure model' '_database_2.pdbx_DOI'                
2 5 'Structure model' '_database_2.pdbx_database_accession' 
3 5 'Structure model' '_struct_site.pdbx_auth_asym_id'      
4 5 'Structure model' '_struct_site.pdbx_auth_comp_id'      
5 5 'Structure model' '_struct_site.pdbx_auth_seq_id'       
# 
_pdbx_database_status.entry_id                        2P71 
_pdbx_database_status.status_code                     REL 
_pdbx_database_status.status_code_sf                  REL 
_pdbx_database_status.recvd_initial_deposition_date   2007-03-19 
_pdbx_database_status.deposit_site                    RCSB 
_pdbx_database_status.process_site                    RCSB 
_pdbx_database_status.SG_entry                        N 
_pdbx_database_status.status_code_mr                  ? 
_pdbx_database_status.pdb_format_compatible           Y 
_pdbx_database_status.status_code_cs                  ? 
_pdbx_database_status.methods_development_category    ? 
_pdbx_database_status.status_code_nmr_data            ? 
# 
loop_
_pdbx_database_related.db_name 
_pdbx_database_related.db_id 
_pdbx_database_related.details 
_pdbx_database_related.content_type 
PDB 1DQE 'BmorPBP bound to bombykol'            unspecified 
PDB 2FJY 'unliganded crystal structure'         unspecified 
PDB 2P70 'BmorPBP bound to bell pepper odorant' unspecified 
# 
loop_
_audit_author.name 
_audit_author.pdbx_ordinal 
'Lautenschlager, C.L.' 1 
'Clardy, J.'           2 
# 
_citation.id                        primary 
_citation.title                     
'Bombyx mori pheromone-binding protein binding nonpheromone ligands: implications for pheromone recognition.' 
_citation.journal_abbrev            Structure 
_citation.journal_volume            15 
_citation.page_first                1148 
_citation.page_last                 1154 
_citation.year                      2007 
_citation.journal_id_ASTM           STRUE6 
_citation.country                   UK 
_citation.journal_id_ISSN           0969-2126 
_citation.journal_id_CSD            2005 
_citation.book_publisher            ? 
_citation.pdbx_database_id_PubMed   17850754 
_citation.pdbx_database_id_DOI      10.1016/j.str.2007.07.013 
# 
loop_
_citation_author.citation_id 
_citation_author.name 
_citation_author.ordinal 
_citation_author.identifier_ORCID 
primary 'Lautenschlager, C.' 1 ? 
primary 'Leal, W.S.'         2 ? 
primary 'Clardy, J.'         3 ? 
# 
loop_
_entity.id 
_entity.type 
_entity.src_method 
_entity.pdbx_description 
_entity.formula_weight 
_entity.pdbx_number_of_molecules 
_entity.pdbx_ec 
_entity.pdbx_mutation 
_entity.pdbx_fragment 
_entity.details 
1 polymer     man 'pheromone-binding protein' 14921.991 1  ? ? ? ? 
2 non-polymer syn 1-IODOHEXADECANE            352.338   1  ? ? ? ? 
3 water       nat water                       18.015    27 ? ? ? ? 
# 
_entity_name_com.entity_id   1 
_entity_name_com.name        PBP 
# 
_entity_poly.entity_id                      1 
_entity_poly.type                           'polypeptide(L)' 
_entity_poly.nstd_linkage                   no 
_entity_poly.nstd_monomer                   no 
_entity_poly.pdbx_seq_one_letter_code       
;SQEVMKNLSLNFGKALDECKKEMTLTDAINEDFYNFWKEGYEIKNRETGCAIMCLSTKLNMLDPEGNLHHGNAMEFAKKH
GADETMAQQLIDIVHGCEKSTPANDDKCIWTLGVATCFKAEIHKLNWAPSMD
;
_entity_poly.pdbx_seq_one_letter_code_can   
;SQEVMKNLSLNFGKALDECKKEMTLTDAINEDFYNFWKEGYEIKNRETGCAIMCLSTKLNMLDPEGNLHHGNAMEFAKKH
GADETMAQQLIDIVHGCEKSTPANDDKCIWTLGVATCFKAEIHKLNWAPSMD
;
_entity_poly.pdbx_strand_id                 A 
_entity_poly.pdbx_target_identifier         ? 
# 
loop_
_pdbx_entity_nonpoly.entity_id 
_pdbx_entity_nonpoly.name 
_pdbx_entity_nonpoly.comp_id 
2 1-IODOHEXADECANE IHD 
3 water            HOH 
# 
loop_
_entity_poly_seq.entity_id 
_entity_poly_seq.num 
_entity_poly_seq.mon_id 
_entity_poly_seq.hetero 
1 1   SER n 
1 2   GLN n 
1 3   GLU n 
1 4   VAL n 
1 5   MET n 
1 6   LYS n 
1 7   ASN n 
1 8   LEU n 
1 9   SER n 
1 10  LEU n 
1 11  ASN n 
1 12  PHE n 
1 13  GLY n 
1 14  LYS n 
1 15  ALA n 
1 16  LEU n 
1 17  ASP n 
1 18  GLU n 
1 19  CYS n 
1 20  LYS n 
1 21  LYS n 
1 22  GLU n 
1 23  MET n 
1 24  THR n 
1 25  LEU n 
1 26  THR n 
1 27  ASP n 
1 28  ALA n 
1 29  ILE n 
1 30  ASN n 
1 31  GLU n 
1 32  ASP n 
1 33  PHE n 
1 34  TYR n 
1 35  ASN n 
1 36  PHE n 
1 37  TRP n 
1 38  LYS n 
1 39  GLU n 
1 40  GLY n 
1 41  TYR n 
1 42  GLU n 
1 43  ILE n 
1 44  LYS n 
1 45  ASN n 
1 46  ARG n 
1 47  GLU n 
1 48  THR n 
1 49  GLY n 
1 50  CYS n 
1 51  ALA n 
1 52  ILE n 
1 53  MET n 
1 54  CYS n 
1 55  LEU n 
1 56  SER n 
1 57  THR n 
1 58  LYS n 
1 59  LEU n 
1 60  ASN n 
1 61  MET n 
1 62  LEU n 
1 63  ASP n 
1 64  PRO n 
1 65  GLU n 
1 66  GLY n 
1 67  ASN n 
1 68  LEU n 
1 69  HIS n 
1 70  HIS n 
1 71  GLY n 
1 72  ASN n 
1 73  ALA n 
1 74  MET n 
1 75  GLU n 
1 76  PHE n 
1 77  ALA n 
1 78  LYS n 
1 79  LYS n 
1 80  HIS n 
1 81  GLY n 
1 82  ALA n 
1 83  ASP n 
1 84  GLU n 
1 85  THR n 
1 86  MET n 
1 87  ALA n 
1 88  GLN n 
1 89  GLN n 
1 90  LEU n 
1 91  ILE n 
1 92  ASP n 
1 93  ILE n 
1 94  VAL n 
1 95  HIS n 
1 96  GLY n 
1 97  CYS n 
1 98  GLU n 
1 99  LYS n 
1 100 SER n 
1 101 THR n 
1 102 PRO n 
1 103 ALA n 
1 104 ASN n 
1 105 ASP n 
1 106 ASP n 
1 107 LYS n 
1 108 CYS n 
1 109 ILE n 
1 110 TRP n 
1 111 THR n 
1 112 LEU n 
1 113 GLY n 
1 114 VAL n 
1 115 ALA n 
1 116 THR n 
1 117 CYS n 
1 118 PHE n 
1 119 LYS n 
1 120 ALA n 
1 121 GLU n 
1 122 ILE n 
1 123 HIS n 
1 124 LYS n 
1 125 LEU n 
1 126 ASN n 
1 127 TRP n 
1 128 ALA n 
1 129 PRO n 
1 130 SER n 
1 131 MET n 
1 132 ASP n 
# 
_entity_src_gen.entity_id                          1 
_entity_src_gen.pdbx_src_id                        1 
_entity_src_gen.pdbx_alt_source_flag               sample 
_entity_src_gen.pdbx_seq_type                      ? 
_entity_src_gen.pdbx_beg_seq_num                   ? 
_entity_src_gen.pdbx_end_seq_num                   ? 
_entity_src_gen.gene_src_common_name               'domestic silkworm' 
_entity_src_gen.gene_src_genus                     Bombyx 
_entity_src_gen.pdbx_gene_src_gene                 'pheromone binding protein' 
_entity_src_gen.gene_src_species                   ? 
_entity_src_gen.gene_src_strain                    ? 
_entity_src_gen.gene_src_tissue                    ? 
_entity_src_gen.gene_src_tissue_fraction           ? 
_entity_src_gen.gene_src_details                   ? 
_entity_src_gen.pdbx_gene_src_fragment             ? 
_entity_src_gen.pdbx_gene_src_scientific_name      'Bombyx mori' 
_entity_src_gen.pdbx_gene_src_ncbi_taxonomy_id     7091 
_entity_src_gen.pdbx_gene_src_variant              ? 
_entity_src_gen.pdbx_gene_src_cell_line            ? 
_entity_src_gen.pdbx_gene_src_atcc                 ? 
_entity_src_gen.pdbx_gene_src_organ                ? 
_entity_src_gen.pdbx_gene_src_organelle            ? 
_entity_src_gen.pdbx_gene_src_cell                 ? 
_entity_src_gen.pdbx_gene_src_cellular_location    ? 
_entity_src_gen.host_org_common_name               ? 
_entity_src_gen.pdbx_host_org_scientific_name      'Escherichia coli' 
_entity_src_gen.pdbx_host_org_ncbi_taxonomy_id     562 
_entity_src_gen.host_org_genus                     Escherichia 
_entity_src_gen.pdbx_host_org_gene                 ? 
_entity_src_gen.pdbx_host_org_organ                ? 
_entity_src_gen.host_org_species                   ? 
_entity_src_gen.pdbx_host_org_tissue               ? 
_entity_src_gen.pdbx_host_org_tissue_fraction      ? 
_entity_src_gen.pdbx_host_org_strain               ? 
_entity_src_gen.pdbx_host_org_variant              ? 
_entity_src_gen.pdbx_host_org_cell_line            ? 
_entity_src_gen.pdbx_host_org_atcc                 ? 
_entity_src_gen.pdbx_host_org_culture_collection   ? 
_entity_src_gen.pdbx_host_org_cell                 ? 
_entity_src_gen.pdbx_host_org_organelle            ? 
_entity_src_gen.pdbx_host_org_cellular_location    ? 
_entity_src_gen.pdbx_host_org_vector_type          plasmid 
_entity_src_gen.pdbx_host_org_vector               ? 
_entity_src_gen.host_org_details                   ? 
_entity_src_gen.expression_system_id               ? 
_entity_src_gen.plasmid_name                       ? 
_entity_src_gen.plasmid_details                    ? 
_entity_src_gen.pdbx_description                   untagged 
# 
loop_
_chem_comp.id 
_chem_comp.type 
_chem_comp.mon_nstd_flag 
_chem_comp.name 
_chem_comp.pdbx_synonyms 
_chem_comp.formula 
_chem_comp.formula_weight 
ALA 'L-peptide linking' y ALANINE          ? 'C3 H7 N O2'     89.093  
ARG 'L-peptide linking' y ARGININE         ? 'C6 H15 N4 O2 1' 175.209 
ASN 'L-peptide linking' y ASPARAGINE       ? 'C4 H8 N2 O3'    132.118 
ASP 'L-peptide linking' y 'ASPARTIC ACID'  ? 'C4 H7 N O4'     133.103 
CYS 'L-peptide linking' y CYSTEINE         ? 'C3 H7 N O2 S'   121.158 
GLN 'L-peptide linking' y GLUTAMINE        ? 'C5 H10 N2 O3'   146.144 
GLU 'L-peptide linking' y 'GLUTAMIC ACID'  ? 'C5 H9 N O4'     147.129 
GLY 'peptide linking'   y GLYCINE          ? 'C2 H5 N O2'     75.067  
HIS 'L-peptide linking' y HISTIDINE        ? 'C6 H10 N3 O2 1' 156.162 
HOH non-polymer         . WATER            ? 'H2 O'           18.015  
IHD non-polymer         . 1-IODOHEXADECANE ? 'C16 H33 I'      352.338 
ILE 'L-peptide linking' y ISOLEUCINE       ? 'C6 H13 N O2'    131.173 
LEU 'L-peptide linking' y LEUCINE          ? 'C6 H13 N O2'    131.173 
LYS 'L-peptide linking' y LYSINE           ? 'C6 H15 N2 O2 1' 147.195 
MET 'L-peptide linking' y METHIONINE       ? 'C5 H11 N O2 S'  149.211 
PHE 'L-peptide linking' y PHENYLALANINE    ? 'C9 H11 N O2'    165.189 
PRO 'L-peptide linking' y PROLINE          ? 'C5 H9 N O2'     115.130 
SER 'L-peptide linking' y SERINE           ? 'C3 H7 N O3'     105.093 
THR 'L-peptide linking' y THREONINE        ? 'C4 H9 N O3'     119.119 
TRP 'L-peptide linking' y TRYPTOPHAN       ? 'C11 H12 N2 O2'  204.225 
TYR 'L-peptide linking' y TYROSINE         ? 'C9 H11 N O3'    181.189 
VAL 'L-peptide linking' y VALINE           ? 'C5 H11 N O2'    117.146 
# 
loop_
_pdbx_poly_seq_scheme.asym_id 
_pdbx_poly_seq_scheme.entity_id 
_pdbx_poly_seq_scheme.seq_id 
_pdbx_poly_seq_scheme.mon_id 
_pdbx_poly_seq_scheme.ndb_seq_num 
_pdbx_poly_seq_scheme.pdb_seq_num 
_pdbx_poly_seq_scheme.auth_seq_num 
_pdbx_poly_seq_scheme.pdb_mon_id 
_pdbx_poly_seq_scheme.auth_mon_id 
_pdbx_poly_seq_scheme.pdb_strand_id 
_pdbx_poly_seq_scheme.pdb_ins_code 
_pdbx_poly_seq_scheme.hetero 
A 1 1   SER 1   1   1   SER SER A . n 
A 1 2   GLN 2   2   2   GLN GLN A . n 
A 1 3   GLU 3   3   3   GLU GLU A . n 
A 1 4   VAL 4   4   4   VAL VAL A . n 
A 1 5   MET 5   5   5   MET MET A . n 
A 1 6   LYS 6   6   6   LYS LYS A . n 
A 1 7   ASN 7   7   7   ASN ASN A . n 
A 1 8   LEU 8   8   8   LEU LEU A . n 
A 1 9   SER 9   9   9   SER SER A . n 
A 1 10  LEU 10  10  10  LEU LEU A . n 
A 1 11  ASN 11  11  11  ASN ASN A . n 
A 1 12  PHE 12  12  12  PHE PHE A . n 
A 1 13  GLY 13  13  13  GLY GLY A . n 
A 1 14  LYS 14  14  14  LYS LYS A . n 
A 1 15  ALA 15  15  15  ALA ALA A . n 
A 1 16  LEU 16  16  16  LEU LEU A . n 
A 1 17  ASP 17  17  17  ASP ASP A . n 
A 1 18  GLU 18  18  18  GLU GLU A . n 
A 1 19  CYS 19  19  19  CYS CYS A . n 
A 1 20  LYS 20  20  20  LYS LYS A . n 
A 1 21  LYS 21  21  21  LYS LYS A . n 
A 1 22  GLU 22  22  22  GLU GLU A . n 
A 1 23  MET 23  23  23  MET MET A . n 
A 1 24  THR 24  24  24  THR THR A . n 
A 1 25  LEU 25  25  25  LEU LEU A . n 
A 1 26  THR 26  26  26  THR THR A . n 
A 1 27  ASP 27  27  27  ASP ASP A . n 
A 1 28  ALA 28  28  28  ALA ALA A . n 
A 1 29  ILE 29  29  29  ILE ILE A . n 
A 1 30  ASN 30  30  30  ASN ASN A . n 
A 1 31  GLU 31  31  31  GLU GLU A . n 
A 1 32  ASP 32  32  32  ASP ASP A . n 
A 1 33  PHE 33  33  33  PHE PHE A . n 
A 1 34  TYR 34  34  34  TYR TYR A . n 
A 1 35  ASN 35  35  35  ASN ASN A . n 
A 1 36  PHE 36  36  36  PHE PHE A . n 
A 1 37  TRP 37  37  37  TRP TRP A . n 
A 1 38  LYS 38  38  38  LYS LYS A . n 
A 1 39  GLU 39  39  39  GLU GLU A . n 
A 1 40  GLY 40  40  40  GLY GLY A . n 
A 1 41  TYR 41  41  41  TYR TYR A . n 
A 1 42  GLU 42  42  42  GLU GLU A . n 
A 1 43  ILE 43  43  43  ILE ILE A . n 
A 1 44  LYS 44  44  44  LYS LYS A . n 
A 1 45  ASN 45  45  45  ASN ASN A . n 
A 1 46  ARG 46  46  46  ARG ARG A . n 
A 1 47  GLU 47  47  47  GLU GLU A . n 
A 1 48  THR 48  48  48  THR THR A . n 
A 1 49  GLY 49  49  49  GLY GLY A . n 
A 1 50  CYS 50  50  50  CYS CYS A . n 
A 1 51  ALA 51  51  51  ALA ALA A . n 
A 1 52  ILE 52  52  52  ILE ILE A . n 
A 1 53  MET 53  53  53  MET MET A . n 
A 1 54  CYS 54  54  54  CYS CYS A . n 
A 1 55  LEU 55  55  55  LEU LEU A . n 
A 1 56  SER 56  56  56  SER SER A . n 
A 1 57  THR 57  57  57  THR THR A . n 
A 1 58  LYS 58  58  58  LYS LYS A . n 
A 1 59  LEU 59  59  59  LEU LEU A . n 
A 1 60  ASN 60  60  60  ASN ASN A . n 
A 1 61  MET 61  61  61  MET MET A . n 
A 1 62  LEU 62  62  62  LEU LEU A . n 
A 1 63  ASP 63  63  63  ASP ASP A . n 
A 1 64  PRO 64  64  64  PRO PRO A . n 
A 1 65  GLU 65  65  65  GLU GLU A . n 
A 1 66  GLY 66  66  66  GLY GLY A . n 
A 1 67  ASN 67  67  67  ASN ASN A . n 
A 1 68  LEU 68  68  68  LEU LEU A . n 
A 1 69  HIS 69  69  69  HIS HIS A . n 
A 1 70  HIS 70  70  70  HIS HIS A . n 
A 1 71  GLY 71  71  71  GLY GLY A . n 
A 1 72  ASN 72  72  72  ASN ASN A . n 
A 1 73  ALA 73  73  73  ALA ALA A . n 
A 1 74  MET 74  74  74  MET MET A . n 
A 1 75  GLU 75  75  75  GLU GLU A . n 
A 1 76  PHE 76  76  76  PHE PHE A . n 
A 1 77  ALA 77  77  77  ALA ALA A . n 
A 1 78  LYS 78  78  78  LYS LYS A . n 
A 1 79  LYS 79  79  79  LYS LYS A . n 
A 1 80  HIS 80  80  80  HIS HIS A . n 
A 1 81  GLY 81  81  81  GLY GLY A . n 
A 1 82  ALA 82  82  82  ALA ALA A . n 
A 1 83  ASP 83  83  83  ASP ASP A . n 
A 1 84  GLU 84  84  84  GLU GLU A . n 
A 1 85  THR 85  85  85  THR THR A . n 
A 1 86  MET 86  86  86  MET MET A . n 
A 1 87  ALA 87  87  87  ALA ALA A . n 
A 1 88  GLN 88  88  88  GLN GLN A . n 
A 1 89  GLN 89  89  89  GLN GLN A . n 
A 1 90  LEU 90  90  90  LEU LEU A . n 
A 1 91  ILE 91  91  91  ILE ILE A . n 
A 1 92  ASP 92  92  92  ASP ASP A . n 
A 1 93  ILE 93  93  93  ILE ILE A . n 
A 1 94  VAL 94  94  94  VAL VAL A . n 
A 1 95  HIS 95  95  95  HIS HIS A . n 
A 1 96  GLY 96  96  96  GLY GLY A . n 
A 1 97  CYS 97  97  97  CYS CYS A . n 
A 1 98  GLU 98  98  98  GLU GLU A . n 
A 1 99  LYS 99  99  99  LYS LYS A . n 
A 1 100 SER 100 100 100 SER SER A . n 
A 1 101 THR 101 101 101 THR THR A . n 
A 1 102 PRO 102 102 102 PRO PRO A . n 
A 1 103 ALA 103 103 103 ALA ALA A . n 
A 1 104 ASN 104 104 104 ASN ASN A . n 
A 1 105 ASP 105 105 105 ASP ASP A . n 
A 1 106 ASP 106 106 106 ASP ASP A . n 
A 1 107 LYS 107 107 107 LYS LYS A . n 
A 1 108 CYS 108 108 108 CYS CYS A . n 
A 1 109 ILE 109 109 109 ILE ILE A . n 
A 1 110 TRP 110 110 110 TRP TRP A . n 
A 1 111 THR 111 111 111 THR THR A . n 
A 1 112 LEU 112 112 112 LEU LEU A . n 
A 1 113 GLY 113 113 113 GLY GLY A . n 
A 1 114 VAL 114 114 114 VAL VAL A . n 
A 1 115 ALA 115 115 115 ALA ALA A . n 
A 1 116 THR 116 116 116 THR THR A . n 
A 1 117 CYS 117 117 117 CYS CYS A . n 
A 1 118 PHE 118 118 118 PHE PHE A . n 
A 1 119 LYS 119 119 119 LYS LYS A . n 
A 1 120 ALA 120 120 120 ALA ALA A . n 
A 1 121 GLU 121 121 121 GLU GLU A . n 
A 1 122 ILE 122 122 122 ILE ILE A . n 
A 1 123 HIS 123 123 123 HIS HIS A . n 
A 1 124 LYS 124 124 124 LYS LYS A . n 
A 1 125 LEU 125 125 125 LEU LEU A . n 
A 1 126 ASN 126 126 126 ASN ASN A . n 
A 1 127 TRP 127 127 127 TRP TRP A . n 
A 1 128 ALA 128 128 128 ALA ALA A . n 
A 1 129 PRO 129 129 129 PRO PRO A . n 
A 1 130 SER 130 130 130 SER SER A . n 
A 1 131 MET 131 131 131 MET MET A . n 
A 1 132 ASP 132 132 132 ASP ASP A . n 
# 
loop_
_pdbx_nonpoly_scheme.asym_id 
_pdbx_nonpoly_scheme.entity_id 
_pdbx_nonpoly_scheme.mon_id 
_pdbx_nonpoly_scheme.ndb_seq_num 
_pdbx_nonpoly_scheme.pdb_seq_num 
_pdbx_nonpoly_scheme.auth_seq_num 
_pdbx_nonpoly_scheme.pdb_mon_id 
_pdbx_nonpoly_scheme.auth_mon_id 
_pdbx_nonpoly_scheme.pdb_strand_id 
_pdbx_nonpoly_scheme.pdb_ins_code 
B 2 IHD 1  300 300 IHD IHD A . 
C 3 HOH 1  301 1   HOH HOH A . 
C 3 HOH 2  302 2   HOH HOH A . 
C 3 HOH 3  303 3   HOH HOH A . 
C 3 HOH 4  304 4   HOH HOH A . 
C 3 HOH 5  305 5   HOH HOH A . 
C 3 HOH 6  306 6   HOH HOH A . 
C 3 HOH 7  307 7   HOH HOH A . 
C 3 HOH 8  308 8   HOH HOH A . 
C 3 HOH 9  309 9   HOH HOH A . 
C 3 HOH 10 310 10  HOH HOH A . 
C 3 HOH 11 311 11  HOH HOH A . 
C 3 HOH 12 312 12  HOH HOH A . 
C 3 HOH 13 313 13  HOH HOH A . 
C 3 HOH 14 314 14  HOH HOH A . 
C 3 HOH 15 315 15  HOH HOH A . 
C 3 HOH 16 316 16  HOH HOH A . 
C 3 HOH 17 317 17  HOH HOH A . 
C 3 HOH 18 318 18  HOH HOH A . 
C 3 HOH 19 319 19  HOH HOH A . 
C 3 HOH 20 320 20  HOH HOH A . 
C 3 HOH 21 321 21  HOH HOH A . 
C 3 HOH 22 322 22  HOH HOH A . 
C 3 HOH 23 323 23  HOH HOH A . 
C 3 HOH 24 324 24  HOH HOH A . 
C 3 HOH 25 325 25  HOH HOH A . 
C 3 HOH 26 326 26  HOH HOH A . 
C 3 HOH 27 327 27  HOH HOH A . 
# 
loop_
_software.name 
_software.version 
_software.date 
_software.type 
_software.contact_author 
_software.contact_author_email 
_software.classification 
_software.location 
_software.language 
_software.citation_id 
_software.pdbx_ordinal 
DENZO       .       ?                package 'Zbyszek Otwinowski' zbyszek@mix.swmed.edu    'data reduction'  
http://www.lnls.br/infra/linhasluz/denzo-hkl.htm ?          ? 1 
SCALEPACK   .       ?                package 'Zbyszek Otwinowski' zbyszek@mix.swmed.edu    'data scaling'    
http://www.lnls.br/infra/linhasluz/denzo-hkl.htm ?          ? 2 
MOLREP      .       ?                other   'A. Vagin'           alexei@ysbl.york.ac.uk   phasing           
http://www.ccp4.ac.uk/dist/html/molrep.html      Fortran_77 ? 3 
REFMAC      .       ?                program 'Murshudov, G.N.'    ccp4@dl.ac.uk            refinement        
http://www.ccp4.ac.uk/main.html                  Fortran_77 ? 4 
PDB_EXTRACT 2.000   'April. 3, 2006' package PDB                  sw-help@rcsb.rutgers.edu 'data extraction' 
http://pdb.rutgers.edu/software/                 C++        ? 5 
ADSC        QUANTUM ?                ?       ?                    ?                        'data collection' ? ?          ? 6 
# 
_cell.length_a           83.790 
_cell.length_b           83.790 
_cell.length_c           34.880 
_cell.angle_alpha        90.000 
_cell.angle_beta         90.000 
_cell.angle_gamma        90.000 
_cell.entry_id           2P71 
_cell.Z_PDB              8 
_cell.pdbx_unique_axis   ? 
_cell.length_a_esd       ? 
_cell.length_b_esd       ? 
_cell.length_c_esd       ? 
_cell.angle_alpha_esd    ? 
_cell.angle_beta_esd     ? 
_cell.angle_gamma_esd    ? 
# 
_symmetry.space_group_name_H-M             'I 41' 
_symmetry.entry_id                         2P71 
_symmetry.pdbx_full_space_group_name_H-M   ? 
_symmetry.Int_Tables_number                80 
_symmetry.cell_setting                     ? 
_symmetry.space_group_name_Hall            ? 
# 
_exptl.crystals_number   1 
_exptl.entry_id          2P71 
_exptl.method            'X-RAY DIFFRACTION' 
# 
_exptl_crystal.id                    1 
_exptl_crystal.density_meas          ? 
_exptl_crystal.density_Matthews      2.05 
_exptl_crystal.density_percent_sol   40.03 
_exptl_crystal.description           ? 
_exptl_crystal.F_000                 ? 
_exptl_crystal.preparation           ? 
# 
_exptl_crystal_grow.crystal_id      1 
_exptl_crystal_grow.method          'VAPOR DIFFUSION, HANGING DROP' 
_exptl_crystal_grow.pH              8.0 
_exptl_crystal_grow.temp            295 
_exptl_crystal_grow.temp_details    ? 
_exptl_crystal_grow.pdbx_details    'PEG 4000, Tris, MgSO4, pH 8.0, VAPOR DIFFUSION, HANGING DROP, temperature 295K' 
_exptl_crystal_grow.pdbx_pH_range   . 
# 
_diffrn.id                     1 
_diffrn.ambient_temp           ? 
_diffrn.ambient_temp_details   ? 
_diffrn.crystal_id             1 
# 
_diffrn_radiation.diffrn_id                        1 
_diffrn_radiation.wavelength_id                    1 
_diffrn_radiation.pdbx_diffrn_protocol             'SINGLE WAVELENGTH' 
_diffrn_radiation.monochromator                    ? 
_diffrn_radiation.pdbx_monochromatic_or_laue_m_l   M 
_diffrn_radiation.pdbx_scattering_type             x-ray 
# 
_diffrn_radiation_wavelength.id           1 
_diffrn_radiation_wavelength.wavelength   0.95 
_diffrn_radiation_wavelength.wt           1.0 
# 
_diffrn_source.diffrn_id                   1 
_diffrn_source.source                      SYNCHROTRON 
_diffrn_source.type                        'CHESS BEAMLINE F1' 
_diffrn_source.pdbx_wavelength             ? 
_diffrn_source.pdbx_wavelength_list        0.95 
_diffrn_source.pdbx_synchrotron_site       CHESS 
_diffrn_source.pdbx_synchrotron_beamline   F1 
# 
_reflns.entry_id                     2P71 
_reflns.observed_criterion_sigma_F   2.0 
_reflns.observed_criterion_sigma_I   ? 
_reflns.d_resolution_high            2.006 
_reflns.d_resolution_low             59.760 
_reflns.number_all                   13400 
_reflns.number_obs                   11314 
_reflns.percent_possible_obs         92 
_reflns.pdbx_Rmerge_I_obs            ? 
_reflns.pdbx_Rsym_value              ? 
_reflns.pdbx_netI_over_sigmaI        ? 
_reflns.B_iso_Wilson_estimate        26 
_reflns.pdbx_redundancy              ? 
_reflns.R_free_details               ? 
_reflns.limit_h_max                  ? 
_reflns.limit_h_min                  ? 
_reflns.limit_k_max                  ? 
_reflns.limit_k_min                  ? 
_reflns.limit_l_max                  ? 
_reflns.limit_l_min                  ? 
_reflns.observed_criterion_F_max     ? 
_reflns.observed_criterion_F_min     ? 
_reflns.pdbx_chi_squared             ? 
_reflns.pdbx_scaling_rejects         ? 
_reflns.pdbx_diffrn_id               1 
_reflns.pdbx_ordinal                 1 
# 
_refine.entry_id                                 2P71 
_refine.ls_d_res_high                            2.006 
_refine.ls_d_res_low                             59.760 
_refine.pdbx_ls_sigma_F                          0.00 
_refine.ls_percent_reflns_obs                    97.210 
_refine.ls_number_reflns_obs                     8056 
_refine.pdbx_ls_cross_valid_method               THROUGHOUT 
_refine.pdbx_R_Free_selection_details            RANDOM 
_refine.details                                  'HYDROGENS HAVE BEEN ADDED IN THE RIDING POSITIONS' 
_refine.ls_R_factor_obs                          0.223 
_refine.ls_R_factor_R_work                       0.22 
_refine.ls_R_factor_R_free                       0.265 
_refine.ls_percent_reflns_R_free                 4.900 
_refine.ls_number_reflns_R_free                  392 
_refine.B_iso_mean                               29.882 
_refine.aniso_B[1][1]                            -0.680 
_refine.aniso_B[2][2]                            -0.680 
_refine.aniso_B[3][3]                            1.370 
_refine.aniso_B[1][2]                            0.000 
_refine.aniso_B[1][3]                            0.000 
_refine.aniso_B[2][3]                            0.000 
_refine.correlation_coeff_Fo_to_Fc               0.908 
_refine.correlation_coeff_Fo_to_Fc_free          0.889 
_refine.pdbx_overall_ESU_R                       0.258 
_refine.pdbx_overall_ESU_R_Free                  0.205 
_refine.overall_SU_ML                            0.135 
_refine.overall_SU_B                             4.656 
_refine.solvent_model_details                    'BABINET MODEL WITH MASK' 
_refine.pdbx_solvent_vdw_probe_radii             1.400 
_refine.pdbx_solvent_ion_probe_radii             0.800 
_refine.pdbx_solvent_shrinkage_radii             0.800 
_refine.pdbx_stereochemistry_target_values       'MAXIMUM LIKELIHOOD' 
_refine.pdbx_ls_sigma_I                          ? 
_refine.ls_number_reflns_all                     ? 
_refine.ls_R_factor_all                          0.223 
_refine.ls_redundancy_reflns_obs                 ? 
_refine.pdbx_data_cutoff_high_absF               ? 
_refine.pdbx_data_cutoff_low_absF                ? 
_refine.ls_number_parameters                     ? 
_refine.ls_number_restraints                     ? 
_refine.ls_R_factor_R_free_error                 ? 
_refine.ls_R_factor_R_free_error_details         ? 
_refine.pdbx_method_to_determine_struct          'MOLECULAR REPLACEMENT' 
_refine.pdbx_starting_model                      1DQE 
_refine.pdbx_stereochem_target_val_spec_case     ? 
_refine.solvent_model_param_bsol                 ? 
_refine.solvent_model_param_ksol                 ? 
_refine.occupancy_max                            ? 
_refine.occupancy_min                            ? 
_refine.pdbx_isotropic_thermal_model             ? 
_refine.B_iso_min                                ? 
_refine.B_iso_max                                ? 
_refine.overall_SU_R_Cruickshank_DPI             ? 
_refine.overall_SU_R_free                        ? 
_refine.pdbx_data_cutoff_high_rms_absF           ? 
_refine.ls_wR_factor_R_free                      ? 
_refine.ls_wR_factor_R_work                      ? 
_refine.overall_FOM_free_R_set                   ? 
_refine.overall_FOM_work_R_set                   ? 
_refine.pdbx_refine_id                           'X-RAY DIFFRACTION' 
_refine.pdbx_overall_phase_error                 ? 
_refine.pdbx_diffrn_id                           1 
_refine.pdbx_TLS_residual_ADP_flag               ? 
_refine.pdbx_overall_SU_R_free_Cruickshank_DPI   ? 
_refine.pdbx_overall_SU_R_Blow_DPI               ? 
_refine.pdbx_overall_SU_R_free_Blow_DPI          ? 
# 
_refine_hist.pdbx_refine_id                   'X-RAY DIFFRACTION' 
_refine_hist.cycle_id                         LAST 
_refine_hist.pdbx_number_atoms_protein        1038 
_refine_hist.pdbx_number_atoms_nucleic_acid   0 
_refine_hist.pdbx_number_atoms_ligand         17 
_refine_hist.number_atoms_solvent             27 
_refine_hist.number_atoms_total               1082 
_refine_hist.d_res_high                       2.006 
_refine_hist.d_res_low                        59.760 
# 
loop_
_refine_ls_restr.type 
_refine_ls_restr.number 
_refine_ls_restr.dev_ideal 
_refine_ls_restr.dev_ideal_target 
_refine_ls_restr.weight 
_refine_ls_restr.pdbx_refine_id 
_refine_ls_restr.pdbx_restraint_function 
r_bond_refined_d         1077 0.038 0.021 ? 'X-RAY DIFFRACTION' ? 
r_bond_other_d           942  0.003 0.020 ? 'X-RAY DIFFRACTION' ? 
r_angle_refined_deg      1444 2.815 1.954 ? 'X-RAY DIFFRACTION' ? 
r_angle_other_deg        2229 1.334 3.000 ? 'X-RAY DIFFRACTION' ? 
r_dihedral_angle_1_deg   131  8.943 5.000 ? 'X-RAY DIFFRACTION' ? 
r_chiral_restr           153  0.181 0.200 ? 'X-RAY DIFFRACTION' ? 
r_gen_planes_refined     1176 0.021 0.020 ? 'X-RAY DIFFRACTION' ? 
r_gen_planes_other       190  0.032 0.020 ? 'X-RAY DIFFRACTION' ? 
r_nbd_refined            290  0.293 0.200 ? 'X-RAY DIFFRACTION' ? 
r_nbd_other              1041 0.256 0.200 ? 'X-RAY DIFFRACTION' ? 
r_nbtor_other            617  0.105 0.200 ? 'X-RAY DIFFRACTION' ? 
r_xyhbond_nbd_refined    29   0.208 0.200 ? 'X-RAY DIFFRACTION' ? 
r_symmetry_vdw_refined   8    0.187 0.200 ? 'X-RAY DIFFRACTION' ? 
r_symmetry_vdw_other     31   0.320 0.200 ? 'X-RAY DIFFRACTION' ? 
r_symmetry_hbond_refined 3    0.129 0.200 ? 'X-RAY DIFFRACTION' ? 
r_mcbond_it              655  1.863 1.500 ? 'X-RAY DIFFRACTION' ? 
r_mcangle_it             1046 3.109 2.000 ? 'X-RAY DIFFRACTION' ? 
r_scbond_it              422  4.331 3.000 ? 'X-RAY DIFFRACTION' ? 
r_scangle_it             398  6.228 4.500 ? 'X-RAY DIFFRACTION' ? 
# 
_refine_ls_shell.d_res_high                       2.006 
_refine_ls_shell.d_res_low                        2.058 
_refine_ls_shell.pdbx_total_number_of_bins_used   20 
_refine_ls_shell.percent_reflns_obs               ? 
_refine_ls_shell.number_reflns_R_work             583 
_refine_ls_shell.R_factor_all                     ? 
_refine_ls_shell.R_factor_R_work                  0.197 
_refine_ls_shell.R_factor_R_free                  0.365 
_refine_ls_shell.percent_reflns_R_free            ? 
_refine_ls_shell.number_reflns_R_free             27 
_refine_ls_shell.R_factor_R_free_error            ? 
_refine_ls_shell.number_reflns_all                ? 
_refine_ls_shell.number_reflns_obs                610 
_refine_ls_shell.redundancy_reflns_obs            ? 
_refine_ls_shell.pdbx_refine_id                   'X-RAY DIFFRACTION' 
# 
_struct.entry_id                  2P71 
_struct.title                     'Bombyx mori pheromone binding protein bound to iodohexadecane' 
_struct.pdbx_model_details        ? 
_struct.pdbx_CASP_flag            N 
_struct.pdbx_model_type_details   ? 
# 
_struct_keywords.entry_id        2P71 
_struct_keywords.pdbx_keywords   ATTRACTANT 
_struct_keywords.text            'alpha-helical, binding pocket, liganded, ATTRACTANT' 
# 
loop_
_struct_asym.id 
_struct_asym.pdbx_blank_PDB_chainid_flag 
_struct_asym.pdbx_modified 
_struct_asym.entity_id 
_struct_asym.details 
A N N 1 ? 
B N N 2 ? 
C N N 3 ? 
# 
_struct_ref.id                         1 
_struct_ref.entity_id                  1 
_struct_ref.db_name                    UNP 
_struct_ref.db_code                    PBP_BOMMO 
_struct_ref.pdbx_db_accession          P34174 
_struct_ref.pdbx_align_begin           23 
_struct_ref.pdbx_seq_one_letter_code   
;SQEVMKNLSLNFGKALDECKKEMTLTDAINEDFYNFWKEGYEIKNRETGCAIMCLSTKLNMLDPEGNLHHGNAMEFAKKH
GADETMAQQLIDIVHGCEKSTPANDDKCIWTLGVATCFKAEIHKLNWAPSMD
;
_struct_ref.pdbx_db_isoform            ? 
# 
_struct_ref_seq.align_id                      1 
_struct_ref_seq.ref_id                        1 
_struct_ref_seq.pdbx_PDB_id_code              2P71 
_struct_ref_seq.pdbx_strand_id                A 
_struct_ref_seq.seq_align_beg                 1 
_struct_ref_seq.pdbx_seq_align_beg_ins_code   ? 
_struct_ref_seq.seq_align_end                 132 
_struct_ref_seq.pdbx_seq_align_end_ins_code   ? 
_struct_ref_seq.pdbx_db_accession             P34174 
_struct_ref_seq.db_align_beg                  23 
_struct_ref_seq.pdbx_db_align_beg_ins_code    ? 
_struct_ref_seq.db_align_end                  154 
_struct_ref_seq.pdbx_db_align_end_ins_code    ? 
_struct_ref_seq.pdbx_auth_seq_align_beg       1 
_struct_ref_seq.pdbx_auth_seq_align_end       132 
# 
_pdbx_struct_assembly.id                   1 
_pdbx_struct_assembly.details              author_defined_assembly 
_pdbx_struct_assembly.method_details       ? 
_pdbx_struct_assembly.oligomeric_details   monomeric 
_pdbx_struct_assembly.oligomeric_count     1 
# 
_pdbx_struct_assembly_gen.assembly_id       1 
_pdbx_struct_assembly_gen.oper_expression   1 
_pdbx_struct_assembly_gen.asym_id_list      A,B,C 
# 
_pdbx_struct_oper_list.id                   1 
_pdbx_struct_oper_list.type                 'identity operation' 
_pdbx_struct_oper_list.name                 1_555 
_pdbx_struct_oper_list.symmetry_operation   x,y,z 
_pdbx_struct_oper_list.matrix[1][1]         1.0000000000 
_pdbx_struct_oper_list.matrix[1][2]         0.0000000000 
_pdbx_struct_oper_list.matrix[1][3]         0.0000000000 
_pdbx_struct_oper_list.vector[1]            0.0000000000 
_pdbx_struct_oper_list.matrix[2][1]         0.0000000000 
_pdbx_struct_oper_list.matrix[2][2]         1.0000000000 
_pdbx_struct_oper_list.matrix[2][3]         0.0000000000 
_pdbx_struct_oper_list.vector[2]            0.0000000000 
_pdbx_struct_oper_list.matrix[3][1]         0.0000000000 
_pdbx_struct_oper_list.matrix[3][2]         0.0000000000 
_pdbx_struct_oper_list.matrix[3][3]         1.0000000000 
_pdbx_struct_oper_list.vector[3]            0.0000000000 
# 
_struct_biol.id   1 
# 
loop_
_struct_conf.conf_type_id 
_struct_conf.id 
_struct_conf.pdbx_PDB_helix_id 
_struct_conf.beg_label_comp_id 
_struct_conf.beg_label_asym_id 
_struct_conf.beg_label_seq_id 
_struct_conf.pdbx_beg_PDB_ins_code 
_struct_conf.end_label_comp_id 
_struct_conf.end_label_asym_id 
_struct_conf.end_label_seq_id 
_struct_conf.pdbx_end_PDB_ins_code 
_struct_conf.beg_auth_comp_id 
_struct_conf.beg_auth_asym_id 
_struct_conf.beg_auth_seq_id 
_struct_conf.end_auth_comp_id 
_struct_conf.end_auth_asym_id 
_struct_conf.end_auth_seq_id 
_struct_conf.pdbx_PDB_helix_class 
_struct_conf.details 
_struct_conf.pdbx_PDB_helix_length 
HELX_P HELX_P1 1 SER A 1   ? GLY A 13  ? SER A 1   GLY A 13  1 ? 13 
HELX_P HELX_P2 2 ALA A 15  ? LYS A 20  ? ALA A 15  LYS A 20  1 ? 6  
HELX_P HELX_P3 3 THR A 26  ? PHE A 36  ? THR A 26  PHE A 36  1 ? 11 
HELX_P HELX_P4 4 ASN A 45  ? LEU A 59  ? ASN A 45  LEU A 59  1 ? 15 
HELX_P HELX_P5 5 HIS A 69  ? HIS A 80  ? HIS A 69  HIS A 80  1 ? 12 
HELX_P HELX_P6 6 ASP A 83  ? THR A 101 ? ASP A 83  THR A 101 1 ? 19 
HELX_P HELX_P7 7 ASP A 106 ? LEU A 125 ? ASP A 106 LEU A 125 1 ? 20 
# 
_struct_conf_type.id          HELX_P 
_struct_conf_type.criteria    ? 
_struct_conf_type.reference   ? 
# 
loop_
_struct_conn.id 
_struct_conn.conn_type_id 
_struct_conn.pdbx_leaving_atom_flag 
_struct_conn.pdbx_PDB_id 
_struct_conn.ptnr1_label_asym_id 
_struct_conn.ptnr1_label_comp_id 
_struct_conn.ptnr1_label_seq_id 
_struct_conn.ptnr1_label_atom_id 
_struct_conn.pdbx_ptnr1_label_alt_id 
_struct_conn.pdbx_ptnr1_PDB_ins_code 
_struct_conn.pdbx_ptnr1_standard_comp_id 
_struct_conn.ptnr1_symmetry 
_struct_conn.ptnr2_label_asym_id 
_struct_conn.ptnr2_label_comp_id 
_struct_conn.ptnr2_label_seq_id 
_struct_conn.ptnr2_label_atom_id 
_struct_conn.pdbx_ptnr2_label_alt_id 
_struct_conn.pdbx_ptnr2_PDB_ins_code 
_struct_conn.ptnr1_auth_asym_id 
_struct_conn.ptnr1_auth_comp_id 
_struct_conn.ptnr1_auth_seq_id 
_struct_conn.ptnr2_auth_asym_id 
_struct_conn.ptnr2_auth_comp_id 
_struct_conn.ptnr2_auth_seq_id 
_struct_conn.ptnr2_symmetry 
_struct_conn.pdbx_ptnr3_label_atom_id 
_struct_conn.pdbx_ptnr3_label_seq_id 
_struct_conn.pdbx_ptnr3_label_comp_id 
_struct_conn.pdbx_ptnr3_label_asym_id 
_struct_conn.pdbx_ptnr3_label_alt_id 
_struct_conn.pdbx_ptnr3_PDB_ins_code 
_struct_conn.details 
_struct_conn.pdbx_dist_value 
_struct_conn.pdbx_value_order 
_struct_conn.pdbx_role 
disulf1 disulf ? ? A CYS 19 SG ? ? ? 1_555 A CYS 54  SG ? ? A CYS 19 A CYS 54  1_555 ? ? ? ? ? ? ? 2.140 ? ? 
disulf2 disulf ? ? A CYS 50 SG ? ? ? 1_555 A CYS 108 SG ? ? A CYS 50 A CYS 108 1_555 ? ? ? ? ? ? ? 2.001 ? ? 
disulf3 disulf ? ? A CYS 97 SG ? ? ? 1_555 A CYS 117 SG ? ? A CYS 97 A CYS 117 1_555 ? ? ? ? ? ? ? 2.119 ? ? 
# 
_struct_conn_type.id          disulf 
_struct_conn_type.criteria    ? 
_struct_conn_type.reference   ? 
# 
loop_
_pdbx_modification_feature.ordinal 
_pdbx_modification_feature.label_comp_id 
_pdbx_modification_feature.label_asym_id 
_pdbx_modification_feature.label_seq_id 
_pdbx_modification_feature.label_alt_id 
_pdbx_modification_feature.modified_residue_label_comp_id 
_pdbx_modification_feature.modified_residue_label_asym_id 
_pdbx_modification_feature.modified_residue_label_seq_id 
_pdbx_modification_feature.modified_residue_label_alt_id 
_pdbx_modification_feature.auth_comp_id 
_pdbx_modification_feature.auth_asym_id 
_pdbx_modification_feature.auth_seq_id 
_pdbx_modification_feature.PDB_ins_code 
_pdbx_modification_feature.symmetry 
_pdbx_modification_feature.modified_residue_auth_comp_id 
_pdbx_modification_feature.modified_residue_auth_asym_id 
_pdbx_modification_feature.modified_residue_auth_seq_id 
_pdbx_modification_feature.modified_residue_PDB_ins_code 
_pdbx_modification_feature.modified_residue_symmetry 
_pdbx_modification_feature.comp_id_linking_atom 
_pdbx_modification_feature.modified_residue_id_linking_atom 
_pdbx_modification_feature.modified_residue_id 
_pdbx_modification_feature.ref_pcm_id 
_pdbx_modification_feature.ref_comp_id 
_pdbx_modification_feature.type 
_pdbx_modification_feature.category 
1 CYS A 19 ? CYS A 54  ? CYS A 19 ? 1_555 CYS A 54  ? 1_555 SG SG . . . None 'Disulfide bridge' 
2 CYS A 50 ? CYS A 108 ? CYS A 50 ? 1_555 CYS A 108 ? 1_555 SG SG . . . None 'Disulfide bridge' 
3 CYS A 97 ? CYS A 117 ? CYS A 97 ? 1_555 CYS A 117 ? 1_555 SG SG . . . None 'Disulfide bridge' 
# 
_struct_site.id                   AC1 
_struct_site.pdbx_evidence_code   Software 
_struct_site.pdbx_auth_asym_id    A 
_struct_site.pdbx_auth_comp_id    IHD 
_struct_site.pdbx_auth_seq_id     300 
_struct_site.pdbx_auth_ins_code   ? 
_struct_site.pdbx_num_residues    5 
_struct_site.details              'BINDING SITE FOR RESIDUE IHD A 300' 
# 
loop_
_struct_site_gen.id 
_struct_site_gen.site_id 
_struct_site_gen.pdbx_num_res 
_struct_site_gen.label_comp_id 
_struct_site_gen.label_asym_id 
_struct_site_gen.label_seq_id 
_struct_site_gen.pdbx_auth_ins_code 
_struct_site_gen.auth_comp_id 
_struct_site_gen.auth_asym_id 
_struct_site_gen.auth_seq_id 
_struct_site_gen.label_atom_id 
_struct_site_gen.label_alt_id 
_struct_site_gen.symmetry 
_struct_site_gen.details 
1 AC1 5 PHE A 12  ? PHE A 12  . ? 1_555 ? 
2 AC1 5 SER A 56  ? SER A 56  . ? 1_555 ? 
3 AC1 5 LEU A 68  ? LEU A 68  . ? 1_555 ? 
4 AC1 5 PHE A 76  ? PHE A 76  . ? 1_555 ? 
5 AC1 5 VAL A 114 ? VAL A 114 . ? 1_555 ? 
# 
_pdbx_entry_details.entry_id                   2P71 
_pdbx_entry_details.compound_details           ? 
_pdbx_entry_details.source_details             ? 
_pdbx_entry_details.nonpolymer_details         ? 
_pdbx_entry_details.sequence_details           ? 
_pdbx_entry_details.has_ligand_of_interest     ? 
_pdbx_entry_details.has_protein_modification   Y 
# 
loop_
_pdbx_validate_close_contact.id 
_pdbx_validate_close_contact.PDB_model_num 
_pdbx_validate_close_contact.auth_atom_id_1 
_pdbx_validate_close_contact.auth_asym_id_1 
_pdbx_validate_close_contact.auth_comp_id_1 
_pdbx_validate_close_contact.auth_seq_id_1 
_pdbx_validate_close_contact.PDB_ins_code_1 
_pdbx_validate_close_contact.label_alt_id_1 
_pdbx_validate_close_contact.auth_atom_id_2 
_pdbx_validate_close_contact.auth_asym_id_2 
_pdbx_validate_close_contact.auth_comp_id_2 
_pdbx_validate_close_contact.auth_seq_id_2 
_pdbx_validate_close_contact.PDB_ins_code_2 
_pdbx_validate_close_contact.label_alt_id_2 
_pdbx_validate_close_contact.dist 
1 1 O   A GLU 18 ? ? OE2 A GLU 22  ? ? 2.08 
2 1 OD2 A ASP 27 ? ? O   A HOH 310 ? ? 2.10 
# 
loop_
_pdbx_validate_rmsd_bond.id 
_pdbx_validate_rmsd_bond.PDB_model_num 
_pdbx_validate_rmsd_bond.auth_atom_id_1 
_pdbx_validate_rmsd_bond.auth_asym_id_1 
_pdbx_validate_rmsd_bond.auth_comp_id_1 
_pdbx_validate_rmsd_bond.auth_seq_id_1 
_pdbx_validate_rmsd_bond.PDB_ins_code_1 
_pdbx_validate_rmsd_bond.label_alt_id_1 
_pdbx_validate_rmsd_bond.auth_atom_id_2 
_pdbx_validate_rmsd_bond.auth_asym_id_2 
_pdbx_validate_rmsd_bond.auth_comp_id_2 
_pdbx_validate_rmsd_bond.auth_seq_id_2 
_pdbx_validate_rmsd_bond.PDB_ins_code_2 
_pdbx_validate_rmsd_bond.label_alt_id_2 
_pdbx_validate_rmsd_bond.bond_value 
_pdbx_validate_rmsd_bond.bond_target_value 
_pdbx_validate_rmsd_bond.bond_deviation 
_pdbx_validate_rmsd_bond.bond_standard_deviation 
_pdbx_validate_rmsd_bond.linker_flag 
1 1 CE1 A PHE 33  ? ? CZ  A PHE 33  ? ? 1.250 1.369 -0.119 0.019 N 
2 1 CD1 A TYR 34  ? ? CE1 A TYR 34  ? ? 1.488 1.389 0.099  0.015 N 
3 1 CE2 A TYR 34  ? ? CD2 A TYR 34  ? ? 1.522 1.389 0.133  0.015 N 
4 1 CE  A LYS 58  ? ? NZ  A LYS 58  ? ? 1.637 1.486 0.151  0.025 N 
5 1 CD  A LYS 119 ? ? CE  A LYS 119 ? ? 1.662 1.508 0.154  0.025 N 
# 
loop_
_pdbx_validate_rmsd_angle.id 
_pdbx_validate_rmsd_angle.PDB_model_num 
_pdbx_validate_rmsd_angle.auth_atom_id_1 
_pdbx_validate_rmsd_angle.auth_asym_id_1 
_pdbx_validate_rmsd_angle.auth_comp_id_1 
_pdbx_validate_rmsd_angle.auth_seq_id_1 
_pdbx_validate_rmsd_angle.PDB_ins_code_1 
_pdbx_validate_rmsd_angle.label_alt_id_1 
_pdbx_validate_rmsd_angle.auth_atom_id_2 
_pdbx_validate_rmsd_angle.auth_asym_id_2 
_pdbx_validate_rmsd_angle.auth_comp_id_2 
_pdbx_validate_rmsd_angle.auth_seq_id_2 
_pdbx_validate_rmsd_angle.PDB_ins_code_2 
_pdbx_validate_rmsd_angle.label_alt_id_2 
_pdbx_validate_rmsd_angle.auth_atom_id_3 
_pdbx_validate_rmsd_angle.auth_asym_id_3 
_pdbx_validate_rmsd_angle.auth_comp_id_3 
_pdbx_validate_rmsd_angle.auth_seq_id_3 
_pdbx_validate_rmsd_angle.PDB_ins_code_3 
_pdbx_validate_rmsd_angle.label_alt_id_3 
_pdbx_validate_rmsd_angle.angle_value 
_pdbx_validate_rmsd_angle.angle_target_value 
_pdbx_validate_rmsd_angle.angle_deviation 
_pdbx_validate_rmsd_angle.angle_standard_deviation 
_pdbx_validate_rmsd_angle.linker_flag 
1 1 CB A ASP 17 ? ? CG A ASP 17 ? ? OD2 A ASP 17 ? ? 125.81 118.30 7.51  0.90 N 
2 1 NE A ARG 46 ? ? CZ A ARG 46 ? ? NH2 A ARG 46 ? ? 117.05 120.30 -3.25 0.50 N 
3 1 CB A ASP 63 ? ? CG A ASP 63 ? ? OD1 A ASP 63 ? ? 124.53 118.30 6.23  0.90 N 
# 
loop_
_pdbx_validate_torsion.id 
_pdbx_validate_torsion.PDB_model_num 
_pdbx_validate_torsion.auth_comp_id 
_pdbx_validate_torsion.auth_asym_id 
_pdbx_validate_torsion.auth_seq_id 
_pdbx_validate_torsion.PDB_ins_code 
_pdbx_validate_torsion.label_alt_id 
_pdbx_validate_torsion.phi 
_pdbx_validate_torsion.psi 
1  1 ALA A 15 ? ? -68.53  6.00    
2  1 ASP A 17 ? ? -28.25  -171.26 
3  1 GLU A 18 ? ? 48.57   -79.12  
4  1 CYS A 19 ? ? -30.93  -28.12  
5  1 LYS A 21 ? ? -93.59  48.94   
6  1 GLU A 22 ? ? -170.24 -23.40  
7  1 MET A 23 ? ? -130.64 -33.01  
8  1 THR A 24 ? ? 69.25   107.35  
9  1 PRO A 64 ? ? -54.19  93.53   
10 1 GLU A 65 ? ? 118.33  -160.67 
# 
loop_
_pdbx_validate_peptide_omega.id 
_pdbx_validate_peptide_omega.PDB_model_num 
_pdbx_validate_peptide_omega.auth_comp_id_1 
_pdbx_validate_peptide_omega.auth_asym_id_1 
_pdbx_validate_peptide_omega.auth_seq_id_1 
_pdbx_validate_peptide_omega.PDB_ins_code_1 
_pdbx_validate_peptide_omega.label_alt_id_1 
_pdbx_validate_peptide_omega.auth_comp_id_2 
_pdbx_validate_peptide_omega.auth_asym_id_2 
_pdbx_validate_peptide_omega.auth_seq_id_2 
_pdbx_validate_peptide_omega.PDB_ins_code_2 
_pdbx_validate_peptide_omega.label_alt_id_2 
_pdbx_validate_peptide_omega.omega 
1 1 LEU A 16 ? ? ASP A 17 ? ? 138.17  
2 1 PRO A 64 ? ? GLU A 65 ? ? -148.00 
# 
loop_
_chem_comp_atom.comp_id 
_chem_comp_atom.atom_id 
_chem_comp_atom.type_symbol 
_chem_comp_atom.pdbx_aromatic_flag 
_chem_comp_atom.pdbx_stereo_config 
_chem_comp_atom.pdbx_ordinal 
ALA N    N N N 1   
ALA CA   C N S 2   
ALA C    C N N 3   
ALA O    O N N 4   
ALA CB   C N N 5   
ALA OXT  O N N 6   
ALA H    H N N 7   
ALA H2   H N N 8   
ALA HA   H N N 9   
ALA HB1  H N N 10  
ALA HB2  H N N 11  
ALA HB3  H N N 12  
ALA HXT  H N N 13  
ARG N    N N N 14  
ARG CA   C N S 15  
ARG C    C N N 16  
ARG O    O N N 17  
ARG CB   C N N 18  
ARG CG   C N N 19  
ARG CD   C N N 20  
ARG NE   N N N 21  
ARG CZ   C N N 22  
ARG NH1  N N N 23  
ARG NH2  N N N 24  
ARG OXT  O N N 25  
ARG H    H N N 26  
ARG H2   H N N 27  
ARG HA   H N N 28  
ARG HB2  H N N 29  
ARG HB3  H N N 30  
ARG HG2  H N N 31  
ARG HG3  H N N 32  
ARG HD2  H N N 33  
ARG HD3  H N N 34  
ARG HE   H N N 35  
ARG HH11 H N N 36  
ARG HH12 H N N 37  
ARG HH21 H N N 38  
ARG HH22 H N N 39  
ARG HXT  H N N 40  
ASN N    N N N 41  
ASN CA   C N S 42  
ASN C    C N N 43  
ASN O    O N N 44  
ASN CB   C N N 45  
ASN CG   C N N 46  
ASN OD1  O N N 47  
ASN ND2  N N N 48  
ASN OXT  O N N 49  
ASN H    H N N 50  
ASN H2   H N N 51  
ASN HA   H N N 52  
ASN HB2  H N N 53  
ASN HB3  H N N 54  
ASN HD21 H N N 55  
ASN HD22 H N N 56  
ASN HXT  H N N 57  
ASP N    N N N 58  
ASP CA   C N S 59  
ASP C    C N N 60  
ASP O    O N N 61  
ASP CB   C N N 62  
ASP CG   C N N 63  
ASP OD1  O N N 64  
ASP OD2  O N N 65  
ASP OXT  O N N 66  
ASP H    H N N 67  
ASP H2   H N N 68  
ASP HA   H N N 69  
ASP HB2  H N N 70  
ASP HB3  H N N 71  
ASP HD2  H N N 72  
ASP HXT  H N N 73  
CYS N    N N N 74  
CYS CA   C N R 75  
CYS C    C N N 76  
CYS O    O N N 77  
CYS CB   C N N 78  
CYS SG   S N N 79  
CYS OXT  O N N 80  
CYS H    H N N 81  
CYS H2   H N N 82  
CYS HA   H N N 83  
CYS HB2  H N N 84  
CYS HB3  H N N 85  
CYS HG   H N N 86  
CYS HXT  H N N 87  
GLN N    N N N 88  
GLN CA   C N S 89  
GLN C    C N N 90  
GLN O    O N N 91  
GLN CB   C N N 92  
GLN CG   C N N 93  
GLN CD   C N N 94  
GLN OE1  O N N 95  
GLN NE2  N N N 96  
GLN OXT  O N N 97  
GLN H    H N N 98  
GLN H2   H N N 99  
GLN HA   H N N 100 
GLN HB2  H N N 101 
GLN HB3  H N N 102 
GLN HG2  H N N 103 
GLN HG3  H N N 104 
GLN HE21 H N N 105 
GLN HE22 H N N 106 
GLN HXT  H N N 107 
GLU N    N N N 108 
GLU CA   C N S 109 
GLU C    C N N 110 
GLU O    O N N 111 
GLU CB   C N N 112 
GLU CG   C N N 113 
GLU CD   C N N 114 
GLU OE1  O N N 115 
GLU OE2  O N N 116 
GLU OXT  O N N 117 
GLU H    H N N 118 
GLU H2   H N N 119 
GLU HA   H N N 120 
GLU HB2  H N N 121 
GLU HB3  H N N 122 
GLU HG2  H N N 123 
GLU HG3  H N N 124 
GLU HE2  H N N 125 
GLU HXT  H N N 126 
GLY N    N N N 127 
GLY CA   C N N 128 
GLY C    C N N 129 
GLY O    O N N 130 
GLY OXT  O N N 131 
GLY H    H N N 132 
GLY H2   H N N 133 
GLY HA2  H N N 134 
GLY HA3  H N N 135 
GLY HXT  H N N 136 
HIS N    N N N 137 
HIS CA   C N S 138 
HIS C    C N N 139 
HIS O    O N N 140 
HIS CB   C N N 141 
HIS CG   C Y N 142 
HIS ND1  N Y N 143 
HIS CD2  C Y N 144 
HIS CE1  C Y N 145 
HIS NE2  N Y N 146 
HIS OXT  O N N 147 
HIS H    H N N 148 
HIS H2   H N N 149 
HIS HA   H N N 150 
HIS HB2  H N N 151 
HIS HB3  H N N 152 
HIS HD1  H N N 153 
HIS HD2  H N N 154 
HIS HE1  H N N 155 
HIS HE2  H N N 156 
HIS HXT  H N N 157 
HOH O    O N N 158 
HOH H1   H N N 159 
HOH H2   H N N 160 
IHD C17  C N N 161 
IHD C16  C N N 162 
IHD C15  C N N 163 
IHD C14  C N N 164 
IHD C13  C N N 165 
IHD C12  C N N 166 
IHD C11  C N N 167 
IHD C10  C N N 168 
IHD C9   C N N 169 
IHD C8   C N N 170 
IHD C7   C N N 171 
IHD C6   C N N 172 
IHD C5   C N N 173 
IHD C4   C N N 174 
IHD C3   C N N 175 
IHD C2   C N N 176 
IHD I1   I N N 177 
IHD H171 H N N 178 
IHD H172 H N N 179 
IHD H173 H N N 180 
IHD H161 H N N 181 
IHD H162 H N N 182 
IHD H151 H N N 183 
IHD H152 H N N 184 
IHD H141 H N N 185 
IHD H142 H N N 186 
IHD H131 H N N 187 
IHD H132 H N N 188 
IHD H121 H N N 189 
IHD H122 H N N 190 
IHD H111 H N N 191 
IHD H112 H N N 192 
IHD H101 H N N 193 
IHD H102 H N N 194 
IHD H91  H N N 195 
IHD H92  H N N 196 
IHD H81  H N N 197 
IHD H82  H N N 198 
IHD H71  H N N 199 
IHD H72  H N N 200 
IHD H61  H N N 201 
IHD H62  H N N 202 
IHD H51  H N N 203 
IHD H52  H N N 204 
IHD H41  H N N 205 
IHD H42  H N N 206 
IHD H31  H N N 207 
IHD H32  H N N 208 
IHD H21  H N N 209 
IHD H22  H N N 210 
ILE N    N N N 211 
ILE CA   C N S 212 
ILE C    C N N 213 
ILE O    O N N 214 
ILE CB   C N S 215 
ILE CG1  C N N 216 
ILE CG2  C N N 217 
ILE CD1  C N N 218 
ILE OXT  O N N 219 
ILE H    H N N 220 
ILE H2   H N N 221 
ILE HA   H N N 222 
ILE HB   H N N 223 
ILE HG12 H N N 224 
ILE HG13 H N N 225 
ILE HG21 H N N 226 
ILE HG22 H N N 227 
ILE HG23 H N N 228 
ILE HD11 H N N 229 
ILE HD12 H N N 230 
ILE HD13 H N N 231 
ILE HXT  H N N 232 
LEU N    N N N 233 
LEU CA   C N S 234 
LEU C    C N N 235 
LEU O    O N N 236 
LEU CB   C N N 237 
LEU CG   C N N 238 
LEU CD1  C N N 239 
LEU CD2  C N N 240 
LEU OXT  O N N 241 
LEU H    H N N 242 
LEU H2   H N N 243 
LEU HA   H N N 244 
LEU HB2  H N N 245 
LEU HB3  H N N 246 
LEU HG   H N N 247 
LEU HD11 H N N 248 
LEU HD12 H N N 249 
LEU HD13 H N N 250 
LEU HD21 H N N 251 
LEU HD22 H N N 252 
LEU HD23 H N N 253 
LEU HXT  H N N 254 
LYS N    N N N 255 
LYS CA   C N S 256 
LYS C    C N N 257 
LYS O    O N N 258 
LYS CB   C N N 259 
LYS CG   C N N 260 
LYS CD   C N N 261 
LYS CE   C N N 262 
LYS NZ   N N N 263 
LYS OXT  O N N 264 
LYS H    H N N 265 
LYS H2   H N N 266 
LYS HA   H N N 267 
LYS HB2  H N N 268 
LYS HB3  H N N 269 
LYS HG2  H N N 270 
LYS HG3  H N N 271 
LYS HD2  H N N 272 
LYS HD3  H N N 273 
LYS HE2  H N N 274 
LYS HE3  H N N 275 
LYS HZ1  H N N 276 
LYS HZ2  H N N 277 
LYS HZ3  H N N 278 
LYS HXT  H N N 279 
MET N    N N N 280 
MET CA   C N S 281 
MET C    C N N 282 
MET O    O N N 283 
MET CB   C N N 284 
MET CG   C N N 285 
MET SD   S N N 286 
MET CE   C N N 287 
MET OXT  O N N 288 
MET H    H N N 289 
MET H2   H N N 290 
MET HA   H N N 291 
MET HB2  H N N 292 
MET HB3  H N N 293 
MET HG2  H N N 294 
MET HG3  H N N 295 
MET HE1  H N N 296 
MET HE2  H N N 297 
MET HE3  H N N 298 
MET HXT  H N N 299 
PHE N    N N N 300 
PHE CA   C N S 301 
PHE C    C N N 302 
PHE O    O N N 303 
PHE CB   C N N 304 
PHE CG   C Y N 305 
PHE CD1  C Y N 306 
PHE CD2  C Y N 307 
PHE CE1  C Y N 308 
PHE CE2  C Y N 309 
PHE CZ   C Y N 310 
PHE OXT  O N N 311 
PHE H    H N N 312 
PHE H2   H N N 313 
PHE HA   H N N 314 
PHE HB2  H N N 315 
PHE HB3  H N N 316 
PHE HD1  H N N 317 
PHE HD2  H N N 318 
PHE HE1  H N N 319 
PHE HE2  H N N 320 
PHE HZ   H N N 321 
PHE HXT  H N N 322 
PRO N    N N N 323 
PRO CA   C N S 324 
PRO C    C N N 325 
PRO O    O N N 326 
PRO CB   C N N 327 
PRO CG   C N N 328 
PRO CD   C N N 329 
PRO OXT  O N N 330 
PRO H    H N N 331 
PRO HA   H N N 332 
PRO HB2  H N N 333 
PRO HB3  H N N 334 
PRO HG2  H N N 335 
PRO HG3  H N N 336 
PRO HD2  H N N 337 
PRO HD3  H N N 338 
PRO HXT  H N N 339 
SER N    N N N 340 
SER CA   C N S 341 
SER C    C N N 342 
SER O    O N N 343 
SER CB   C N N 344 
SER OG   O N N 345 
SER OXT  O N N 346 
SER H    H N N 347 
SER H2   H N N 348 
SER HA   H N N 349 
SER HB2  H N N 350 
SER HB3  H N N 351 
SER HG   H N N 352 
SER HXT  H N N 353 
THR N    N N N 354 
THR CA   C N S 355 
THR C    C N N 356 
THR O    O N N 357 
THR CB   C N R 358 
THR OG1  O N N 359 
THR CG2  C N N 360 
THR OXT  O N N 361 
THR H    H N N 362 
THR H2   H N N 363 
THR HA   H N N 364 
THR HB   H N N 365 
THR HG1  H N N 366 
THR HG21 H N N 367 
THR HG22 H N N 368 
THR HG23 H N N 369 
THR HXT  H N N 370 
TRP N    N N N 371 
TRP CA   C N S 372 
TRP C    C N N 373 
TRP O    O N N 374 
TRP CB   C N N 375 
TRP CG   C Y N 376 
TRP CD1  C Y N 377 
TRP CD2  C Y N 378 
TRP NE1  N Y N 379 
TRP CE2  C Y N 380 
TRP CE3  C Y N 381 
TRP CZ2  C Y N 382 
TRP CZ3  C Y N 383 
TRP CH2  C Y N 384 
TRP OXT  O N N 385 
TRP H    H N N 386 
TRP H2   H N N 387 
TRP HA   H N N 388 
TRP HB2  H N N 389 
TRP HB3  H N N 390 
TRP HD1  H N N 391 
TRP HE1  H N N 392 
TRP HE3  H N N 393 
TRP HZ2  H N N 394 
TRP HZ3  H N N 395 
TRP HH2  H N N 396 
TRP HXT  H N N 397 
TYR N    N N N 398 
TYR CA   C N S 399 
TYR C    C N N 400 
TYR O    O N N 401 
TYR CB   C N N 402 
TYR CG   C Y N 403 
TYR CD1  C Y N 404 
TYR CD2  C Y N 405 
TYR CE1  C Y N 406 
TYR CE2  C Y N 407 
TYR CZ   C Y N 408 
TYR OH   O N N 409 
TYR OXT  O N N 410 
TYR H    H N N 411 
TYR H2   H N N 412 
TYR HA   H N N 413 
TYR HB2  H N N 414 
TYR HB3  H N N 415 
TYR HD1  H N N 416 
TYR HD2  H N N 417 
TYR HE1  H N N 418 
TYR HE2  H N N 419 
TYR HH   H N N 420 
TYR HXT  H N N 421 
VAL N    N N N 422 
VAL CA   C N S 423 
VAL C    C N N 424 
VAL O    O N N 425 
VAL CB   C N N 426 
VAL CG1  C N N 427 
VAL CG2  C N N 428 
VAL OXT  O N N 429 
VAL H    H N N 430 
VAL H2   H N N 431 
VAL HA   H N N 432 
VAL HB   H N N 433 
VAL HG11 H N N 434 
VAL HG12 H N N 435 
VAL HG13 H N N 436 
VAL HG21 H N N 437 
VAL HG22 H N N 438 
VAL HG23 H N N 439 
VAL HXT  H N N 440 
# 
loop_
_chem_comp_bond.comp_id 
_chem_comp_bond.atom_id_1 
_chem_comp_bond.atom_id_2 
_chem_comp_bond.value_order 
_chem_comp_bond.pdbx_aromatic_flag 
_chem_comp_bond.pdbx_stereo_config 
_chem_comp_bond.pdbx_ordinal 
ALA N   CA   sing N N 1   
ALA N   H    sing N N 2   
ALA N   H2   sing N N 3   
ALA CA  C    sing N N 4   
ALA CA  CB   sing N N 5   
ALA CA  HA   sing N N 6   
ALA C   O    doub N N 7   
ALA C   OXT  sing N N 8   
ALA CB  HB1  sing N N 9   
ALA CB  HB2  sing N N 10  
ALA CB  HB3  sing N N 11  
ALA OXT HXT  sing N N 12  
ARG N   CA   sing N N 13  
ARG N   H    sing N N 14  
ARG N   H2   sing N N 15  
ARG CA  C    sing N N 16  
ARG CA  CB   sing N N 17  
ARG CA  HA   sing N N 18  
ARG C   O    doub N N 19  
ARG C   OXT  sing N N 20  
ARG CB  CG   sing N N 21  
ARG CB  HB2  sing N N 22  
ARG CB  HB3  sing N N 23  
ARG CG  CD   sing N N 24  
ARG CG  HG2  sing N N 25  
ARG CG  HG3  sing N N 26  
ARG CD  NE   sing N N 27  
ARG CD  HD2  sing N N 28  
ARG CD  HD3  sing N N 29  
ARG NE  CZ   sing N N 30  
ARG NE  HE   sing N N 31  
ARG CZ  NH1  sing N N 32  
ARG CZ  NH2  doub N N 33  
ARG NH1 HH11 sing N N 34  
ARG NH1 HH12 sing N N 35  
ARG NH2 HH21 sing N N 36  
ARG NH2 HH22 sing N N 37  
ARG OXT HXT  sing N N 38  
ASN N   CA   sing N N 39  
ASN N   H    sing N N 40  
ASN N   H2   sing N N 41  
ASN CA  C    sing N N 42  
ASN CA  CB   sing N N 43  
ASN CA  HA   sing N N 44  
ASN C   O    doub N N 45  
ASN C   OXT  sing N N 46  
ASN CB  CG   sing N N 47  
ASN CB  HB2  sing N N 48  
ASN CB  HB3  sing N N 49  
ASN CG  OD1  doub N N 50  
ASN CG  ND2  sing N N 51  
ASN ND2 HD21 sing N N 52  
ASN ND2 HD22 sing N N 53  
ASN OXT HXT  sing N N 54  
ASP N   CA   sing N N 55  
ASP N   H    sing N N 56  
ASP N   H2   sing N N 57  
ASP CA  C    sing N N 58  
ASP CA  CB   sing N N 59  
ASP CA  HA   sing N N 60  
ASP C   O    doub N N 61  
ASP C   OXT  sing N N 62  
ASP CB  CG   sing N N 63  
ASP CB  HB2  sing N N 64  
ASP CB  HB3  sing N N 65  
ASP CG  OD1  doub N N 66  
ASP CG  OD2  sing N N 67  
ASP OD2 HD2  sing N N 68  
ASP OXT HXT  sing N N 69  
CYS N   CA   sing N N 70  
CYS N   H    sing N N 71  
CYS N   H2   sing N N 72  
CYS CA  C    sing N N 73  
CYS CA  CB   sing N N 74  
CYS CA  HA   sing N N 75  
CYS C   O    doub N N 76  
CYS C   OXT  sing N N 77  
CYS CB  SG   sing N N 78  
CYS CB  HB2  sing N N 79  
CYS CB  HB3  sing N N 80  
CYS SG  HG   sing N N 81  
CYS OXT HXT  sing N N 82  
GLN N   CA   sing N N 83  
GLN N   H    sing N N 84  
GLN N   H2   sing N N 85  
GLN CA  C    sing N N 86  
GLN CA  CB   sing N N 87  
GLN CA  HA   sing N N 88  
GLN C   O    doub N N 89  
GLN C   OXT  sing N N 90  
GLN CB  CG   sing N N 91  
GLN CB  HB2  sing N N 92  
GLN CB  HB3  sing N N 93  
GLN CG  CD   sing N N 94  
GLN CG  HG2  sing N N 95  
GLN CG  HG3  sing N N 96  
GLN CD  OE1  doub N N 97  
GLN CD  NE2  sing N N 98  
GLN NE2 HE21 sing N N 99  
GLN NE2 HE22 sing N N 100 
GLN OXT HXT  sing N N 101 
GLU N   CA   sing N N 102 
GLU N   H    sing N N 103 
GLU N   H2   sing N N 104 
GLU CA  C    sing N N 105 
GLU CA  CB   sing N N 106 
GLU CA  HA   sing N N 107 
GLU C   O    doub N N 108 
GLU C   OXT  sing N N 109 
GLU CB  CG   sing N N 110 
GLU CB  HB2  sing N N 111 
GLU CB  HB3  sing N N 112 
GLU CG  CD   sing N N 113 
GLU CG  HG2  sing N N 114 
GLU CG  HG3  sing N N 115 
GLU CD  OE1  doub N N 116 
GLU CD  OE2  sing N N 117 
GLU OE2 HE2  sing N N 118 
GLU OXT HXT  sing N N 119 
GLY N   CA   sing N N 120 
GLY N   H    sing N N 121 
GLY N   H2   sing N N 122 
GLY CA  C    sing N N 123 
GLY CA  HA2  sing N N 124 
GLY CA  HA3  sing N N 125 
GLY C   O    doub N N 126 
GLY C   OXT  sing N N 127 
GLY OXT HXT  sing N N 128 
HIS N   CA   sing N N 129 
HIS N   H    sing N N 130 
HIS N   H2   sing N N 131 
HIS CA  C    sing N N 132 
HIS CA  CB   sing N N 133 
HIS CA  HA   sing N N 134 
HIS C   O    doub N N 135 
HIS C   OXT  sing N N 136 
HIS CB  CG   sing N N 137 
HIS CB  HB2  sing N N 138 
HIS CB  HB3  sing N N 139 
HIS CG  ND1  sing Y N 140 
HIS CG  CD2  doub Y N 141 
HIS ND1 CE1  doub Y N 142 
HIS ND1 HD1  sing N N 143 
HIS CD2 NE2  sing Y N 144 
HIS CD2 HD2  sing N N 145 
HIS CE1 NE2  sing Y N 146 
HIS CE1 HE1  sing N N 147 
HIS NE2 HE2  sing N N 148 
HIS OXT HXT  sing N N 149 
HOH O   H1   sing N N 150 
HOH O   H2   sing N N 151 
IHD C17 C16  sing N N 152 
IHD C17 H171 sing N N 153 
IHD C17 H172 sing N N 154 
IHD C17 H173 sing N N 155 
IHD C16 C15  sing N N 156 
IHD C16 H161 sing N N 157 
IHD C16 H162 sing N N 158 
IHD C15 C14  sing N N 159 
IHD C15 H151 sing N N 160 
IHD C15 H152 sing N N 161 
IHD C14 C13  sing N N 162 
IHD C14 H141 sing N N 163 
IHD C14 H142 sing N N 164 
IHD C13 C12  sing N N 165 
IHD C13 H131 sing N N 166 
IHD C13 H132 sing N N 167 
IHD C12 C11  sing N N 168 
IHD C12 H121 sing N N 169 
IHD C12 H122 sing N N 170 
IHD C11 C10  sing N N 171 
IHD C11 H111 sing N N 172 
IHD C11 H112 sing N N 173 
IHD C10 C9   sing N N 174 
IHD C10 H101 sing N N 175 
IHD C10 H102 sing N N 176 
IHD C9  C8   sing N N 177 
IHD C9  H91  sing N N 178 
IHD C9  H92  sing N N 179 
IHD C8  C7   sing N N 180 
IHD C8  H81  sing N N 181 
IHD C8  H82  sing N N 182 
IHD C7  C6   sing N N 183 
IHD C7  H71  sing N N 184 
IHD C7  H72  sing N N 185 
IHD C6  C5   sing N N 186 
IHD C6  H61  sing N N 187 
IHD C6  H62  sing N N 188 
IHD C5  C4   sing N N 189 
IHD C5  H51  sing N N 190 
IHD C5  H52  sing N N 191 
IHD C4  C3   sing N N 192 
IHD C4  H41  sing N N 193 
IHD C4  H42  sing N N 194 
IHD C3  C2   sing N N 195 
IHD C3  H31  sing N N 196 
IHD C3  H32  sing N N 197 
IHD C2  I1   sing N N 198 
IHD C2  H21  sing N N 199 
IHD C2  H22  sing N N 200 
ILE N   CA   sing N N 201 
ILE N   H    sing N N 202 
ILE N   H2   sing N N 203 
ILE CA  C    sing N N 204 
ILE CA  CB   sing N N 205 
ILE CA  HA   sing N N 206 
ILE C   O    doub N N 207 
ILE C   OXT  sing N N 208 
ILE CB  CG1  sing N N 209 
ILE CB  CG2  sing N N 210 
ILE CB  HB   sing N N 211 
ILE CG1 CD1  sing N N 212 
ILE CG1 HG12 sing N N 213 
ILE CG1 HG13 sing N N 214 
ILE CG2 HG21 sing N N 215 
ILE CG2 HG22 sing N N 216 
ILE CG2 HG23 sing N N 217 
ILE CD1 HD11 sing N N 218 
ILE CD1 HD12 sing N N 219 
ILE CD1 HD13 sing N N 220 
ILE OXT HXT  sing N N 221 
LEU N   CA   sing N N 222 
LEU N   H    sing N N 223 
LEU N   H2   sing N N 224 
LEU CA  C    sing N N 225 
LEU CA  CB   sing N N 226 
LEU CA  HA   sing N N 227 
LEU C   O    doub N N 228 
LEU C   OXT  sing N N 229 
LEU CB  CG   sing N N 230 
LEU CB  HB2  sing N N 231 
LEU CB  HB3  sing N N 232 
LEU CG  CD1  sing N N 233 
LEU CG  CD2  sing N N 234 
LEU CG  HG   sing N N 235 
LEU CD1 HD11 sing N N 236 
LEU CD1 HD12 sing N N 237 
LEU CD1 HD13 sing N N 238 
LEU CD2 HD21 sing N N 239 
LEU CD2 HD22 sing N N 240 
LEU CD2 HD23 sing N N 241 
LEU OXT HXT  sing N N 242 
LYS N   CA   sing N N 243 
LYS N   H    sing N N 244 
LYS N   H2   sing N N 245 
LYS CA  C    sing N N 246 
LYS CA  CB   sing N N 247 
LYS CA  HA   sing N N 248 
LYS C   O    doub N N 249 
LYS C   OXT  sing N N 250 
LYS CB  CG   sing N N 251 
LYS CB  HB2  sing N N 252 
LYS CB  HB3  sing N N 253 
LYS CG  CD   sing N N 254 
LYS CG  HG2  sing N N 255 
LYS CG  HG3  sing N N 256 
LYS CD  CE   sing N N 257 
LYS CD  HD2  sing N N 258 
LYS CD  HD3  sing N N 259 
LYS CE  NZ   sing N N 260 
LYS CE  HE2  sing N N 261 
LYS CE  HE3  sing N N 262 
LYS NZ  HZ1  sing N N 263 
LYS NZ  HZ2  sing N N 264 
LYS NZ  HZ3  sing N N 265 
LYS OXT HXT  sing N N 266 
MET N   CA   sing N N 267 
MET N   H    sing N N 268 
MET N   H2   sing N N 269 
MET CA  C    sing N N 270 
MET CA  CB   sing N N 271 
MET CA  HA   sing N N 272 
MET C   O    doub N N 273 
MET C   OXT  sing N N 274 
MET CB  CG   sing N N 275 
MET CB  HB2  sing N N 276 
MET CB  HB3  sing N N 277 
MET CG  SD   sing N N 278 
MET CG  HG2  sing N N 279 
MET CG  HG3  sing N N 280 
MET SD  CE   sing N N 281 
MET CE  HE1  sing N N 282 
MET CE  HE2  sing N N 283 
MET CE  HE3  sing N N 284 
MET OXT HXT  sing N N 285 
PHE N   CA   sing N N 286 
PHE N   H    sing N N 287 
PHE N   H2   sing N N 288 
PHE CA  C    sing N N 289 
PHE CA  CB   sing N N 290 
PHE CA  HA   sing N N 291 
PHE C   O    doub N N 292 
PHE C   OXT  sing N N 293 
PHE CB  CG   sing N N 294 
PHE CB  HB2  sing N N 295 
PHE CB  HB3  sing N N 296 
PHE CG  CD1  doub Y N 297 
PHE CG  CD2  sing Y N 298 
PHE CD1 CE1  sing Y N 299 
PHE CD1 HD1  sing N N 300 
PHE CD2 CE2  doub Y N 301 
PHE CD2 HD2  sing N N 302 
PHE CE1 CZ   doub Y N 303 
PHE CE1 HE1  sing N N 304 
PHE CE2 CZ   sing Y N 305 
PHE CE2 HE2  sing N N 306 
PHE CZ  HZ   sing N N 307 
PHE OXT HXT  sing N N 308 
PRO N   CA   sing N N 309 
PRO N   CD   sing N N 310 
PRO N   H    sing N N 311 
PRO CA  C    sing N N 312 
PRO CA  CB   sing N N 313 
PRO CA  HA   sing N N 314 
PRO C   O    doub N N 315 
PRO C   OXT  sing N N 316 
PRO CB  CG   sing N N 317 
PRO CB  HB2  sing N N 318 
PRO CB  HB3  sing N N 319 
PRO CG  CD   sing N N 320 
PRO CG  HG2  sing N N 321 
PRO CG  HG3  sing N N 322 
PRO CD  HD2  sing N N 323 
PRO CD  HD3  sing N N 324 
PRO OXT HXT  sing N N 325 
SER N   CA   sing N N 326 
SER N   H    sing N N 327 
SER N   H2   sing N N 328 
SER CA  C    sing N N 329 
SER CA  CB   sing N N 330 
SER CA  HA   sing N N 331 
SER C   O    doub N N 332 
SER C   OXT  sing N N 333 
SER CB  OG   sing N N 334 
SER CB  HB2  sing N N 335 
SER CB  HB3  sing N N 336 
SER OG  HG   sing N N 337 
SER OXT HXT  sing N N 338 
THR N   CA   sing N N 339 
THR N   H    sing N N 340 
THR N   H2   sing N N 341 
THR CA  C    sing N N 342 
THR CA  CB   sing N N 343 
THR CA  HA   sing N N 344 
THR C   O    doub N N 345 
THR C   OXT  sing N N 346 
THR CB  OG1  sing N N 347 
THR CB  CG2  sing N N 348 
THR CB  HB   sing N N 349 
THR OG1 HG1  sing N N 350 
THR CG2 HG21 sing N N 351 
THR CG2 HG22 sing N N 352 
THR CG2 HG23 sing N N 353 
THR OXT HXT  sing N N 354 
TRP N   CA   sing N N 355 
TRP N   H    sing N N 356 
TRP N   H2   sing N N 357 
TRP CA  C    sing N N 358 
TRP CA  CB   sing N N 359 
TRP CA  HA   sing N N 360 
TRP C   O    doub N N 361 
TRP C   OXT  sing N N 362 
TRP CB  CG   sing N N 363 
TRP CB  HB2  sing N N 364 
TRP CB  HB3  sing N N 365 
TRP CG  CD1  doub Y N 366 
TRP CG  CD2  sing Y N 367 
TRP CD1 NE1  sing Y N 368 
TRP CD1 HD1  sing N N 369 
TRP CD2 CE2  doub Y N 370 
TRP CD2 CE3  sing Y N 371 
TRP NE1 CE2  sing Y N 372 
TRP NE1 HE1  sing N N 373 
TRP CE2 CZ2  sing Y N 374 
TRP CE3 CZ3  doub Y N 375 
TRP CE3 HE3  sing N N 376 
TRP CZ2 CH2  doub Y N 377 
TRP CZ2 HZ2  sing N N 378 
TRP CZ3 CH2  sing Y N 379 
TRP CZ3 HZ3  sing N N 380 
TRP CH2 HH2  sing N N 381 
TRP OXT HXT  sing N N 382 
TYR N   CA   sing N N 383 
TYR N   H    sing N N 384 
TYR N   H2   sing N N 385 
TYR CA  C    sing N N 386 
TYR CA  CB   sing N N 387 
TYR CA  HA   sing N N 388 
TYR C   O    doub N N 389 
TYR C   OXT  sing N N 390 
TYR CB  CG   sing N N 391 
TYR CB  HB2  sing N N 392 
TYR CB  HB3  sing N N 393 
TYR CG  CD1  doub Y N 394 
TYR CG  CD2  sing Y N 395 
TYR CD1 CE1  sing Y N 396 
TYR CD1 HD1  sing N N 397 
TYR CD2 CE2  doub Y N 398 
TYR CD2 HD2  sing N N 399 
TYR CE1 CZ   doub Y N 400 
TYR CE1 HE1  sing N N 401 
TYR CE2 CZ   sing Y N 402 
TYR CE2 HE2  sing N N 403 
TYR CZ  OH   sing N N 404 
TYR OH  HH   sing N N 405 
TYR OXT HXT  sing N N 406 
VAL N   CA   sing N N 407 
VAL N   H    sing N N 408 
VAL N   H2   sing N N 409 
VAL CA  C    sing N N 410 
VAL CA  CB   sing N N 411 
VAL CA  HA   sing N N 412 
VAL C   O    doub N N 413 
VAL C   OXT  sing N N 414 
VAL CB  CG1  sing N N 415 
VAL CB  CG2  sing N N 416 
VAL CB  HB   sing N N 417 
VAL CG1 HG11 sing N N 418 
VAL CG1 HG12 sing N N 419 
VAL CG1 HG13 sing N N 420 
VAL CG2 HG21 sing N N 421 
VAL CG2 HG22 sing N N 422 
VAL CG2 HG23 sing N N 423 
VAL OXT HXT  sing N N 424 
# 
_pdbx_initial_refinement_model.id               1 
_pdbx_initial_refinement_model.entity_id_list   ? 
_pdbx_initial_refinement_model.type             'experimental model' 
_pdbx_initial_refinement_model.source_name      PDB 
_pdbx_initial_refinement_model.accession_code   1DQE 
_pdbx_initial_refinement_model.details          ? 
# 
_atom_sites.entry_id                    2P71 
_atom_sites.fract_transf_matrix[1][1]   0.00321086 
_atom_sites.fract_transf_matrix[1][2]   0.00925031 
_atom_sites.fract_transf_matrix[1][3]   -0.00682396 
_atom_sites.fract_transf_matrix[2][1]   0.01086382 
_atom_sites.fract_transf_matrix[2][2]   -0.00012653 
_atom_sites.fract_transf_matrix[2][3]   0.00494021 
_atom_sites.fract_transf_matrix[3][1]   0.00902402 
_atom_sites.fract_transf_matrix[3][2]   -0.01811376 
_atom_sites.fract_transf_matrix[3][3]   -0.02030831 
_atom_sites.fract_transf_vector[1]      0.737593 
_atom_sites.fract_transf_vector[2]      0.495418 
_atom_sites.fract_transf_vector[3]      -0.002615 
# 
loop_
_atom_type.symbol 
C 
I 
N 
O 
S 
# 
loop_
_atom_site.group_PDB 
_atom_site.id 
_atom_site.type_symbol 
_atom_site.label_atom_id 
_atom_site.label_alt_id 
_atom_site.label_comp_id 
_atom_site.label_asym_id 
_atom_site.label_entity_id 
_atom_site.label_seq_id 
_atom_site.pdbx_PDB_ins_code 
_atom_site.Cartn_x 
_atom_site.Cartn_y 
_atom_site.Cartn_z 
_atom_site.occupancy 
_atom_site.B_iso_or_equiv 
_atom_site.pdbx_formal_charge 
_atom_site.auth_seq_id 
_atom_site.auth_comp_id 
_atom_site.auth_asym_id 
_atom_site.auth_atom_id 
_atom_site.pdbx_PDB_model_num 
ATOM   1    N N   . SER A 1 1   ? -0.817  10.716  11.408  1.00 26.71 ? 1   SER A N   1 
ATOM   2    C CA  . SER A 1 1   ? -1.011  12.035  10.696  1.00 27.73 ? 1   SER A CA  1 
ATOM   3    C C   . SER A 1 1   ? -1.488  11.817  9.293   1.00 30.58 ? 1   SER A C   1 
ATOM   4    O O   . SER A 1 1   ? -0.847  10.955  8.542   1.00 30.56 ? 1   SER A O   1 
ATOM   5    C CB  . SER A 1 1   ? 0.337   12.684  10.563  1.00 25.63 ? 1   SER A CB  1 
ATOM   6    O OG  . SER A 1 1   ? 0.325   13.737  9.678   1.00 30.18 ? 1   SER A OG  1 
ATOM   7    N N   . GLN A 1 2   ? -2.492  12.599  8.877   1.00 29.41 ? 2   GLN A N   1 
ATOM   8    C CA  . GLN A 1 2   ? -3.003  12.619  7.536   1.00 29.38 ? 2   GLN A CA  1 
ATOM   9    C C   . GLN A 1 2   ? -2.004  13.205  6.590   1.00 29.24 ? 2   GLN A C   1 
ATOM   10   O O   . GLN A 1 2   ? -1.885  12.742  5.492   1.00 27.38 ? 2   GLN A O   1 
ATOM   11   C CB  . GLN A 1 2   ? -4.301  13.508  7.384   1.00 28.98 ? 2   GLN A CB  1 
ATOM   12   C CG  . GLN A 1 2   ? -5.537  12.843  7.953   1.00 28.99 ? 2   GLN A CG  1 
ATOM   13   C CD  . GLN A 1 2   ? -6.892  13.494  7.688   1.00 22.60 ? 2   GLN A CD  1 
ATOM   14   O OE1 . GLN A 1 2   ? -7.130  14.198  6.711   1.00 31.90 ? 2   GLN A OE1 1 
ATOM   15   N NE2 . GLN A 1 2   ? -7.814  13.210  8.649   1.00 28.36 ? 2   GLN A NE2 1 
ATOM   16   N N   . GLU A 1 3   ? -1.302  14.270  7.030   1.00 27.51 ? 3   GLU A N   1 
ATOM   17   C CA  . GLU A 1 3   ? -0.353  14.953  6.211   1.00 26.65 ? 3   GLU A CA  1 
ATOM   18   C C   . GLU A 1 3   ? 0.750   13.979  5.856   1.00 24.68 ? 3   GLU A C   1 
ATOM   19   O O   . GLU A 1 3   ? 1.153   13.922  4.653   1.00 24.99 ? 3   GLU A O   1 
ATOM   20   C CB  . GLU A 1 3   ? 0.293   16.133  7.027   1.00 26.68 ? 3   GLU A CB  1 
ATOM   21   C CG  . GLU A 1 3   ? 1.204   16.938  6.126   1.00 27.60 ? 3   GLU A CG  1 
ATOM   22   C CD  . GLU A 1 3   ? 1.771   18.234  6.798   1.00 39.56 ? 3   GLU A CD  1 
ATOM   23   O OE1 . GLU A 1 3   ? 1.974   18.269  8.072   1.00 41.93 ? 3   GLU A OE1 1 
ATOM   24   O OE2 . GLU A 1 3   ? 1.973   19.197  6.041   1.00 42.62 ? 3   GLU A OE2 1 
ATOM   25   N N   . VAL A 1 4   ? 1.135   13.186  6.860   1.00 24.70 ? 4   VAL A N   1 
ATOM   26   C CA  . VAL A 1 4   ? 2.224   12.173  6.693   1.00 23.28 ? 4   VAL A CA  1 
ATOM   27   C C   . VAL A 1 4   ? 1.715   11.031  5.818   1.00 24.07 ? 4   VAL A C   1 
ATOM   28   O O   . VAL A 1 4   ? 2.393   10.739  4.844   1.00 19.32 ? 4   VAL A O   1 
ATOM   29   C CB  . VAL A 1 4   ? 2.817   11.685  8.007   1.00 24.10 ? 4   VAL A CB  1 
ATOM   30   C CG1 . VAL A 1 4   ? 3.718   10.469  7.803   1.00 24.44 ? 4   VAL A CG1 1 
ATOM   31   C CG2 . VAL A 1 4   ? 3.645   12.744  8.652   1.00 25.93 ? 4   VAL A CG2 1 
ATOM   32   N N   . MET A 1 5   ? 0.454   10.542  5.999   1.00 21.82 ? 5   MET A N   1 
ATOM   33   C CA  . MET A 1 5   ? -0.128  9.589   5.045   1.00 21.34 ? 5   MET A CA  1 
ATOM   34   C C   . MET A 1 5   ? -0.247  10.029  3.632   1.00 20.40 ? 5   MET A C   1 
ATOM   35   O O   . MET A 1 5   ? 0.090   9.217   2.677   1.00 22.51 ? 5   MET A O   1 
ATOM   36   C CB  . MET A 1 5   ? -1.512  8.994   5.523   1.00 21.43 ? 5   MET A CB  1 
ATOM   37   C CG  . MET A 1 5   ? -1.284  8.283   6.719   1.00 25.17 ? 5   MET A CG  1 
ATOM   38   S SD  . MET A 1 5   ? -0.304  6.715   6.725   1.00 28.55 ? 5   MET A SD  1 
ATOM   39   C CE  . MET A 1 5   ? -1.093  6.005   5.292   1.00 27.04 ? 5   MET A CE  1 
ATOM   40   N N   . LYS A 1 6   ? -0.523  11.327  3.396   1.00 19.65 ? 6   LYS A N   1 
ATOM   41   C CA  . LYS A 1 6   ? -0.520  11.856  2.038   1.00 20.70 ? 6   LYS A CA  1 
ATOM   42   C C   . LYS A 1 6   ? 0.876   11.764  1.369   1.00 20.31 ? 6   LYS A C   1 
ATOM   43   O O   . LYS A 1 6   ? 1.001   11.395  0.178   1.00 22.07 ? 6   LYS A O   1 
ATOM   44   C CB  . LYS A 1 6   ? -0.980  13.324  2.104   1.00 23.15 ? 6   LYS A CB  1 
ATOM   45   C CG  . LYS A 1 6   ? -0.807  14.014  0.814   1.00 25.91 ? 6   LYS A CG  1 
ATOM   46   C CD  . LYS A 1 6   ? -1.662  15.383  0.599   1.00 30.59 ? 6   LYS A CD  1 
ATOM   47   C CE  . LYS A 1 6   ? -1.255  16.482  1.627   1.00 41.56 ? 6   LYS A CE  1 
ATOM   48   N NZ  . LYS A 1 6   ? -1.916  17.915  1.503   1.00 41.99 ? 6   LYS A NZ  1 
ATOM   49   N N   . ASN A 1 7   ? 1.920   12.224  2.072   1.00 19.73 ? 7   ASN A N   1 
ATOM   50   C CA  . ASN A 1 7   ? 3.275   12.172  1.537   1.00 20.69 ? 7   ASN A CA  1 
ATOM   51   C C   . ASN A 1 7   ? 3.769   10.735  1.296   1.00 19.47 ? 7   ASN A C   1 
ATOM   52   O O   . ASN A 1 7   ? 4.466   10.486  0.273   1.00 19.31 ? 7   ASN A O   1 
ATOM   53   C CB  . ASN A 1 7   ? 4.270   12.903  2.414   1.00 20.78 ? 7   ASN A CB  1 
ATOM   54   C CG  . ASN A 1 7   ? 5.443   13.279  1.689   1.00 23.49 ? 7   ASN A CG  1 
ATOM   55   O OD1 . ASN A 1 7   ? 6.526   12.864  2.038   1.00 26.93 ? 7   ASN A OD1 1 
ATOM   56   N ND2 . ASN A 1 7   ? 5.281   14.011  0.656   1.00 25.19 ? 7   ASN A ND2 1 
ATOM   57   N N   . LEU A 1 8   ? 3.399   9.808   2.165   1.00 17.12 ? 8   LEU A N   1 
ATOM   58   C CA  . LEU A 1 8   ? 3.729   8.389   2.026   1.00 18.25 ? 8   LEU A CA  1 
ATOM   59   C C   . LEU A 1 8   ? 3.038   7.785   0.762   1.00 19.63 ? 8   LEU A C   1 
ATOM   60   O O   . LEU A 1 8   ? 3.707   7.134   -0.035  1.00 18.38 ? 8   LEU A O   1 
ATOM   61   C CB  . LEU A 1 8   ? 3.381   7.653   3.285   1.00 19.81 ? 8   LEU A CB  1 
ATOM   62   C CG  . LEU A 1 8   ? 4.411   7.379   4.410   1.00 25.11 ? 8   LEU A CG  1 
ATOM   63   C CD1 . LEU A 1 8   ? 5.171   8.507   4.798   1.00 32.25 ? 8   LEU A CD1 1 
ATOM   64   C CD2 . LEU A 1 8   ? 3.682   6.873   5.560   1.00 30.50 ? 8   LEU A CD2 1 
ATOM   65   N N   . SER A 1 9   ? 1.756   8.119   0.542   1.00 19.58 ? 9   SER A N   1 
ATOM   66   C CA  . SER A 1 9   ? 0.975   7.741   -0.669  1.00 22.39 ? 9   SER A CA  1 
ATOM   67   C C   . SER A 1 9   ? 1.503   8.324   -1.954  1.00 23.77 ? 9   SER A C   1 
ATOM   68   O O   . SER A 1 9   ? 1.777   7.627   -2.940  1.00 20.89 ? 9   SER A O   1 
ATOM   69   C CB  . SER A 1 9   ? -0.554  8.115   -0.509  1.00 23.98 ? 9   SER A CB  1 
ATOM   70   O OG  . SER A 1 9   ? -1.042  7.630   0.765   1.00 25.82 ? 9   SER A OG  1 
ATOM   71   N N   . LEU A 1 10  ? 1.802   9.622   -1.922  1.00 22.59 ? 10  LEU A N   1 
ATOM   72   C CA  . LEU A 1 10  ? 2.365   10.182  -3.062  1.00 22.83 ? 10  LEU A CA  1 
ATOM   73   C C   . LEU A 1 10  ? 3.704   9.484   -3.407  1.00 21.96 ? 10  LEU A C   1 
ATOM   74   O O   . LEU A 1 10  ? 4.056   9.359   -4.611  1.00 21.46 ? 10  LEU A O   1 
ATOM   75   C CB  . LEU A 1 10  ? 2.626   11.675  -2.782  1.00 23.67 ? 10  LEU A CB  1 
ATOM   76   C CG  . LEU A 1 10  ? 1.409   12.600  -2.925  1.00 25.69 ? 10  LEU A CG  1 
ATOM   77   C CD1 . LEU A 1 10  ? 1.905   14.015  -2.765  1.00 33.06 ? 10  LEU A CD1 1 
ATOM   78   C CD2 . LEU A 1 10  ? 0.664   12.385  -4.256  1.00 35.61 ? 10  LEU A CD2 1 
ATOM   79   N N   . ASN A 1 11  ? 4.567   9.318   -2.406  1.00 19.20 ? 11  ASN A N   1 
ATOM   80   C CA  . ASN A 1 11  ? 5.875   8.803   -2.676  1.00 20.95 ? 11  ASN A CA  1 
ATOM   81   C C   . ASN A 1 11  ? 5.869   7.334   -3.015  1.00 21.05 ? 11  ASN A C   1 
ATOM   82   O O   . ASN A 1 11  ? 6.764   6.869   -3.786  1.00 22.55 ? 11  ASN A O   1 
ATOM   83   C CB  . ASN A 1 11  ? 6.867   9.085   -1.576  1.00 21.34 ? 11  ASN A CB  1 
ATOM   84   C CG  . ASN A 1 11  ? 7.457   10.491  -1.697  1.00 23.33 ? 11  ASN A CG  1 
ATOM   85   O OD1 . ASN A 1 11  ? 8.309   10.713  -2.521  1.00 22.71 ? 11  ASN A OD1 1 
ATOM   86   N ND2 . ASN A 1 11  ? 6.853   11.466  -1.023  1.00 22.99 ? 11  ASN A ND2 1 
ATOM   87   N N   . PHE A 1 12  ? 4.864   6.619   -2.454  1.00 20.25 ? 12  PHE A N   1 
ATOM   88   C CA  . PHE A 1 12  ? 4.685   5.207   -2.814  1.00 23.30 ? 12  PHE A CA  1 
ATOM   89   C C   . PHE A 1 12  ? 4.313   5.139   -4.347  1.00 23.43 ? 12  PHE A C   1 
ATOM   90   O O   . PHE A 1 12  ? 4.797   4.333   -5.137  1.00 25.91 ? 12  PHE A O   1 
ATOM   91   C CB  . PHE A 1 12  ? 3.561   4.609   -1.991  1.00 21.84 ? 12  PHE A CB  1 
ATOM   92   C CG  . PHE A 1 12  ? 3.328   3.126   -2.250  1.00 20.03 ? 12  PHE A CG  1 
ATOM   93   C CD1 . PHE A 1 12  ? 4.042   2.181   -1.550  1.00 23.53 ? 12  PHE A CD1 1 
ATOM   94   C CD2 . PHE A 1 12  ? 2.313   2.702   -3.071  1.00 20.29 ? 12  PHE A CD2 1 
ATOM   95   C CE1 . PHE A 1 12  ? 3.785   0.805   -1.748  1.00 22.59 ? 12  PHE A CE1 1 
ATOM   96   C CE2 . PHE A 1 12  ? 2.120   1.326   -3.259  1.00 19.48 ? 12  PHE A CE2 1 
ATOM   97   C CZ  . PHE A 1 12  ? 2.825   0.439   -2.597  1.00 13.31 ? 12  PHE A CZ  1 
ATOM   98   N N   . GLY A 1 13  ? 3.435   6.020   -4.763  1.00 25.54 ? 13  GLY A N   1 
ATOM   99   C CA  . GLY A 1 13  ? 3.052   6.060   -6.161  1.00 26.60 ? 13  GLY A CA  1 
ATOM   100  C C   . GLY A 1 13  ? 4.078   6.546   -7.185  1.00 28.28 ? 13  GLY A C   1 
ATOM   101  O O   . GLY A 1 13  ? 3.839   6.412   -8.395  1.00 28.88 ? 13  GLY A O   1 
ATOM   102  N N   . LYS A 1 14  ? 5.190   7.124   -6.782  1.00 31.29 ? 14  LYS A N   1 
ATOM   103  C CA  . LYS A 1 14  ? 6.177   7.633   -7.730  1.00 34.98 ? 14  LYS A CA  1 
ATOM   104  C C   . LYS A 1 14  ? 6.773   6.499   -8.545  1.00 37.01 ? 14  LYS A C   1 
ATOM   105  O O   . LYS A 1 14  ? 7.174   6.663   -9.712  1.00 40.24 ? 14  LYS A O   1 
ATOM   106  C CB  . LYS A 1 14  ? 7.363   8.375   -7.030  1.00 36.08 ? 14  LYS A CB  1 
ATOM   107  C CG  . LYS A 1 14  ? 8.034   9.442   -7.885  0.01 35.94 ? 14  LYS A CG  1 
ATOM   108  C CD  . LYS A 1 14  ? 8.676   10.526  -7.024  0.01 36.56 ? 14  LYS A CD  1 
ATOM   109  C CE  . LYS A 1 14  ? 7.657   11.555  -6.552  0.01 36.78 ? 14  LYS A CE  1 
ATOM   110  N NZ  . LYS A 1 14  ? 8.311   12.733  -5.921  0.01 36.81 ? 14  LYS A NZ  1 
ATOM   111  N N   . ALA A 1 15  ? 6.936   5.346   -7.941  1.00 38.09 ? 15  ALA A N   1 
ATOM   112  C CA  . ALA A 1 15  ? 7.516   4.235   -8.704  1.00 37.87 ? 15  ALA A CA  1 
ATOM   113  C C   . ALA A 1 15  ? 6.645   3.666   -9.827  1.00 38.78 ? 15  ALA A C   1 
ATOM   114  O O   . ALA A 1 15  ? 7.152   2.688   -10.383 1.00 35.02 ? 15  ALA A O   1 
ATOM   115  C CB  . ALA A 1 15  ? 7.881   3.106   -7.744  1.00 39.15 ? 15  ALA A CB  1 
ATOM   116  N N   . LEU A 1 16  ? 5.445   4.273   -10.159 1.00 40.89 ? 16  LEU A N   1 
ATOM   117  C CA  . LEU A 1 16  ? 4.222   3.681   -10.843 1.00 44.28 ? 16  LEU A CA  1 
ATOM   118  C C   . LEU A 1 16  ? 4.124   3.642   -12.367 1.00 48.31 ? 16  LEU A C   1 
ATOM   119  O O   . LEU A 1 16  ? 3.982   2.551   -12.953 1.00 49.67 ? 16  LEU A O   1 
ATOM   120  C CB  . LEU A 1 16  ? 2.879   4.321   -10.388 1.00 44.65 ? 16  LEU A CB  1 
ATOM   121  C CG  . LEU A 1 16  ? 1.653   3.683   -11.078 1.00 45.44 ? 16  LEU A CG  1 
ATOM   122  C CD1 . LEU A 1 16  ? 1.609   2.145   -10.841 1.00 42.04 ? 16  LEU A CD1 1 
ATOM   123  C CD2 . LEU A 1 16  ? 0.272   4.349   -10.711 1.00 44.26 ? 16  LEU A CD2 1 
ATOM   124  N N   . ASP A 1 17  ? 4.102   4.803   -13.018 1.00 51.13 ? 17  ASP A N   1 
ATOM   125  C CA  . ASP A 1 17  ? 4.881   4.918   -14.235 1.00 53.40 ? 17  ASP A CA  1 
ATOM   126  C C   . ASP A 1 17  ? 5.990   3.880   -13.892 1.00 52.37 ? 17  ASP A C   1 
ATOM   127  O O   . ASP A 1 17  ? 5.872   3.178   -12.894 1.00 52.41 ? 17  ASP A O   1 
ATOM   128  C CB  . ASP A 1 17  ? 5.356   6.369   -14.343 1.00 55.51 ? 17  ASP A CB  1 
ATOM   129  C CG  . ASP A 1 17  ? 4.517   7.326   -13.407 1.00 59.11 ? 17  ASP A CG  1 
ATOM   130  O OD1 . ASP A 1 17  ? 3.307   7.472   -13.751 1.00 65.14 ? 17  ASP A OD1 1 
ATOM   131  O OD2 . ASP A 1 17  ? 4.943   7.888   -12.319 1.00 62.89 ? 17  ASP A OD2 1 
ATOM   132  N N   . GLU A 1 18  ? 7.053   3.756   -14.656 1.00 52.15 ? 18  GLU A N   1 
ATOM   133  C CA  . GLU A 1 18  ? 8.060   2.723   -14.414 1.00 50.02 ? 18  GLU A CA  1 
ATOM   134  C C   . GLU A 1 18  ? 7.530   1.268   -14.195 1.00 48.75 ? 18  GLU A C   1 
ATOM   135  O O   . GLU A 1 18  ? 7.679   0.438   -15.122 1.00 50.10 ? 18  GLU A O   1 
ATOM   136  C CB  . GLU A 1 18  ? 8.984   3.101   -13.265 1.00 50.49 ? 18  GLU A CB  1 
ATOM   137  C CG  . GLU A 1 18  ? 10.077  2.047   -13.143 1.00 51.65 ? 18  GLU A CG  1 
ATOM   138  C CD  . GLU A 1 18  ? 10.690  1.937   -11.783 1.00 52.68 ? 18  GLU A CD  1 
ATOM   139  O OE1 . GLU A 1 18  ? 10.441  0.875   -11.188 1.00 54.97 ? 18  GLU A OE1 1 
ATOM   140  O OE2 . GLU A 1 18  ? 11.450  2.863   -11.364 1.00 53.19 ? 18  GLU A OE2 1 
ATOM   141  N N   . CYS A 1 19  ? 7.017   0.882   -12.999 1.00 45.00 ? 19  CYS A N   1 
ATOM   142  C CA  . CYS A 1 19  ? 6.263   -0.385  -12.959 1.00 43.03 ? 19  CYS A CA  1 
ATOM   143  C C   . CYS A 1 19  ? 5.583   -0.593  -14.314 1.00 43.09 ? 19  CYS A C   1 
ATOM   144  O O   . CYS A 1 19  ? 5.280   -1.690  -14.697 1.00 39.43 ? 19  CYS A O   1 
ATOM   145  C CB  . CYS A 1 19  ? 5.205   -0.424  -11.828 1.00 42.20 ? 19  CYS A CB  1 
ATOM   146  S SG  . CYS A 1 19  ? 5.940   -0.892  -10.224 1.00 34.40 ? 19  CYS A SG  1 
ATOM   147  N N   . LYS A 1 20  ? 5.263   0.471   -15.020 1.00 47.05 ? 20  LYS A N   1 
ATOM   148  C CA  . LYS A 1 20  ? 4.249   0.360   -16.090 1.00 50.20 ? 20  LYS A CA  1 
ATOM   149  C C   . LYS A 1 20  ? 4.870   -0.065  -17.368 1.00 52.44 ? 20  LYS A C   1 
ATOM   150  O O   . LYS A 1 20  ? 4.233   -0.715  -18.207 1.00 52.88 ? 20  LYS A O   1 
ATOM   151  C CB  . LYS A 1 20  ? 3.456   1.660   -16.266 1.00 50.42 ? 20  LYS A CB  1 
ATOM   152  C CG  . LYS A 1 20  ? 1.908   1.393   -16.160 1.00 52.41 ? 20  LYS A CG  1 
ATOM   153  C CD  . LYS A 1 20  ? 1.141   2.331   -15.196 1.00 52.11 ? 20  LYS A CD  1 
ATOM   154  C CE  . LYS A 1 20  ? -0.331  1.875   -15.072 1.00 53.87 ? 20  LYS A CE  1 
ATOM   155  N NZ  . LYS A 1 20  ? -0.823  0.852   -16.144 1.00 50.84 ? 20  LYS A NZ  1 
ATOM   156  N N   . LYS A 1 21  ? 6.105   0.358   -17.487 1.00 54.30 ? 21  LYS A N   1 
ATOM   157  C CA  . LYS A 1 21  ? 7.021   -0.081  -18.490 1.00 57.02 ? 21  LYS A CA  1 
ATOM   158  C C   . LYS A 1 21  ? 7.830   -1.258  -17.857 1.00 58.48 ? 21  LYS A C   1 
ATOM   159  O O   . LYS A 1 21  ? 9.072   -1.313  -17.918 1.00 59.24 ? 21  LYS A O   1 
ATOM   160  C CB  . LYS A 1 21  ? 7.933   1.118   -18.869 1.00 56.97 ? 21  LYS A CB  1 
ATOM   161  C CG  . LYS A 1 21  ? 7.436   1.916   -20.069 0.01 57.68 ? 21  LYS A CG  1 
ATOM   162  C CD  . LYS A 1 21  ? 7.819   1.250   -21.384 0.01 58.35 ? 21  LYS A CD  1 
ATOM   163  C CE  . LYS A 1 21  ? 7.433   2.107   -22.578 0.01 58.70 ? 21  LYS A CE  1 
ATOM   164  N NZ  . LYS A 1 21  ? 7.376   1.314   -23.837 0.01 58.89 ? 21  LYS A NZ  1 
ATOM   165  N N   . GLU A 1 22  ? 7.095   -2.195  -17.262 1.00 59.41 ? 22  GLU A N   1 
ATOM   166  C CA  . GLU A 1 22  ? 7.657   -3.300  -16.544 1.00 60.19 ? 22  GLU A CA  1 
ATOM   167  C C   . GLU A 1 22  ? 6.604   -4.331  -16.176 1.00 61.09 ? 22  GLU A C   1 
ATOM   168  O O   . GLU A 1 22  ? 6.937   -5.478  -15.964 1.00 63.39 ? 22  GLU A O   1 
ATOM   169  C CB  . GLU A 1 22  ? 8.319   -2.810  -15.265 1.00 61.28 ? 22  GLU A CB  1 
ATOM   170  C CG  . GLU A 1 22  ? 9.778   -2.336  -15.377 1.00 62.75 ? 22  GLU A CG  1 
ATOM   171  C CD  . GLU A 1 22  ? 10.087  -1.064  -14.571 1.00 65.69 ? 22  GLU A CD  1 
ATOM   172  O OE1 . GLU A 1 22  ? 11.286  -0.637  -14.574 1.00 68.07 ? 22  GLU A OE1 1 
ATOM   173  O OE2 . GLU A 1 22  ? 9.128   -0.482  -13.947 1.00 59.39 ? 22  GLU A OE2 1 
ATOM   174  N N   . MET A 1 23  ? 5.332   -3.929  -16.099 1.00 61.43 ? 23  MET A N   1 
ATOM   175  C CA  . MET A 1 23  ? 4.214   -4.851  -15.997 1.00 61.50 ? 23  MET A CA  1 
ATOM   176  C C   . MET A 1 23  ? 3.180   -4.491  -17.000 1.00 60.16 ? 23  MET A C   1 
ATOM   177  O O   . MET A 1 23  ? 2.507   -5.392  -17.506 1.00 60.00 ? 23  MET A O   1 
ATOM   178  C CB  . MET A 1 23  ? 3.532   -4.843  -14.626 1.00 63.08 ? 23  MET A CB  1 
ATOM   179  C CG  . MET A 1 23  ? 3.558   -6.218  -13.910 1.00 66.91 ? 23  MET A CG  1 
ATOM   180  S SD  . MET A 1 23  ? 3.715   -6.047  -12.095 1.00 74.34 ? 23  MET A SD  1 
ATOM   181  C CE  . MET A 1 23  ? 3.275   -7.809  -11.394 1.00 74.32 ? 23  MET A CE  1 
ATOM   182  N N   . THR A 1 24  ? 3.023   -3.207  -17.307 1.00 58.40 ? 24  THR A N   1 
ATOM   183  C CA  . THR A 1 24  ? 2.124   -2.837  -18.383 1.00 58.32 ? 24  THR A CA  1 
ATOM   184  C C   . THR A 1 24  ? 0.739   -3.154  -17.850 1.00 57.86 ? 24  THR A C   1 
ATOM   185  O O   . THR A 1 24  ? 0.395   -4.322  -17.651 1.00 59.25 ? 24  THR A O   1 
ATOM   186  C CB  . THR A 1 24  ? 2.382   -3.599  -19.837 1.00 59.49 ? 24  THR A CB  1 
ATOM   187  O OG1 . THR A 1 24  ? 3.684   -4.258  -19.988 1.00 56.14 ? 24  THR A OG1 1 
ATOM   188  C CG2 . THR A 1 24  ? 2.273   -2.554  -21.017 1.00 58.56 ? 24  THR A CG2 1 
ATOM   189  N N   . LEU A 1 25  ? -0.018  -2.113  -17.522 1.00 55.97 ? 25  LEU A N   1 
ATOM   190  C CA  . LEU A 1 25  ? -1.254  -2.250  -16.762 1.00 53.90 ? 25  LEU A CA  1 
ATOM   191  C C   . LEU A 1 25  ? -2.180  -1.168  -17.379 1.00 52.00 ? 25  LEU A C   1 
ATOM   192  O O   . LEU A 1 25  ? -1.792  -0.602  -18.420 1.00 50.68 ? 25  LEU A O   1 
ATOM   193  C CB  . LEU A 1 25  ? -0.952  -2.020  -15.262 1.00 54.51 ? 25  LEU A CB  1 
ATOM   194  C CG  . LEU A 1 25  ? 0.006   -2.998  -14.543 1.00 54.82 ? 25  LEU A CG  1 
ATOM   195  C CD1 . LEU A 1 25  ? 1.314   -2.331  -14.137 1.00 58.11 ? 25  LEU A CD1 1 
ATOM   196  C CD2 . LEU A 1 25  ? -0.564  -3.623  -13.352 1.00 54.28 ? 25  LEU A CD2 1 
ATOM   197  N N   . THR A 1 26  ? -3.338  -0.833  -16.734 1.00 49.06 ? 26  THR A N   1 
ATOM   198  C CA  . THR A 1 26  ? -4.438  -0.028  -17.311 1.00 46.34 ? 26  THR A CA  1 
ATOM   199  C C   . THR A 1 26  ? -5.019  1.200   -16.584 1.00 46.08 ? 26  THR A C   1 
ATOM   200  O O   . THR A 1 26  ? -4.822  1.417   -15.416 1.00 47.14 ? 26  THR A O   1 
ATOM   201  C CB  . THR A 1 26  ? -5.633  -0.944  -17.361 1.00 46.06 ? 26  THR A CB  1 
ATOM   202  O OG1 . THR A 1 26  ? -6.156  -1.036  -16.017 1.00 40.64 ? 26  THR A OG1 1 
ATOM   203  C CG2 . THR A 1 26  ? -5.226  -2.390  -17.807 1.00 45.11 ? 26  THR A CG2 1 
ATOM   204  N N   . ASP A 1 27  ? -5.924  1.899   -17.229 1.00 43.12 ? 27  ASP A N   1 
ATOM   205  C CA  . ASP A 1 27  ? -6.653  2.977   -16.588 1.00 41.68 ? 27  ASP A CA  1 
ATOM   206  C C   . ASP A 1 27  ? -7.611  2.651   -15.439 1.00 38.66 ? 27  ASP A C   1 
ATOM   207  O O   . ASP A 1 27  ? -7.882  3.520   -14.630 1.00 35.13 ? 27  ASP A O   1 
ATOM   208  C CB  . ASP A 1 27  ? -7.515  3.586   -17.670 1.00 43.37 ? 27  ASP A CB  1 
ATOM   209  C CG  . ASP A 1 27  ? -6.719  4.464   -18.560 1.00 45.15 ? 27  ASP A CG  1 
ATOM   210  O OD1 . ASP A 1 27  ? -5.492  4.847   -18.178 1.00 43.03 ? 27  ASP A OD1 1 
ATOM   211  O OD2 . ASP A 1 27  ? -7.294  4.810   -19.615 1.00 41.93 ? 27  ASP A OD2 1 
ATOM   212  N N   . ALA A 1 28  ? -8.147  1.425   -15.409 1.00 33.82 ? 28  ALA A N   1 
ATOM   213  C CA  . ALA A 1 28  ? -8.676  0.905   -14.158 1.00 32.71 ? 28  ALA A CA  1 
ATOM   214  C C   . ALA A 1 28  ? -7.712  1.072   -13.008 1.00 28.56 ? 28  ALA A C   1 
ATOM   215  O O   . ALA A 1 28  ? -8.171  1.356   -11.845 1.00 28.72 ? 28  ALA A O   1 
ATOM   216  C CB  . ALA A 1 28  ? -9.154  -0.598  -14.290 1.00 32.73 ? 28  ALA A CB  1 
ATOM   217  N N   . ILE A 1 29  ? -6.411  0.918   -13.209 1.00 24.77 ? 29  ILE A N   1 
ATOM   218  C CA  . ILE A 1 29  ? -5.566  1.102   -12.041 1.00 23.07 ? 29  ILE A CA  1 
ATOM   219  C C   . ILE A 1 29  ? -5.368  2.530   -11.666 1.00 21.66 ? 29  ILE A C   1 
ATOM   220  O O   . ILE A 1 29  ? -5.196  2.818   -10.483 1.00 18.68 ? 29  ILE A O   1 
ATOM   221  C CB  . ILE A 1 29  ? -4.283  0.296   -11.907 1.00 25.90 ? 29  ILE A CB  1 
ATOM   222  C CG1 . ILE A 1 29  ? -3.021  1.079   -12.173 1.00 30.29 ? 29  ILE A CG1 1 
ATOM   223  C CG2 . ILE A 1 29  ? -4.462  -1.127  -12.563 1.00 27.75 ? 29  ILE A CG2 1 
ATOM   224  C CD1 . ILE A 1 29  ? -2.945  1.568   -13.568 1.00 35.81 ? 29  ILE A CD1 1 
ATOM   225  N N   . ASN A 1 30  ? -5.351  3.395   -12.642 1.00 18.76 ? 30  ASN A N   1 
ATOM   226  C CA  . ASN A 1 30  ? -5.148  4.738   -12.283 1.00 22.49 ? 30  ASN A CA  1 
ATOM   227  C C   . ASN A 1 30  ? -6.382  5.242   -11.502 1.00 20.44 ? 30  ASN A C   1 
ATOM   228  O O   . ASN A 1 30  ? -6.229  6.038   -10.644 1.00 21.07 ? 30  ASN A O   1 
ATOM   229  C CB  . ASN A 1 30  ? -4.888  5.561   -13.505 1.00 25.08 ? 30  ASN A CB  1 
ATOM   230  C CG  . ASN A 1 30  ? -3.567  5.216   -14.197 1.00 32.11 ? 30  ASN A CG  1 
ATOM   231  O OD1 . ASN A 1 30  ? -2.519  5.069   -13.545 1.00 38.25 ? 30  ASN A OD1 1 
ATOM   232  N ND2 . ASN A 1 30  ? -3.604  5.144   -15.529 1.00 38.39 ? 30  ASN A ND2 1 
ATOM   233  N N   . GLU A 1 31  ? -7.540  4.827   -11.875 1.00 18.59 ? 31  GLU A N   1 
ATOM   234  C CA  . GLU A 1 31  ? -8.829  5.138   -11.150 1.00 19.52 ? 31  GLU A CA  1 
ATOM   235  C C   . GLU A 1 31  ? -8.826  4.627   -9.756  1.00 19.99 ? 31  GLU A C   1 
ATOM   236  O O   . GLU A 1 31  ? -9.165  5.357   -8.857  1.00 19.94 ? 31  GLU A O   1 
ATOM   237  C CB  . GLU A 1 31  ? -10.028 4.574   -11.891 1.00 23.31 ? 31  GLU A CB  1 
ATOM   238  C CG  . GLU A 1 31  ? -11.420 4.938   -11.314 1.00 21.56 ? 31  GLU A CG  1 
ATOM   239  C CD  . GLU A 1 31  ? -12.559 4.468   -12.194 1.00 32.70 ? 31  GLU A CD  1 
ATOM   240  O OE1 . GLU A 1 31  ? -13.350 5.278   -12.650 1.00 24.76 ? 31  GLU A OE1 1 
ATOM   241  O OE2 . GLU A 1 31  ? -12.699 3.236   -12.389 1.00 33.04 ? 31  GLU A OE2 1 
ATOM   242  N N   . ASP A 1 32  ? -8.376  3.389   -9.505  1.00 18.93 ? 32  ASP A N   1 
ATOM   243  C CA  . ASP A 1 32  ? -8.234  2.869   -8.154  1.00 19.39 ? 32  ASP A CA  1 
ATOM   244  C C   . ASP A 1 32  ? -7.263  3.606   -7.251  1.00 20.09 ? 32  ASP A C   1 
ATOM   245  O O   . ASP A 1 32  ? -7.574  3.932   -6.077  1.00 19.17 ? 32  ASP A O   1 
ATOM   246  C CB  . ASP A 1 32  ? -7.815  1.396   -8.207  1.00 20.91 ? 32  ASP A CB  1 
ATOM   247  C CG  . ASP A 1 32  ? -8.900  0.510   -8.705  1.00 19.59 ? 32  ASP A CG  1 
ATOM   248  O OD1 . ASP A 1 32  ? -10.121 0.808   -8.526  1.00 23.56 ? 32  ASP A OD1 1 
ATOM   249  O OD2 . ASP A 1 32  ? -8.614  -0.661  -9.127  1.00 25.88 ? 32  ASP A OD2 1 
ATOM   250  N N   . PHE A 1 33  ? -6.150  4.021   -7.816  1.00 18.15 ? 33  PHE A N   1 
ATOM   251  C CA  . PHE A 1 33  ? -5.183  4.773   -7.021  1.00 18.54 ? 33  PHE A CA  1 
ATOM   252  C C   . PHE A 1 33  ? -5.779  6.122   -6.762  1.00 19.22 ? 33  PHE A C   1 
ATOM   253  O O   . PHE A 1 33  ? -5.545  6.658   -5.681  1.00 19.07 ? 33  PHE A O   1 
ATOM   254  C CB  . PHE A 1 33  ? -3.840  4.915   -7.738  1.00 21.39 ? 33  PHE A CB  1 
ATOM   255  C CG  . PHE A 1 33  ? -2.950  3.630   -7.666  1.00 23.65 ? 33  PHE A CG  1 
ATOM   256  C CD1 . PHE A 1 33  ? -3.329  2.519   -6.988  1.00 37.38 ? 33  PHE A CD1 1 
ATOM   257  C CD2 . PHE A 1 33  ? -1.777  3.566   -8.285  1.00 36.81 ? 33  PHE A CD2 1 
ATOM   258  C CE1 . PHE A 1 33  ? -2.488  1.312   -6.949  1.00 39.26 ? 33  PHE A CE1 1 
ATOM   259  C CE2 . PHE A 1 33  ? -0.996  2.357   -8.229  1.00 35.69 ? 33  PHE A CE2 1 
ATOM   260  C CZ  . PHE A 1 33  ? -1.393  1.270   -7.550  1.00 28.64 ? 33  PHE A CZ  1 
ATOM   261  N N   . TYR A 1 34  ? -6.413  6.708   -7.769  1.00 18.82 ? 34  TYR A N   1 
ATOM   262  C CA  . TYR A 1 34  ? -6.998  8.017   -7.547  1.00 20.58 ? 34  TYR A CA  1 
ATOM   263  C C   . TYR A 1 34  ? -7.977  7.996   -6.383  1.00 18.40 ? 34  TYR A C   1 
ATOM   264  O O   . TYR A 1 34  ? -7.978  8.877   -5.527  1.00 17.96 ? 34  TYR A O   1 
ATOM   265  C CB  . TYR A 1 34  ? -7.609  8.555   -8.844  1.00 20.41 ? 34  TYR A CB  1 
ATOM   266  C CG  . TYR A 1 34  ? -8.409  9.859   -8.527  1.00 21.84 ? 34  TYR A CG  1 
ATOM   267  C CD1 . TYR A 1 34  ? -7.704  11.037  -8.371  1.00 22.36 ? 34  TYR A CD1 1 
ATOM   268  C CD2 . TYR A 1 34  ? -9.779  9.894   -8.352  1.00 25.53 ? 34  TYR A CD2 1 
ATOM   269  C CE1 . TYR A 1 34  ? -8.392  12.329  -8.101  1.00 25.71 ? 34  TYR A CE1 1 
ATOM   270  C CE2 . TYR A 1 34  ? -10.463 11.228  -8.093  1.00 22.64 ? 34  TYR A CE2 1 
ATOM   271  C CZ  . TYR A 1 34  ? -9.707  12.385  -7.977  1.00 24.90 ? 34  TYR A CZ  1 
ATOM   272  O OH  . TYR A 1 34  ? -10.219 13.695  -7.741  1.00 32.64 ? 34  TYR A OH  1 
ATOM   273  N N   . ASN A 1 35  ? -8.741  6.904   -6.280  1.00 19.94 ? 35  ASN A N   1 
ATOM   274  C CA  . ASN A 1 35  ? -9.766  6.691   -5.252  1.00 17.05 ? 35  ASN A CA  1 
ATOM   275  C C   . ASN A 1 35  ? -9.394  5.988   -3.959  1.00 18.27 ? 35  ASN A C   1 
ATOM   276  O O   . ASN A 1 35  ? -10.240 5.876   -3.031  1.00 19.35 ? 35  ASN A O   1 
ATOM   277  C CB  . ASN A 1 35  ? -11.007 5.981   -5.893  1.00 17.46 ? 35  ASN A CB  1 
ATOM   278  C CG  . ASN A 1 35  ? -11.772 6.836   -6.958  1.00 20.45 ? 35  ASN A CG  1 
ATOM   279  O OD1 . ASN A 1 35  ? -12.066 8.022   -6.775  1.00 25.91 ? 35  ASN A OD1 1 
ATOM   280  N ND2 . ASN A 1 35  ? -12.118 6.223   -8.015  1.00 20.48 ? 35  ASN A ND2 1 
ATOM   281  N N   . PHE A 1 36  ? -8.175  5.485   -3.864  1.00 17.72 ? 36  PHE A N   1 
ATOM   282  C CA  . PHE A 1 36  ? -7.750  4.639   -2.807  1.00 17.28 ? 36  PHE A CA  1 
ATOM   283  C C   . PHE A 1 36  ? -8.207  5.057   -1.408  1.00 18.98 ? 36  PHE A C   1 
ATOM   284  O O   . PHE A 1 36  ? -8.681  4.196   -0.657  1.00 18.76 ? 36  PHE A O   1 
ATOM   285  C CB  . PHE A 1 36  ? -6.239  4.519   -2.763  1.00 19.23 ? 36  PHE A CB  1 
ATOM   286  C CG  . PHE A 1 36  ? -5.772  3.426   -1.913  1.00 20.24 ? 36  PHE A CG  1 
ATOM   287  C CD1 . PHE A 1 36  ? -5.714  2.097   -2.423  1.00 24.18 ? 36  PHE A CD1 1 
ATOM   288  C CD2 . PHE A 1 36  ? -5.397  3.685   -0.563  1.00 19.94 ? 36  PHE A CD2 1 
ATOM   289  C CE1 . PHE A 1 36  ? -5.337  1.065   -1.580  1.00 21.97 ? 36  PHE A CE1 1 
ATOM   290  C CE2 . PHE A 1 36  ? -5.005  2.683   0.291   1.00 22.59 ? 36  PHE A CE2 1 
ATOM   291  C CZ  . PHE A 1 36  ? -4.994  1.356   -0.226  1.00 27.33 ? 36  PHE A CZ  1 
ATOM   292  N N   . TRP A 1 37  ? -8.032  6.329   -1.054  1.00 20.81 ? 37  TRP A N   1 
ATOM   293  C CA  . TRP A 1 37  ? -8.313  6.761   0.318   1.00 19.93 ? 37  TRP A CA  1 
ATOM   294  C C   . TRP A 1 37  ? -9.781  7.269   0.511   1.00 21.77 ? 37  TRP A C   1 
ATOM   295  O O   . TRP A 1 37  ? -10.185 7.606   1.642   1.00 22.23 ? 37  TRP A O   1 
ATOM   296  C CB  . TRP A 1 37  ? -7.349  7.888   0.733   1.00 19.10 ? 37  TRP A CB  1 
ATOM   297  C CG  . TRP A 1 37  ? -5.996  7.327   1.018   1.00 20.41 ? 37  TRP A CG  1 
ATOM   298  C CD1 . TRP A 1 37  ? -4.876  7.548   0.283   1.00 20.00 ? 37  TRP A CD1 1 
ATOM   299  C CD2 . TRP A 1 37  ? -5.655  6.377   1.994   1.00 18.30 ? 37  TRP A CD2 1 
ATOM   300  N NE1 . TRP A 1 37  ? -3.809  6.848   0.820   1.00 20.30 ? 37  TRP A NE1 1 
ATOM   301  C CE2 . TRP A 1 37  ? -4.265  6.043   1.807   1.00 17.27 ? 37  TRP A CE2 1 
ATOM   302  C CE3 . TRP A 1 37  ? -6.363  5.694   2.971   1.00 23.71 ? 37  TRP A CE3 1 
ATOM   303  C CZ2 . TRP A 1 37  ? -3.558  5.172   2.662   1.00 22.61 ? 37  TRP A CZ2 1 
ATOM   304  C CZ3 . TRP A 1 37  ? -5.678  4.806   3.766   1.00 24.16 ? 37  TRP A CZ3 1 
ATOM   305  C CH2 . TRP A 1 37  ? -4.253  4.561   3.627   1.00 23.31 ? 37  TRP A CH2 1 
ATOM   306  N N   . LYS A 1 38  ? -10.583 7.194   -0.508  1.00 20.50 ? 38  LYS A N   1 
ATOM   307  C CA  . LYS A 1 38  ? -11.985 7.605   -0.364  1.00 24.32 ? 38  LYS A CA  1 
ATOM   308  C C   . LYS A 1 38  ? -12.829 6.774   0.555   1.00 26.71 ? 38  LYS A C   1 
ATOM   309  O O   . LYS A 1 38  ? -12.808 5.520   0.505   1.00 20.48 ? 38  LYS A O   1 
ATOM   310  C CB  . LYS A 1 38  ? -12.630 7.711   -1.686  1.00 24.53 ? 38  LYS A CB  1 
ATOM   311  C CG  . LYS A 1 38  ? -12.258 8.958   -2.408  1.00 25.03 ? 38  LYS A CG  1 
ATOM   312  C CD  . LYS A 1 38  ? -10.776 9.173   -2.747  0.01 24.33 ? 38  LYS A CD  1 
ATOM   313  C CE  . LYS A 1 38  ? -10.209 10.441  -2.101  0.01 24.33 ? 38  LYS A CE  1 
ATOM   314  N NZ  . LYS A 1 38  ? -9.737  10.230  -0.702  0.01 23.90 ? 38  LYS A NZ  1 
ATOM   315  N N   . GLU A 1 39  ? -13.664 7.412   1.400   1.00 28.21 ? 39  GLU A N   1 
ATOM   316  C CA  . GLU A 1 39  ? -14.291 6.479   2.356   1.00 32.00 ? 39  GLU A CA  1 
ATOM   317  C C   . GLU A 1 39  ? -15.327 5.560   1.654   1.00 30.00 ? 39  GLU A C   1 
ATOM   318  O O   . GLU A 1 39  ? -15.974 5.924   0.694   1.00 29.73 ? 39  GLU A O   1 
ATOM   319  C CB  . GLU A 1 39  ? -14.852 7.266   3.572   1.00 35.38 ? 39  GLU A CB  1 
ATOM   320  C CG  . GLU A 1 39  ? -14.917 6.437   4.819   1.00 40.29 ? 39  GLU A CG  1 
ATOM   321  C CD  . GLU A 1 39  ? -14.967 7.312   6.062   1.00 48.04 ? 39  GLU A CD  1 
ATOM   322  O OE1 . GLU A 1 39  ? -15.722 8.333   5.920   1.00 50.56 ? 39  GLU A OE1 1 
ATOM   323  O OE2 . GLU A 1 39  ? -14.250 6.967   7.104   1.00 42.07 ? 39  GLU A OE2 1 
ATOM   324  N N   . GLY A 1 40  ? -15.413 4.351   2.120   1.00 31.21 ? 40  GLY A N   1 
ATOM   325  C CA  . GLY A 1 40  ? -16.108 3.290   1.459   1.00 31.07 ? 40  GLY A CA  1 
ATOM   326  C C   . GLY A 1 40  ? -15.694 2.796   0.077   1.00 33.03 ? 40  GLY A C   1 
ATOM   327  O O   . GLY A 1 40  ? -16.398 1.873   -0.419  1.00 32.20 ? 40  GLY A O   1 
ATOM   328  N N   . TYR A 1 41  ? -14.633 3.350   -0.575  1.00 29.91 ? 41  TYR A N   1 
ATOM   329  C CA  . TYR A 1 41  ? -14.299 2.849   -1.906  1.00 28.33 ? 41  TYR A CA  1 
ATOM   330  C C   . TYR A 1 41  ? -13.818 1.423   -1.831  1.00 26.12 ? 41  TYR A C   1 
ATOM   331  O O   . TYR A 1 41  ? -13.083 1.092   -0.915  1.00 26.40 ? 41  TYR A O   1 
ATOM   332  C CB  . TYR A 1 41  ? -13.184 3.713   -2.506  1.00 27.86 ? 41  TYR A CB  1 
ATOM   333  C CG  . TYR A 1 41  ? -12.838 3.387   -3.960  1.00 29.54 ? 41  TYR A CG  1 
ATOM   334  C CD1 . TYR A 1 41  ? -13.724 3.634   -4.969  1.00 29.81 ? 41  TYR A CD1 1 
ATOM   335  C CD2 . TYR A 1 41  ? -11.601 2.728   -4.306  1.00 30.52 ? 41  TYR A CD2 1 
ATOM   336  C CE1 . TYR A 1 41  ? -13.432 3.338   -6.251  1.00 27.07 ? 41  TYR A CE1 1 
ATOM   337  C CE2 . TYR A 1 41  ? -11.324 2.465   -5.630  1.00 32.06 ? 41  TYR A CE2 1 
ATOM   338  C CZ  . TYR A 1 41  ? -12.275 2.712   -6.563  1.00 22.44 ? 41  TYR A CZ  1 
ATOM   339  O OH  . TYR A 1 41  ? -11.974 2.601   -7.866  1.00 24.46 ? 41  TYR A OH  1 
ATOM   340  N N   . GLU A 1 42  ? -14.237 0.570   -2.775  1.00 27.18 ? 42  GLU A N   1 
ATOM   341  C CA  . GLU A 1 42  ? -13.743 -0.777  -2.815  1.00 29.60 ? 42  GLU A CA  1 
ATOM   342  C C   . GLU A 1 42  ? -12.894 -1.001  -4.131  1.00 27.08 ? 42  GLU A C   1 
ATOM   343  O O   . GLU A 1 42  ? -13.320 -0.723  -5.233  1.00 26.04 ? 42  GLU A O   1 
ATOM   344  C CB  . GLU A 1 42  ? -14.925 -1.731  -2.708  1.00 33.31 ? 42  GLU A CB  1 
ATOM   345  C CG  . GLU A 1 42  ? -15.835 -1.493  -1.475  1.00 37.78 ? 42  GLU A CG  1 
ATOM   346  C CD  . GLU A 1 42  ? -16.605 -2.702  -1.007  1.00 45.64 ? 42  GLU A CD  1 
ATOM   347  O OE1 . GLU A 1 42  ? -16.139 -3.311  -0.039  1.00 50.76 ? 42  GLU A OE1 1 
ATOM   348  O OE2 . GLU A 1 42  ? -17.666 -3.016  -1.578  1.00 49.09 ? 42  GLU A OE2 1 
ATOM   349  N N   . ILE A 1 43  ? -11.726 -1.536  -3.992  1.00 23.39 ? 43  ILE A N   1 
ATOM   350  C CA  . ILE A 1 43  ? -10.905 -1.848  -5.157  1.00 24.54 ? 43  ILE A CA  1 
ATOM   351  C C   . ILE A 1 43  ? -11.376 -3.208  -5.739  1.00 21.86 ? 43  ILE A C   1 
ATOM   352  O O   . ILE A 1 43  ? -11.392 -4.237  -5.051  1.00 25.25 ? 43  ILE A O   1 
ATOM   353  C CB  . ILE A 1 43  ? -9.428  -1.972  -4.818  1.00 24.84 ? 43  ILE A CB  1 
ATOM   354  C CG1 . ILE A 1 43  ? -8.856  -0.759  -4.201  1.00 28.50 ? 43  ILE A CG1 1 
ATOM   355  C CG2 . ILE A 1 43  ? -8.523  -2.367  -6.091  1.00 22.93 ? 43  ILE A CG2 1 
ATOM   356  C CD1 . ILE A 1 43  ? -9.238  0.387   -4.943  1.00 37.35 ? 43  ILE A CD1 1 
ATOM   357  N N   . LYS A 1 44  ? -11.748 -3.246  -6.974  1.00 21.23 ? 44  LYS A N   1 
ATOM   358  C CA  . LYS A 1 44  ? -12.178 -4.508  -7.560  1.00 22.77 ? 44  LYS A CA  1 
ATOM   359  C C   . LYS A 1 44  ? -11.241 -5.128  -8.625  1.00 23.89 ? 44  LYS A C   1 
ATOM   360  O O   . LYS A 1 44  ? -11.451 -6.242  -9.179  1.00 26.21 ? 44  LYS A O   1 
ATOM   361  C CB  . LYS A 1 44  ? -13.516 -4.234  -8.221  1.00 25.70 ? 44  LYS A CB  1 
ATOM   362  C CG  . LYS A 1 44  ? -14.720 -3.711  -7.188  1.00 27.66 ? 44  LYS A CG  1 
ATOM   363  C CD  . LYS A 1 44  ? -15.678 -2.744  -7.869  0.01 27.16 ? 44  LYS A CD  1 
ATOM   364  C CE  . LYS A 1 44  ? -16.463 -1.921  -6.855  0.01 27.32 ? 44  LYS A CE  1 
ATOM   365  N NZ  . LYS A 1 44  ? -17.880 -1.715  -7.270  0.01 27.02 ? 44  LYS A NZ  1 
ATOM   366  N N   . ASN A 1 45  ? -10.298 -4.366  -9.072  1.00 21.65 ? 45  ASN A N   1 
ATOM   367  C CA  . ASN A 1 45  ? -9.419  -4.847  -10.170 1.00 20.53 ? 45  ASN A CA  1 
ATOM   368  C C   . ASN A 1 45  ? -8.172  -5.562  -9.656  1.00 21.16 ? 45  ASN A C   1 
ATOM   369  O O   . ASN A 1 45  ? -7.306  -4.973  -8.921  1.00 21.03 ? 45  ASN A O   1 
ATOM   370  C CB  . ASN A 1 45  ? -8.998  -3.623  -10.977 1.00 22.59 ? 45  ASN A CB  1 
ATOM   371  C CG  . ASN A 1 45  ? -10.142 -2.941  -11.572 1.00 27.98 ? 45  ASN A CG  1 
ATOM   372  O OD1 . ASN A 1 45  ? -10.852 -3.533  -12.474 1.00 29.90 ? 45  ASN A OD1 1 
ATOM   373  N ND2 . ASN A 1 45  ? -10.483 -1.707  -11.004 1.00 34.07 ? 45  ASN A ND2 1 
ATOM   374  N N   . ARG A 1 46  ? -8.063  -6.840  -10.014 1.00 19.76 ? 46  ARG A N   1 
ATOM   375  C CA  . ARG A 1 46  ? -6.911  -7.653  -9.693  1.00 20.02 ? 46  ARG A CA  1 
ATOM   376  C C   . ARG A 1 46  ? -5.657  -7.023  -10.068 1.00 16.87 ? 46  ARG A C   1 
ATOM   377  O O   . ARG A 1 46  ? -4.723  -7.139  -9.335  1.00 15.98 ? 46  ARG A O   1 
ATOM   378  C CB  . ARG A 1 46  ? -7.019  -9.056  -10.353 1.00 22.30 ? 46  ARG A CB  1 
ATOM   379  C CG  . ARG A 1 46  ? -5.674  -9.918  -10.280 1.00 21.42 ? 46  ARG A CG  1 
ATOM   380  C CD  . ARG A 1 46  ? -5.993  -11.392 -10.625 1.00 25.80 ? 46  ARG A CD  1 
ATOM   381  N NE  . ARG A 1 46  ? -4.807  -12.133 -10.491 1.00 30.34 ? 46  ARG A NE  1 
ATOM   382  C CZ  . ARG A 1 46  ? -3.786  -12.033 -11.311 1.00 35.20 ? 46  ARG A CZ  1 
ATOM   383  N NH1 . ARG A 1 46  ? -3.782  -11.197 -12.359 1.00 36.13 ? 46  ARG A NH1 1 
ATOM   384  N NH2 . ARG A 1 46  ? -2.754  -12.828 -11.086 1.00 39.08 ? 46  ARG A NH2 1 
ATOM   385  N N   . GLU A 1 47  ? -5.617  -6.326  -11.148 1.00 19.56 ? 47  GLU A N   1 
ATOM   386  C CA  . GLU A 1 47  ? -4.287  -5.846  -11.665 1.00 24.02 ? 47  GLU A CA  1 
ATOM   387  C C   . GLU A 1 47  ? -3.856  -4.592  -10.820 1.00 23.36 ? 47  GLU A C   1 
ATOM   388  O O   . GLU A 1 47  ? -2.673  -4.271  -10.701 1.00 21.97 ? 47  GLU A O   1 
ATOM   389  C CB  . GLU A 1 47  ? -4.350  -5.466  -13.142 1.00 27.45 ? 47  GLU A CB  1 
ATOM   390  C CG  . GLU A 1 47  ? -4.029  -6.533  -14.227 1.00 34.71 ? 47  GLU A CG  1 
ATOM   391  C CD  . GLU A 1 47  ? -3.628  -5.920  -15.612 1.00 40.42 ? 47  GLU A CD  1 
ATOM   392  O OE1 . GLU A 1 47  ? -4.444  -5.161  -16.199 1.00 44.87 ? 47  GLU A OE1 1 
ATOM   393  O OE2 . GLU A 1 47  ? -2.475  -6.147  -16.120 1.00 40.35 ? 47  GLU A OE2 1 
ATOM   394  N N   . THR A 1 48  ? -4.792  -3.964  -10.070 1.00 21.81 ? 48  THR A N   1 
ATOM   395  C CA  . THR A 1 48  ? -4.379  -2.989  -9.037  1.00 19.16 ? 48  THR A CA  1 
ATOM   396  C C   . THR A 1 48  ? -3.511  -3.603  -7.959  1.00 18.74 ? 48  THR A C   1 
ATOM   397  O O   . THR A 1 48  ? -2.484  -3.043  -7.465  1.00 16.71 ? 48  THR A O   1 
ATOM   398  C CB  . THR A 1 48  ? -5.645  -2.320  -8.460  1.00 18.17 ? 48  THR A CB  1 
ATOM   399  O OG1 . THR A 1 48  ? -6.311  -1.628  -9.545  1.00 20.70 ? 48  THR A OG1 1 
ATOM   400  C CG2 . THR A 1 48  ? -5.258  -1.189  -7.528  1.00 20.28 ? 48  THR A CG2 1 
ATOM   401  N N   . GLY A 1 49  ? -3.839  -4.869  -7.594  1.00 20.40 ? 49  GLY A N   1 
ATOM   402  C CA  . GLY A 1 49  ? -3.036  -5.593  -6.625  1.00 19.81 ? 49  GLY A CA  1 
ATOM   403  C C   . GLY A 1 49  ? -1.696  -5.899  -7.201  1.00 21.74 ? 49  GLY A C   1 
ATOM   404  O O   . GLY A 1 49  ? -0.701  -5.907  -6.457  1.00 20.52 ? 49  GLY A O   1 
ATOM   405  N N   . CYS A 1 50  ? -1.682  -6.230  -8.504  1.00 21.83 ? 50  CYS A N   1 
ATOM   406  C CA  . CYS A 1 50  ? -0.373  -6.497  -9.146  1.00 25.11 ? 50  CYS A CA  1 
ATOM   407  C C   . CYS A 1 50  ? 0.472   -5.193  -9.063  1.00 22.49 ? 50  CYS A C   1 
ATOM   408  O O   . CYS A 1 50  ? 1.567   -5.233  -8.699  1.00 21.49 ? 50  CYS A O   1 
ATOM   409  C CB  . CYS A 1 50  ? -0.511  -6.967  -10.620 1.00 25.14 ? 50  CYS A CB  1 
ATOM   410  S SG  . CYS A 1 50  ? -1.407  -8.631  -10.780 1.00 29.72 ? 50  CYS A SG  1 
ATOM   411  N N   . ALA A 1 51  ? -0.065  -4.073  -9.504  1.00 21.25 ? 51  ALA A N   1 
ATOM   412  C CA  . ALA A 1 51  ? 0.570   -2.758  -9.338  1.00 19.70 ? 51  ALA A CA  1 
ATOM   413  C C   . ALA A 1 51  ? 1.099   -2.501  -7.923  1.00 20.35 ? 51  ALA A C   1 
ATOM   414  O O   . ALA A 1 51  ? 2.264   -2.115  -7.788  1.00 19.70 ? 51  ALA A O   1 
ATOM   415  C CB  . ALA A 1 51  ? -0.331  -1.639  -9.764  1.00 22.26 ? 51  ALA A CB  1 
ATOM   416  N N   . ILE A 1 52  ? 0.289   -2.705  -6.867  1.00 18.40 ? 52  ILE A N   1 
ATOM   417  C CA  . ILE A 1 52  ? 0.745   -2.485  -5.512  1.00 19.93 ? 52  ILE A CA  1 
ATOM   418  C C   . ILE A 1 52  ? 1.928   -3.403  -5.147  1.00 21.02 ? 52  ILE A C   1 
ATOM   419  O O   . ILE A 1 52  ? 2.900   -3.075  -4.465  1.00 22.46 ? 52  ILE A O   1 
ATOM   420  C CB  . ILE A 1 52  ? -0.465  -2.633  -4.465  1.00 17.81 ? 52  ILE A CB  1 
ATOM   421  C CG1 . ILE A 1 52  ? -1.440  -1.469  -4.579  1.00 24.79 ? 52  ILE A CG1 1 
ATOM   422  C CG2 . ILE A 1 52  ? 0.025   -2.722  -3.067  1.00 20.98 ? 52  ILE A CG2 1 
ATOM   423  C CD1 . ILE A 1 52  ? -0.885  -0.121  -4.122  1.00 30.74 ? 52  ILE A CD1 1 
ATOM   424  N N   . MET A 1 53  ? 1.876   -4.628  -5.637  1.00 20.42 ? 53  MET A N   1 
ATOM   425  C CA  . MET A 1 53  ? 2.935   -5.505  -5.307  1.00 22.13 ? 53  MET A CA  1 
ATOM   426  C C   . MET A 1 53  ? 4.152   -5.083  -6.058  1.00 21.67 ? 53  MET A C   1 
ATOM   427  O O   . MET A 1 53  ? 5.242   -5.136  -5.501  1.00 21.88 ? 53  MET A O   1 
ATOM   428  C CB  . MET A 1 53  ? 2.444   -6.928  -5.634  1.00 25.10 ? 53  MET A CB  1 
ATOM   429  C CG  . MET A 1 53  ? 3.475   -7.978  -5.578  1.00 35.22 ? 53  MET A CG  1 
ATOM   430  S SD  . MET A 1 53  ? 2.472   -9.476  -5.595  1.00 42.93 ? 53  MET A SD  1 
ATOM   431  C CE  . MET A 1 53  ? 2.771   -10.285 -7.455  1.00 45.62 ? 53  MET A CE  1 
ATOM   432  N N   . CYS A 1 54  ? 4.028   -4.637  -7.289  1.00 21.52 ? 54  CYS A N   1 
ATOM   433  C CA  . CYS A 1 54  ? 5.207   -4.105  -8.068  1.00 23.90 ? 54  CYS A CA  1 
ATOM   434  C C   . CYS A 1 54  ? 5.842   -2.889  -7.437  1.00 23.60 ? 54  CYS A C   1 
ATOM   435  O O   . CYS A 1 54  ? 7.044   -2.835  -7.187  1.00 22.13 ? 54  CYS A O   1 
ATOM   436  C CB  . CYS A 1 54  ? 4.880   -3.898  -9.529  1.00 24.34 ? 54  CYS A CB  1 
ATOM   437  S SG  . CYS A 1 54  ? 6.125   -3.006  -10.498 1.00 33.17 ? 54  CYS A SG  1 
ATOM   438  N N   . LEU A 1 55  ? 5.001   -1.995  -7.019  1.00 23.61 ? 55  LEU A N   1 
ATOM   439  C CA  . LEU A 1 55  ? 5.383   -0.829  -6.280  1.00 21.89 ? 55  LEU A CA  1 
ATOM   440  C C   . LEU A 1 55  ? 6.143   -1.161  -5.053  1.00 21.08 ? 55  LEU A C   1 
ATOM   441  O O   . LEU A 1 55  ? 7.326   -0.612  -4.904  1.00 21.66 ? 55  LEU A O   1 
ATOM   442  C CB  . LEU A 1 55  ? 4.182   0.109   -6.002  1.00 22.59 ? 55  LEU A CB  1 
ATOM   443  C CG  . LEU A 1 55  ? 3.568   0.849   -7.135  1.00 22.64 ? 55  LEU A CG  1 
ATOM   444  C CD1 . LEU A 1 55  ? 2.369   1.690   -6.647  1.00 24.49 ? 55  LEU A CD1 1 
ATOM   445  C CD2 . LEU A 1 55  ? 4.563   1.786   -7.906  1.00 26.16 ? 55  LEU A CD2 1 
ATOM   446  N N   . SER A 1 56  ? 5.610   -2.055  -4.217  1.00 22.57 ? 56  SER A N   1 
ATOM   447  C CA  . SER A 1 56  ? 6.193   -2.346  -2.951  1.00 23.49 ? 56  SER A CA  1 
ATOM   448  C C   . SER A 1 56  ? 7.546   -3.050  -3.179  1.00 26.82 ? 56  SER A C   1 
ATOM   449  O O   . SER A 1 56  ? 8.446   -2.857  -2.447  1.00 21.21 ? 56  SER A O   1 
ATOM   450  C CB  . SER A 1 56  ? 5.259   -3.215  -2.087  1.00 23.18 ? 56  SER A CB  1 
ATOM   451  O OG  . SER A 1 56  ? 3.967   -2.595  -1.820  1.00 25.97 ? 56  SER A OG  1 
ATOM   452  N N   . THR A 1 57  ? 7.620   -3.907  -4.200  1.00 27.41 ? 57  THR A N   1 
ATOM   453  C CA  . THR A 1 57  ? 8.857   -4.697  -4.448  1.00 29.18 ? 57  THR A CA  1 
ATOM   454  C C   . THR A 1 57  ? 9.916   -3.826  -4.898  1.00 30.01 ? 57  THR A C   1 
ATOM   455  O O   . THR A 1 57  ? 11.026  -4.002  -4.510  1.00 33.57 ? 57  THR A O   1 
ATOM   456  C CB  . THR A 1 57  ? 8.598   -5.782  -5.490  1.00 27.46 ? 57  THR A CB  1 
ATOM   457  O OG1 . THR A 1 57  ? 7.466   -6.500  -5.028  1.00 29.82 ? 57  THR A OG1 1 
ATOM   458  C CG2 . THR A 1 57  ? 9.735   -6.904  -5.497  1.00 29.39 ? 57  THR A CG2 1 
ATOM   459  N N   . LYS A 1 58  ? 9.608   -2.854  -5.737  1.00 30.35 ? 58  LYS A N   1 
ATOM   460  C CA  . LYS A 1 58  ? 10.580  -1.811  -6.148  1.00 30.49 ? 58  LYS A CA  1 
ATOM   461  C C   . LYS A 1 58  ? 11.148  -0.943  -5.017  1.00 30.97 ? 58  LYS A C   1 
ATOM   462  O O   . LYS A 1 58  ? 12.342  -0.546  -5.090  1.00 29.70 ? 58  LYS A O   1 
ATOM   463  C CB  . LYS A 1 58  ? 10.023  -0.853  -7.240  1.00 29.53 ? 58  LYS A CB  1 
ATOM   464  C CG  . LYS A 1 58  ? 9.760   -1.419  -8.775  1.00 34.57 ? 58  LYS A CG  1 
ATOM   465  C CD  . LYS A 1 58  ? 10.778  -2.521  -9.358  1.00 39.53 ? 58  LYS A CD  1 
ATOM   466  C CE  . LYS A 1 58  ? 10.173  -3.627  -10.257 1.00 41.99 ? 58  LYS A CE  1 
ATOM   467  N NZ  . LYS A 1 58  ? 9.551   -4.956  -9.532  1.00 38.39 ? 58  LYS A NZ  1 
ATOM   468  N N   . LEU A 1 59  ? 10.327  -0.674  -3.976  1.00 28.97 ? 59  LEU A N   1 
ATOM   469  C CA  . LEU A 1 59  ? 10.742  0.032   -2.790  1.00 29.42 ? 59  LEU A CA  1 
ATOM   470  C C   . LEU A 1 59  ? 11.423  -0.803  -1.729  1.00 33.38 ? 59  LEU A C   1 
ATOM   471  O O   . LEU A 1 59  ? 11.638  -0.329  -0.564  1.00 34.39 ? 59  LEU A O   1 
ATOM   472  C CB  . LEU A 1 59  ? 9.469   0.634   -2.129  1.00 27.08 ? 59  LEU A CB  1 
ATOM   473  C CG  . LEU A 1 59  ? 8.881   1.628   -3.012  1.00 29.61 ? 59  LEU A CG  1 
ATOM   474  C CD1 . LEU A 1 59  ? 7.656   2.257   -2.436  1.00 33.83 ? 59  LEU A CD1 1 
ATOM   475  C CD2 . LEU A 1 59  ? 10.006  2.658   -3.391  1.00 35.99 ? 59  LEU A CD2 1 
ATOM   476  N N   . ASN A 1 60  ? 11.754  -2.045  -2.074  1.00 34.06 ? 60  ASN A N   1 
ATOM   477  C CA  . ASN A 1 60  ? 12.155  -3.062  -1.143  1.00 33.12 ? 60  ASN A CA  1 
ATOM   478  C C   . ASN A 1 60  ? 11.402  -3.428  0.046   1.00 34.75 ? 60  ASN A C   1 
ATOM   479  O O   . ASN A 1 60  ? 12.056  -3.953  0.933   1.00 37.60 ? 60  ASN A O   1 
ATOM   480  C CB  . ASN A 1 60  ? 13.550  -2.891  -0.728  1.00 35.25 ? 60  ASN A CB  1 
ATOM   481  C CG  . ASN A 1 60  ? 14.472  -2.826  -1.904  1.00 36.60 ? 60  ASN A CG  1 
ATOM   482  O OD1 . ASN A 1 60  ? 14.859  -3.863  -2.462  1.00 43.80 ? 60  ASN A OD1 1 
ATOM   483  N ND2 . ASN A 1 60  ? 14.775  -1.599  -2.338  1.00 40.51 ? 60  ASN A ND2 1 
ATOM   484  N N   . MET A 1 61  ? 10.084  -3.175  0.111   1.00 31.41 ? 61  MET A N   1 
ATOM   485  C CA  . MET A 1 61  ? 9.273   -3.526  1.206   1.00 30.66 ? 61  MET A CA  1 
ATOM   486  C C   . MET A 1 61  ? 8.629   -4.912  1.059   1.00 32.56 ? 61  MET A C   1 
ATOM   487  O O   . MET A 1 61  ? 8.068   -5.394  1.978   1.00 32.68 ? 61  MET A O   1 
ATOM   488  C CB  . MET A 1 61  ? 8.193   -2.486  1.364   1.00 30.27 ? 61  MET A CB  1 
ATOM   489  C CG  . MET A 1 61  ? 8.767   -1.111  1.622   1.00 26.97 ? 61  MET A CG  1 
ATOM   490  S SD  . MET A 1 61  ? 7.479   -0.050  2.071   1.00 34.18 ? 61  MET A SD  1 
ATOM   491  C CE  . MET A 1 61  ? 6.900   0.470   0.660   1.00 26.69 ? 61  MET A CE  1 
ATOM   492  N N   . LEU A 1 62  ? 8.695   -5.510  -0.133  1.00 34.91 ? 62  LEU A N   1 
ATOM   493  C CA  . LEU A 1 62  ? 8.243   -6.878  -0.352  1.00 37.09 ? 62  LEU A CA  1 
ATOM   494  C C   . LEU A 1 62  ? 9.356   -7.666  -0.900  1.00 39.45 ? 62  LEU A C   1 
ATOM   495  O O   . LEU A 1 62  ? 10.117  -7.225  -1.793  1.00 40.24 ? 62  LEU A O   1 
ATOM   496  C CB  . LEU A 1 62  ? 7.132   -7.042  -1.407  1.00 36.41 ? 62  LEU A CB  1 
ATOM   497  C CG  . LEU A 1 62  ? 5.668   -6.851  -1.097  1.00 37.22 ? 62  LEU A CG  1 
ATOM   498  C CD1 . LEU A 1 62  ? 4.942   -7.314  -2.356  1.00 40.54 ? 62  LEU A CD1 1 
ATOM   499  C CD2 . LEU A 1 62  ? 5.198   -7.603  0.071   1.00 40.81 ? 62  LEU A CD2 1 
ATOM   500  N N   . ASP A 1 63  ? 9.373   -8.916  -0.459  1.00 42.82 ? 63  ASP A N   1 
ATOM   501  C CA  . ASP A 1 63  ? 10.350  -9.834  -1.008  1.00 44.99 ? 63  ASP A CA  1 
ATOM   502  C C   . ASP A 1 63  ? 9.704   -10.558 -2.229  1.00 47.12 ? 63  ASP A C   1 
ATOM   503  O O   . ASP A 1 63  ? 8.491   -10.487 -2.418  1.00 43.36 ? 63  ASP A O   1 
ATOM   504  C CB  . ASP A 1 63  ? 10.828  -10.781 0.093   1.00 45.93 ? 63  ASP A CB  1 
ATOM   505  C CG  . ASP A 1 63  ? 9.892   -11.932 0.345   1.00 45.14 ? 63  ASP A CG  1 
ATOM   506  O OD1 . ASP A 1 63  ? 8.895   -11.910 1.214   1.00 46.90 ? 63  ASP A OD1 1 
ATOM   507  O OD2 . ASP A 1 63  ? 10.179  -12.952 -0.253  1.00 51.33 ? 63  ASP A OD2 1 
ATOM   508  N N   . PRO A 1 64  ? 10.566  -11.176 -3.051  1.00 51.55 ? 64  PRO A N   1 
ATOM   509  C CA  . PRO A 1 64  ? 10.163  -12.154 -4.101  1.00 53.50 ? 64  PRO A CA  1 
ATOM   510  C C   . PRO A 1 64  ? 9.304   -13.337 -3.573  1.00 54.98 ? 64  PRO A C   1 
ATOM   511  O O   . PRO A 1 64  ? 9.852   -14.397 -3.211  1.00 57.74 ? 64  PRO A O   1 
ATOM   512  C CB  . PRO A 1 64  ? 11.514  -12.662 -4.616  1.00 54.18 ? 64  PRO A CB  1 
ATOM   513  C CG  . PRO A 1 64  ? 12.575  -11.512 -4.305  1.00 53.01 ? 64  PRO A CG  1 
ATOM   514  C CD  . PRO A 1 64  ? 12.035  -10.916 -3.030  1.00 52.07 ? 64  PRO A CD  1 
ATOM   515  N N   . GLU A 1 65  ? 7.977   -13.175 -3.650  1.00 54.95 ? 65  GLU A N   1 
ATOM   516  C CA  . GLU A 1 65  ? 6.919   -13.712 -2.726  1.00 53.97 ? 65  GLU A CA  1 
ATOM   517  C C   . GLU A 1 65  ? 6.313   -12.412 -2.218  1.00 53.48 ? 65  GLU A C   1 
ATOM   518  O O   . GLU A 1 65  ? 6.465   -11.414 -2.930  1.00 55.81 ? 65  GLU A O   1 
ATOM   519  C CB  . GLU A 1 65  ? 7.346   -14.786 -1.703  1.00 53.46 ? 65  GLU A CB  1 
ATOM   520  C CG  . GLU A 1 65  ? 7.675   -14.396 -0.266  1.00 55.79 ? 65  GLU A CG  1 
ATOM   521  C CD  . GLU A 1 65  ? 6.905   -15.214 0.757   0.01 55.33 ? 65  GLU A CD  1 
ATOM   522  O OE1 . GLU A 1 65  ? 5.916   -14.701 1.320   0.01 55.47 ? 65  GLU A OE1 1 
ATOM   523  O OE2 . GLU A 1 65  ? 7.293   -16.376 0.999   0.01 55.52 ? 65  GLU A OE2 1 
ATOM   524  N N   . GLY A 1 66  ? 5.595   -12.355 -1.105  1.00 52.16 ? 66  GLY A N   1 
ATOM   525  C CA  . GLY A 1 66  ? 5.023   -11.100 -0.659  1.00 50.32 ? 66  GLY A CA  1 
ATOM   526  C C   . GLY A 1 66  ? 5.048   -10.808 0.852   1.00 50.04 ? 66  GLY A C   1 
ATOM   527  O O   . GLY A 1 66  ? 4.305   -9.924  1.376   1.00 50.55 ? 66  GLY A O   1 
ATOM   528  N N   . ASN A 1 67  ? 5.886   -11.498 1.581   1.00 48.95 ? 67  ASN A N   1 
ATOM   529  C CA  . ASN A 1 67  ? 6.116   -11.140 3.003   1.00 48.81 ? 67  ASN A CA  1 
ATOM   530  C C   . ASN A 1 67  ? 6.668   -9.665  3.111   1.00 45.62 ? 67  ASN A C   1 
ATOM   531  O O   . ASN A 1 67  ? 7.436   -9.218  2.262   1.00 45.04 ? 67  ASN A O   1 
ATOM   532  C CB  . ASN A 1 67  ? 7.087   -12.163 3.666   1.00 50.57 ? 67  ASN A CB  1 
ATOM   533  C CG  . ASN A 1 67  ? 6.441   -12.983 4.848   1.00 52.51 ? 67  ASN A CG  1 
ATOM   534  O OD1 . ASN A 1 67  ? 6.281   -12.458 5.995   1.00 51.41 ? 67  ASN A OD1 1 
ATOM   535  N ND2 . ASN A 1 67  ? 6.066   -14.265 4.558   1.00 52.73 ? 67  ASN A ND2 1 
ATOM   536  N N   . LEU A 1 68  ? 6.189   -8.904  4.090   1.00 42.26 ? 68  LEU A N   1 
ATOM   537  C CA  . LEU A 1 68  ? 6.610   -7.536  4.213   1.00 39.69 ? 68  LEU A CA  1 
ATOM   538  C C   . LEU A 1 68  ? 8.037   -7.634  4.814   1.00 34.48 ? 68  LEU A C   1 
ATOM   539  O O   . LEU A 1 68  ? 8.313   -8.418  5.691   1.00 32.31 ? 68  LEU A O   1 
ATOM   540  C CB  . LEU A 1 68  ? 5.662   -6.670  5.130   1.00 40.94 ? 68  LEU A CB  1 
ATOM   541  C CG  . LEU A 1 68  ? 5.952   -5.156  5.298   1.00 40.79 ? 68  LEU A CG  1 
ATOM   542  C CD1 . LEU A 1 68  ? 5.453   -4.264  4.176   1.00 43.46 ? 68  LEU A CD1 1 
ATOM   543  C CD2 . LEU A 1 68  ? 5.521   -4.592  6.624   1.00 41.03 ? 68  LEU A CD2 1 
ATOM   544  N N   . HIS A 1 69  ? 8.937   -6.816  4.321   1.00 28.52 ? 69  HIS A N   1 
ATOM   545  C CA  . HIS A 1 69  ? 10.134  -6.558  5.047   1.00 25.51 ? 69  HIS A CA  1 
ATOM   546  C C   . HIS A 1 69  ? 9.899   -5.457  6.063   1.00 24.56 ? 69  HIS A C   1 
ATOM   547  O O   . HIS A 1 69  ? 9.796   -4.331  5.715   1.00 23.62 ? 69  HIS A O   1 
ATOM   548  C CB  . HIS A 1 69  ? 11.230  -6.218  4.048   1.00 26.19 ? 69  HIS A CB  1 
ATOM   549  C CG  . HIS A 1 69  ? 12.642  -6.220  4.605   1.00 21.70 ? 69  HIS A CG  1 
ATOM   550  N ND1 . HIS A 1 69  ? 13.071  -5.321  5.557   1.00 13.97 ? 69  HIS A ND1 1 
ATOM   551  C CD2 . HIS A 1 69  ? 13.722  -6.998  4.295   1.00 17.73 ? 69  HIS A CD2 1 
ATOM   552  C CE1 . HIS A 1 69  ? 14.359  -5.536  5.809   1.00 21.66 ? 69  HIS A CE1 1 
ATOM   553  N NE2 . HIS A 1 69  ? 14.769  -6.573  5.066   1.00 18.79 ? 69  HIS A NE2 1 
ATOM   554  N N   . HIS A 1 70  ? 9.839   -5.783  7.303   1.00 22.74 ? 70  HIS A N   1 
ATOM   555  C CA  . HIS A 1 70  ? 9.451   -4.791  8.302   1.00 23.87 ? 70  HIS A CA  1 
ATOM   556  C C   . HIS A 1 70  ? 10.455  -3.696  8.360   1.00 25.80 ? 70  HIS A C   1 
ATOM   557  O O   . HIS A 1 70  ? 10.125  -2.465  8.349   1.00 26.67 ? 70  HIS A O   1 
ATOM   558  C CB  . HIS A 1 70  ? 9.266   -5.371  9.658   1.00 23.98 ? 70  HIS A CB  1 
ATOM   559  C CG  . HIS A 1 70  ? 8.145   -6.372  9.754   1.00 28.01 ? 70  HIS A CG  1 
ATOM   560  N ND1 . HIS A 1 70  ? 7.980   -7.167  10.849  1.00 39.12 ? 70  HIS A ND1 1 
ATOM   561  C CD2 . HIS A 1 70  ? 7.059   -6.618  8.981   1.00 40.94 ? 70  HIS A CD2 1 
ATOM   562  C CE1 . HIS A 1 70  ? 6.921   -7.948  10.714  1.00 35.70 ? 70  HIS A CE1 1 
ATOM   563  N NE2 . HIS A 1 70  ? 6.358   -7.670  9.566   1.00 36.55 ? 70  HIS A NE2 1 
ATOM   564  N N   . GLY A 1 71  ? 11.699  -4.073  8.543   1.00 24.36 ? 71  GLY A N   1 
ATOM   565  C CA  . GLY A 1 71  ? 12.731  -3.057  8.478   1.00 26.53 ? 71  GLY A CA  1 
ATOM   566  C C   . GLY A 1 71  ? 12.727  -2.077  7.300   1.00 25.61 ? 71  GLY A C   1 
ATOM   567  O O   . GLY A 1 71  ? 12.854  -0.816  7.504   1.00 24.81 ? 71  GLY A O   1 
ATOM   568  N N   . ASN A 1 72  ? 12.580  -2.593  6.081   1.00 21.75 ? 72  ASN A N   1 
ATOM   569  C CA  . ASN A 1 72  ? 12.550  -1.689  4.964   1.00 21.93 ? 72  ASN A CA  1 
ATOM   570  C C   . ASN A 1 72  ? 11.264  -0.824  4.908   1.00 23.82 ? 72  ASN A C   1 
ATOM   571  O O   . ASN A 1 72  ? 11.289  0.285   4.450   1.00 22.99 ? 72  ASN A O   1 
ATOM   572  C CB  . ASN A 1 72  ? 12.759  -2.451  3.712   1.00 23.46 ? 72  ASN A CB  1 
ATOM   573  C CG  . ASN A 1 72  ? 14.214  -2.968  3.550   1.00 19.39 ? 72  ASN A CG  1 
ATOM   574  O OD1 . ASN A 1 72  ? 15.071  -2.647  4.334   1.00 25.41 ? 72  ASN A OD1 1 
ATOM   575  N ND2 . ASN A 1 72  ? 14.411  -3.864  2.639   1.00 21.91 ? 72  ASN A ND2 1 
ATOM   576  N N   . ALA A 1 73  ? 10.169  -1.346  5.448   1.00 23.82 ? 73  ALA A N   1 
ATOM   577  C CA  . ALA A 1 73  ? 8.897   -0.680  5.457   1.00 24.08 ? 73  ALA A CA  1 
ATOM   578  C C   . ALA A 1 73  ? 8.977   0.498   6.460   1.00 25.77 ? 73  ALA A C   1 
ATOM   579  O O   . ALA A 1 73  ? 8.579   1.672   6.144   1.00 23.73 ? 73  ALA A O   1 
ATOM   580  C CB  . ALA A 1 73  ? 7.826   -1.692  5.794   1.00 24.64 ? 73  ALA A CB  1 
ATOM   581  N N   . MET A 1 74  ? 9.515   0.234   7.645   1.00 25.40 ? 74  MET A N   1 
ATOM   582  C CA  . MET A 1 74  ? 9.873   1.323   8.615   1.00 27.86 ? 74  MET A CA  1 
ATOM   583  C C   . MET A 1 74  ? 10.728  2.442   8.066   1.00 25.99 ? 74  MET A C   1 
ATOM   584  O O   . MET A 1 74  ? 10.484  3.581   8.316   1.00 25.27 ? 74  MET A O   1 
ATOM   585  C CB  . MET A 1 74  ? 10.604  0.677   9.826   1.00 30.23 ? 74  MET A CB  1 
ATOM   586  C CG  . MET A 1 74  ? 10.445  1.492   11.157  1.00 42.93 ? 74  MET A CG  1 
ATOM   587  S SD  . MET A 1 74  ? 9.150   0.594   12.110  1.00 51.18 ? 74  MET A SD  1 
ATOM   588  C CE  . MET A 1 74  ? 9.910   0.849   13.688  1.00 51.69 ? 74  MET A CE  1 
ATOM   589  N N   . GLU A 1 75  ? 11.811  2.076   7.395   1.00 24.61 ? 75  GLU A N   1 
ATOM   590  C CA  . GLU A 1 75  ? 12.692  2.952   6.687   1.00 24.80 ? 75  GLU A CA  1 
ATOM   591  C C   . GLU A 1 75  ? 11.948  3.796   5.629   1.00 24.31 ? 75  GLU A C   1 
ATOM   592  O O   . GLU A 1 75  ? 12.177  4.994   5.619   1.00 25.48 ? 75  GLU A O   1 
ATOM   593  C CB  . GLU A 1 75  ? 13.838  2.112   6.060   1.00 24.91 ? 75  GLU A CB  1 
ATOM   594  C CG  . GLU A 1 75  ? 14.811  2.912   5.267   1.00 26.59 ? 75  GLU A CG  1 
ATOM   595  C CD  . GLU A 1 75  ? 15.660  3.847   6.113   0.01 24.94 ? 75  GLU A CD  1 
ATOM   596  O OE1 . GLU A 1 75  ? 16.219  4.806   5.547   0.01 24.01 ? 75  GLU A OE1 1 
ATOM   597  O OE2 . GLU A 1 75  ? 15.778  3.627   7.337   0.01 24.37 ? 75  GLU A OE2 1 
ATOM   598  N N   . PHE A 1 76  ? 11.075  3.214   4.806   1.00 21.07 ? 76  PHE A N   1 
ATOM   599  C CA  . PHE A 1 76  ? 10.211  4.031   3.869   1.00 20.50 ? 76  PHE A CA  1 
ATOM   600  C C   . PHE A 1 76  ? 9.379   5.076   4.590   1.00 20.21 ? 76  PHE A C   1 
ATOM   601  O O   . PHE A 1 76  ? 9.243   6.218   4.132   1.00 19.52 ? 76  PHE A O   1 
ATOM   602  C CB  . PHE A 1 76  ? 9.389   3.110   3.024   1.00 21.00 ? 76  PHE A CB  1 
ATOM   603  C CG  . PHE A 1 76  ? 8.455   3.813   2.061   1.00 21.29 ? 76  PHE A CG  1 
ATOM   604  C CD1 . PHE A 1 76  ? 8.825   4.074   0.777   1.00 22.75 ? 76  PHE A CD1 1 
ATOM   605  C CD2 . PHE A 1 76  ? 7.179   4.079   2.432   1.00 22.86 ? 76  PHE A CD2 1 
ATOM   606  C CE1 . PHE A 1 76  ? 7.955   4.792   -0.117  1.00 25.91 ? 76  PHE A CE1 1 
ATOM   607  C CE2 . PHE A 1 76  ? 6.334   4.706   1.528   1.00 16.73 ? 76  PHE A CE2 1 
ATOM   608  C CZ  . PHE A 1 76  ? 6.735   5.042   0.281   1.00 19.28 ? 76  PHE A CZ  1 
ATOM   609  N N   . ALA A 1 77  ? 8.735   4.654   5.655   1.00 17.48 ? 77  ALA A N   1 
ATOM   610  C CA  . ALA A 1 77  ? 7.893   5.540   6.483   1.00 21.65 ? 77  ALA A CA  1 
ATOM   611  C C   . ALA A 1 77  ? 8.658   6.657   7.005   1.00 19.96 ? 77  ALA A C   1 
ATOM   612  O O   . ALA A 1 77  ? 8.289   7.825   6.875   1.00 22.14 ? 77  ALA A O   1 
ATOM   613  C CB  . ALA A 1 77  ? 7.247   4.775   7.572   1.00 24.82 ? 77  ALA A CB  1 
ATOM   614  N N   . LYS A 1 78  ? 9.833   6.368   7.503   1.00 22.34 ? 78  LYS A N   1 
ATOM   615  C CA  . LYS A 1 78  ? 10.687  7.377   8.065   1.00 22.05 ? 78  LYS A CA  1 
ATOM   616  C C   . LYS A 1 78  ? 11.308  8.275   7.056   1.00 21.80 ? 78  LYS A C   1 
ATOM   617  O O   . LYS A 1 78  ? 11.459  9.508   7.293   1.00 22.17 ? 78  LYS A O   1 
ATOM   618  C CB  . LYS A 1 78  ? 11.766  6.721   8.895   1.00 24.17 ? 78  LYS A CB  1 
ATOM   619  C CG  . LYS A 1 78  ? 11.297  6.219   10.305  1.00 24.54 ? 78  LYS A CG  1 
ATOM   620  C CD  . LYS A 1 78  ? 12.274  5.215   10.907  0.01 24.64 ? 78  LYS A CD  1 
ATOM   621  C CE  . LYS A 1 78  ? 13.525  5.894   11.445  0.01 24.86 ? 78  LYS A CE  1 
ATOM   622  N NZ  . LYS A 1 78  ? 13.299  6.510   12.781  0.01 25.01 ? 78  LYS A NZ  1 
ATOM   623  N N   . LYS A 1 79  ? 11.629  7.732   5.884   1.00 18.79 ? 79  LYS A N   1 
ATOM   624  C CA  . LYS A 1 79  ? 12.065  8.518   4.782   1.00 20.42 ? 79  LYS A CA  1 
ATOM   625  C C   . LYS A 1 79  ? 11.097  9.625   4.343   1.00 21.70 ? 79  LYS A C   1 
ATOM   626  O O   . LYS A 1 79  ? 11.551  10.700  3.853   1.00 19.89 ? 79  LYS A O   1 
ATOM   627  C CB  . LYS A 1 79  ? 12.458  7.600   3.581   1.00 20.13 ? 79  LYS A CB  1 
ATOM   628  C CG  . LYS A 1 79  ? 12.963  8.290   2.380   1.00 23.44 ? 79  LYS A CG  1 
ATOM   629  C CD  . LYS A 1 79  ? 13.362  7.267   1.213   1.00 24.53 ? 79  LYS A CD  1 
ATOM   630  C CE  . LYS A 1 79  ? 13.897  7.972   -0.056  1.00 26.34 ? 79  LYS A CE  1 
ATOM   631  N NZ  . LYS A 1 79  ? 14.412  6.943   -1.050  1.00 33.60 ? 79  LYS A NZ  1 
ATOM   632  N N   . HIS A 1 80  ? 9.786   9.388   4.497   1.00 19.25 ? 80  HIS A N   1 
ATOM   633  C CA  . HIS A 1 80  ? 8.811   10.275  3.877   1.00 21.65 ? 80  HIS A CA  1 
ATOM   634  C C   . HIS A 1 80  ? 8.097   11.021  4.947   1.00 22.65 ? 80  HIS A C   1 
ATOM   635  O O   . HIS A 1 80  ? 7.061   11.495  4.740   1.00 22.42 ? 80  HIS A O   1 
ATOM   636  C CB  . HIS A 1 80  ? 7.891   9.489   2.950   1.00 22.18 ? 80  HIS A CB  1 
ATOM   637  C CG  . HIS A 1 80  ? 8.636   8.964   1.738   1.00 16.37 ? 80  HIS A CG  1 
ATOM   638  N ND1 . HIS A 1 80  ? 9.386   9.773   0.918   1.00 18.40 ? 80  HIS A ND1 1 
ATOM   639  C CD2 . HIS A 1 80  ? 8.842   7.681   1.314   1.00 21.44 ? 80  HIS A CD2 1 
ATOM   640  C CE1 . HIS A 1 80  ? 10.064  9.021   0.063   1.00 23.47 ? 80  HIS A CE1 1 
ATOM   641  N NE2 . HIS A 1 80  ? 9.706   7.741   0.261   1.00 16.33 ? 80  HIS A NE2 1 
ATOM   642  N N   . GLY A 1 81  ? 8.628   10.989  6.146   1.00 25.65 ? 81  GLY A N   1 
ATOM   643  C CA  . GLY A 1 81  ? 8.121   11.838  7.229   1.00 25.53 ? 81  GLY A CA  1 
ATOM   644  C C   . GLY A 1 81  ? 7.425   11.272  8.492   1.00 27.63 ? 81  GLY A C   1 
ATOM   645  O O   . GLY A 1 81  ? 7.087   12.094  9.440   1.00 27.24 ? 81  GLY A O   1 
ATOM   646  N N   . ALA A 1 82  ? 7.197   9.971   8.584   1.00 25.53 ? 82  ALA A N   1 
ATOM   647  C CA  . ALA A 1 82  ? 6.735   9.384   9.885   1.00 24.25 ? 82  ALA A CA  1 
ATOM   648  C C   . ALA A 1 82  ? 7.751   9.419   10.998  1.00 23.77 ? 82  ALA A C   1 
ATOM   649  O O   . ALA A 1 82  ? 8.879   9.068   10.775  1.00 22.47 ? 82  ALA A O   1 
ATOM   650  C CB  . ALA A 1 82  ? 6.267   7.968   9.705   1.00 21.11 ? 82  ALA A CB  1 
ATOM   651  N N   . ASP A 1 83  ? 7.385   9.794   12.228  1.00 26.74 ? 83  ASP A N   1 
ATOM   652  C CA  . ASP A 1 83  ? 8.340   9.662   13.340  1.00 31.48 ? 83  ASP A CA  1 
ATOM   653  C C   . ASP A 1 83  ? 8.360   8.197   13.770  1.00 34.41 ? 83  ASP A C   1 
ATOM   654  O O   . ASP A 1 83  ? 7.603   7.373   13.181  1.00 32.99 ? 83  ASP A O   1 
ATOM   655  C CB  . ASP A 1 83  ? 8.028   10.564  14.558  1.00 34.40 ? 83  ASP A CB  1 
ATOM   656  C CG  . ASP A 1 83  ? 6.598   10.432  15.054  1.00 39.28 ? 83  ASP A CG  1 
ATOM   657  O OD1 . ASP A 1 83  ? 6.057   9.289   15.018  1.00 38.16 ? 83  ASP A OD1 1 
ATOM   658  O OD2 . ASP A 1 83  ? 5.963   11.413  15.533  1.00 41.25 ? 83  ASP A OD2 1 
ATOM   659  N N   . GLU A 1 84  ? 9.219   7.816   14.745  1.00 35.21 ? 84  GLU A N   1 
ATOM   660  C CA  . GLU A 1 84  ? 9.366   6.404   15.097  1.00 37.08 ? 84  GLU A CA  1 
ATOM   661  C C   . GLU A 1 84  ? 8.017   5.786   15.477  1.00 37.46 ? 84  GLU A C   1 
ATOM   662  O O   . GLU A 1 84  ? 7.725   4.649   15.083  1.00 37.35 ? 84  GLU A O   1 
ATOM   663  C CB  . GLU A 1 84  ? 10.391  6.163   16.319  1.00 38.65 ? 84  GLU A CB  1 
ATOM   664  C CG  . GLU A 1 84  ? 11.756  5.523   15.871  1.00 42.85 ? 84  GLU A CG  1 
ATOM   665  C CD  . GLU A 1 84  ? 11.676  4.021   15.667  0.01 41.54 ? 84  GLU A CD  1 
ATOM   666  O OE1 . GLU A 1 84  ? 10.970  3.341   16.442  0.01 41.67 ? 84  GLU A OE1 1 
ATOM   667  O OE2 . GLU A 1 84  ? 12.329  3.516   14.730  0.01 41.74 ? 84  GLU A OE2 1 
ATOM   668  N N   . THR A 1 85  ? 7.189   6.505   16.242  1.00 37.13 ? 85  THR A N   1 
ATOM   669  C CA  . THR A 1 85  ? 5.976   5.917   16.742  1.00 37.89 ? 85  THR A CA  1 
ATOM   670  C C   . THR A 1 85  ? 4.947   5.759   15.668  1.00 34.39 ? 85  THR A C   1 
ATOM   671  O O   . THR A 1 85  ? 4.338   4.740   15.633  1.00 30.95 ? 85  THR A O   1 
ATOM   672  C CB  . THR A 1 85  ? 5.383   6.671   17.959  1.00 40.45 ? 85  THR A CB  1 
ATOM   673  O OG1 . THR A 1 85  ? 4.882   7.991   17.586  1.00 44.31 ? 85  THR A OG1 1 
ATOM   674  C CG2 . THR A 1 85  ? 6.480   6.892   18.957  1.00 40.06 ? 85  THR A CG2 1 
ATOM   675  N N   . MET A 1 86  ? 4.793   6.742   14.768  1.00 31.94 ? 86  MET A N   1 
ATOM   676  C CA  . MET A 1 86  ? 3.818   6.565   13.690  1.00 30.52 ? 86  MET A CA  1 
ATOM   677  C C   . MET A 1 86  ? 4.317   5.307   12.811  1.00 28.59 ? 86  MET A C   1 
ATOM   678  O O   . MET A 1 86  ? 3.606   4.330   12.568  1.00 27.11 ? 86  MET A O   1 
ATOM   679  C CB  . MET A 1 86  ? 3.529   7.906   12.953  1.00 30.52 ? 86  MET A CB  1 
ATOM   680  C CG  . MET A 1 86  ? 2.678   7.655   11.763  1.00 27.67 ? 86  MET A CG  1 
ATOM   681  S SD  . MET A 1 86  ? 2.400   9.070   10.724  1.00 29.06 ? 86  MET A SD  1 
ATOM   682  C CE  . MET A 1 86  ? 1.437   8.275   9.240   1.00 29.55 ? 86  MET A CE  1 
ATOM   683  N N   . ALA A 1 87  ? 5.584   5.221   12.510  1.00 28.17 ? 87  ALA A N   1 
ATOM   684  C CA  . ALA A 1 87  ? 6.048   4.197   11.625  1.00 26.50 ? 87  ALA A CA  1 
ATOM   685  C C   . ALA A 1 87  ? 5.739   2.807   12.175  1.00 28.58 ? 87  ALA A C   1 
ATOM   686  O O   . ALA A 1 87  ? 5.394   1.828   11.460  1.00 29.20 ? 87  ALA A O   1 
ATOM   687  C CB  . ALA A 1 87  ? 7.543   4.336   11.442  1.00 29.07 ? 87  ALA A CB  1 
ATOM   688  N N   . GLN A 1 88  ? 6.024   2.675   13.454  1.00 30.03 ? 88  GLN A N   1 
ATOM   689  C CA  . GLN A 1 88  ? 5.820   1.444   14.204  1.00 33.08 ? 88  GLN A CA  1 
ATOM   690  C C   . GLN A 1 88  ? 4.289   1.152   14.218  1.00 32.34 ? 88  GLN A C   1 
ATOM   691  O O   . GLN A 1 88  ? 3.928   0.068   13.862  1.00 33.28 ? 88  GLN A O   1 
ATOM   692  C CB  . GLN A 1 88  ? 6.404   1.692   15.630  1.00 35.18 ? 88  GLN A CB  1 
ATOM   693  C CG  . GLN A 1 88  ? 6.815   0.565   16.499  1.00 41.74 ? 88  GLN A CG  1 
ATOM   694  C CD  . GLN A 1 88  ? 6.927   -0.724  15.825  1.00 45.37 ? 88  GLN A CD  1 
ATOM   695  O OE1 . GLN A 1 88  ? 5.947   -1.472  15.797  1.00 49.79 ? 88  GLN A OE1 1 
ATOM   696  N NE2 . GLN A 1 88  ? 8.110   -1.032  15.284  1.00 44.50 ? 88  GLN A NE2 1 
ATOM   697  N N   . GLN A 1 89  ? 3.391   2.111   14.505  1.00 30.31 ? 89  GLN A N   1 
ATOM   698  C CA  . GLN A 1 89  ? 1.956   1.860   14.304  1.00 31.85 ? 89  GLN A CA  1 
ATOM   699  C C   . GLN A 1 89  ? 1.613   1.292   12.901  1.00 28.85 ? 89  GLN A C   1 
ATOM   700  O O   . GLN A 1 89  ? 0.862   0.357   12.750  1.00 30.60 ? 89  GLN A O   1 
ATOM   701  C CB  . GLN A 1 89  ? 1.143   3.172   14.523  1.00 31.71 ? 89  GLN A CB  1 
ATOM   702  C CG  . GLN A 1 89  ? 0.253   3.259   15.747  1.00 40.09 ? 89  GLN A CG  1 
ATOM   703  C CD  . GLN A 1 89  ? 0.159   4.715   16.307  1.00 47.11 ? 89  GLN A CD  1 
ATOM   704  O OE1 . GLN A 1 89  ? -0.929  5.166   16.851  1.00 48.90 ? 89  GLN A OE1 1 
ATOM   705  N NE2 . GLN A 1 89  ? 1.281   5.462   16.170  1.00 40.22 ? 89  GLN A NE2 1 
ATOM   706  N N   . LEU A 1 90  ? 2.125   1.923   11.855  1.00 28.82 ? 90  LEU A N   1 
ATOM   707  C CA  . LEU A 1 90  ? 1.900   1.488   10.452  1.00 28.57 ? 90  LEU A CA  1 
ATOM   708  C C   . LEU A 1 90  ? 2.326   -0.014  10.194  1.00 29.55 ? 90  LEU A C   1 
ATOM   709  O O   . LEU A 1 90  ? 1.588   -0.789  9.577   1.00 28.17 ? 90  LEU A O   1 
ATOM   710  C CB  . LEU A 1 90  ? 2.583   2.478   9.426   1.00 28.84 ? 90  LEU A CB  1 
ATOM   711  C CG  . LEU A 1 90  ? 2.163   3.914   9.371   1.00 23.49 ? 90  LEU A CG  1 
ATOM   712  C CD1 . LEU A 1 90  ? 2.967   4.729   8.324   1.00 32.40 ? 90  LEU A CD1 1 
ATOM   713  C CD2 . LEU A 1 90  ? 0.725   3.959   8.945   1.00 25.49 ? 90  LEU A CD2 1 
ATOM   714  N N   . ILE A 1 91  ? 3.554   -0.373  10.581  1.00 30.25 ? 91  ILE A N   1 
ATOM   715  C CA  . ILE A 1 91  ? 4.071   -1.724  10.463  1.00 30.37 ? 91  ILE A CA  1 
ATOM   716  C C   . ILE A 1 91  ? 3.211   -2.736  11.176  1.00 28.17 ? 91  ILE A C   1 
ATOM   717  O O   . ILE A 1 91  ? 2.846   -3.780  10.650  1.00 24.40 ? 91  ILE A O   1 
ATOM   718  C CB  . ILE A 1 91  ? 5.577   -1.804  11.007  1.00 31.69 ? 91  ILE A CB  1 
ATOM   719  C CG1 . ILE A 1 91  ? 6.633   -1.056  10.121  1.00 38.46 ? 91  ILE A CG1 1 
ATOM   720  C CG2 . ILE A 1 91  ? 6.058   -3.228  11.079  1.00 35.42 ? 91  ILE A CG2 1 
ATOM   721  C CD1 . ILE A 1 91  ? 6.171   -0.556  8.834   1.00 43.42 ? 91  ILE A CD1 1 
ATOM   722  N N   . ASP A 1 92  ? 2.823   -2.402  12.375  1.00 29.15 ? 92  ASP A N   1 
ATOM   723  C CA  . ASP A 1 92  ? 1.965   -3.283  13.165  1.00 29.30 ? 92  ASP A CA  1 
ATOM   724  C C   . ASP A 1 92  ? 0.697   -3.582  12.377  1.00 27.57 ? 92  ASP A C   1 
ATOM   725  O O   . ASP A 1 92  ? 0.208   -4.654  12.398  1.00 29.23 ? 92  ASP A O   1 
ATOM   726  C CB  . ASP A 1 92  ? 1.626   -2.531  14.421  1.00 30.78 ? 92  ASP A CB  1 
ATOM   727  C CG  . ASP A 1 92  ? 2.805   -2.452  15.429  1.00 34.57 ? 92  ASP A CG  1 
ATOM   728  O OD1 . ASP A 1 92  ? 3.906   -3.011  15.129  1.00 33.12 ? 92  ASP A OD1 1 
ATOM   729  O OD2 . ASP A 1 92  ? 2.721   -1.714  16.468  1.00 36.60 ? 92  ASP A OD2 1 
ATOM   730  N N   . ILE A 1 93  ? 0.117   -2.560  11.723  1.00 28.39 ? 93  ILE A N   1 
ATOM   731  C CA  . ILE A 1 93  ? -1.171  -2.682  10.963  1.00 25.55 ? 93  ILE A CA  1 
ATOM   732  C C   . ILE A 1 93  ? -0.921  -3.608  9.795   1.00 25.36 ? 93  ILE A C   1 
ATOM   733  O O   . ILE A 1 93  ? -1.698  -4.571  9.587   1.00 26.60 ? 93  ILE A O   1 
ATOM   734  C CB  . ILE A 1 93  ? -1.676  -1.359  10.474  1.00 23.00 ? 93  ILE A CB  1 
ATOM   735  C CG1 . ILE A 1 93  ? -2.193  -0.509  11.628  1.00 26.80 ? 93  ILE A CG1 1 
ATOM   736  C CG2 . ILE A 1 93  ? -2.756  -1.510  9.553   1.00 22.16 ? 93  ILE A CG2 1 
ATOM   737  C CD1 . ILE A 1 93  ? -2.425  0.945   11.264  1.00 30.72 ? 93  ILE A CD1 1 
ATOM   738  N N   . VAL A 1 94  ? 0.100   -3.288  8.982   1.00 25.88 ? 94  VAL A N   1 
ATOM   739  C CA  . VAL A 1 94  ? 0.420   -4.177  7.845   1.00 25.96 ? 94  VAL A CA  1 
ATOM   740  C C   . VAL A 1 94  ? 0.669   -5.638  8.306   1.00 27.08 ? 94  VAL A C   1 
ATOM   741  O O   . VAL A 1 94  ? 0.169   -6.599  7.731   1.00 26.65 ? 94  VAL A O   1 
ATOM   742  C CB  . VAL A 1 94  ? 1.566   -3.655  7.043   1.00 25.38 ? 94  VAL A CB  1 
ATOM   743  C CG1 . VAL A 1 94  ? 1.808   -4.564  5.791   1.00 26.29 ? 94  VAL A CG1 1 
ATOM   744  C CG2 . VAL A 1 94  ? 1.255   -2.369  6.524   1.00 29.97 ? 94  VAL A CG2 1 
ATOM   745  N N   . HIS A 1 95  ? 1.374   -5.827  9.412   1.00 27.25 ? 95  HIS A N   1 
ATOM   746  C CA  . HIS A 1 95  ? 1.639   -7.162  9.914   1.00 29.14 ? 95  HIS A CA  1 
ATOM   747  C C   . HIS A 1 95  ? 0.359   -7.839  10.413  1.00 29.90 ? 95  HIS A C   1 
ATOM   748  O O   . HIS A 1 95  ? 0.089   -8.961  10.076  1.00 31.57 ? 95  HIS A O   1 
ATOM   749  C CB  . HIS A 1 95  ? 2.603   -7.098  11.081  1.00 29.32 ? 95  HIS A CB  1 
ATOM   750  C CG  . HIS A 1 95  ? 3.118   -8.441  11.441  1.00 32.77 ? 95  HIS A CG  1 
ATOM   751  N ND1 . HIS A 1 95  ? 3.712   -8.709  12.633  1.00 39.41 ? 95  HIS A ND1 1 
ATOM   752  C CD2 . HIS A 1 95  ? 3.062   -9.624  10.773  1.00 39.75 ? 95  HIS A CD2 1 
ATOM   753  C CE1 . HIS A 1 95  ? 4.047   -9.981  12.676  1.00 37.27 ? 95  HIS A CE1 1 
ATOM   754  N NE2 . HIS A 1 95  ? 3.687   -10.554 11.555  1.00 33.84 ? 95  HIS A NE2 1 
ATOM   755  N N   . GLY A 1 96  ? -0.469  -7.096  11.134  1.00 30.26 ? 96  GLY A N   1 
ATOM   756  C CA  . GLY A 1 96  ? -1.803  -7.568  11.494  1.00 29.49 ? 96  GLY A CA  1 
ATOM   757  C C   . GLY A 1 96  ? -2.590  -8.002  10.275  1.00 27.09 ? 96  GLY A C   1 
ATOM   758  O O   . GLY A 1 96  ? -3.203  -9.083  10.272  1.00 25.76 ? 96  GLY A O   1 
ATOM   759  N N   . CYS A 1 97  ? -2.527  -7.216  9.200   1.00 27.65 ? 97  CYS A N   1 
ATOM   760  C CA  . CYS A 1 97  ? -3.282  -7.540  7.979   1.00 26.68 ? 97  CYS A CA  1 
ATOM   761  C C   . CYS A 1 97  ? -2.720  -8.717  7.217   1.00 26.17 ? 97  CYS A C   1 
ATOM   762  O O   . CYS A 1 97  ? -3.462  -9.513  6.614   1.00 24.64 ? 97  CYS A O   1 
ATOM   763  C CB  . CYS A 1 97  ? -3.410  -6.297  7.063   1.00 27.84 ? 97  CYS A CB  1 
ATOM   764  S SG  . CYS A 1 97  ? -4.420  -4.940  7.761   1.00 28.56 ? 97  CYS A SG  1 
ATOM   765  N N   . GLU A 1 98  ? -1.426  -8.892  7.177   1.00 28.09 ? 98  GLU A N   1 
ATOM   766  C CA  . GLU A 1 98  ? -0.852  -10.175 6.582   1.00 31.32 ? 98  GLU A CA  1 
ATOM   767  C C   . GLU A 1 98  ? -1.325  -11.436 7.280   1.00 32.93 ? 98  GLU A C   1 
ATOM   768  O O   . GLU A 1 98  ? -1.518  -12.463 6.655   1.00 34.92 ? 98  GLU A O   1 
ATOM   769  C CB  . GLU A 1 98  ? 0.674   -10.174 6.663   1.00 33.13 ? 98  GLU A CB  1 
ATOM   770  C CG  . GLU A 1 98  ? 1.287   -9.290  5.614   1.00 36.52 ? 98  GLU A CG  1 
ATOM   771  C CD  . GLU A 1 98  ? 2.830   -9.305  5.625   1.00 45.41 ? 98  GLU A CD  1 
ATOM   772  O OE1 . GLU A 1 98  ? 3.438   -9.826  6.614   1.00 41.97 ? 98  GLU A OE1 1 
ATOM   773  O OE2 . GLU A 1 98  ? 3.396   -8.758  4.625   1.00 47.98 ? 98  GLU A OE2 1 
ATOM   774  N N   . LYS A 1 99  ? -1.456  -11.348 8.610   1.00 35.86 ? 99  LYS A N   1 
ATOM   775  C CA  . LYS A 1 99  ? -1.855  -12.476 9.457   1.00 36.48 ? 99  LYS A CA  1 
ATOM   776  C C   . LYS A 1 99  ? -3.288  -12.820 9.226   1.00 37.64 ? 99  LYS A C   1 
ATOM   777  O O   . LYS A 1 99  ? -3.627  -14.007 9.141   1.00 38.45 ? 99  LYS A O   1 
ATOM   778  C CB  . LYS A 1 99  ? -1.570  -12.234 10.947  1.00 38.30 ? 99  LYS A CB  1 
ATOM   779  C CG  . LYS A 1 99  ? -0.007  -12.273 11.271  1.00 39.62 ? 99  LYS A CG  1 
ATOM   780  C CD  . LYS A 1 99  ? 0.363   -12.422 12.735  1.00 44.26 ? 99  LYS A CD  1 
ATOM   781  C CE  . LYS A 1 99  ? -0.165  -11.250 13.582  1.00 49.33 ? 99  LYS A CE  1 
ATOM   782  N NZ  . LYS A 1 99  ? 0.374   -11.268 14.998  1.00 53.10 ? 99  LYS A NZ  1 
ATOM   783  N N   . SER A 1 100 ? -4.113  -11.775 9.043   1.00 39.09 ? 100 SER A N   1 
ATOM   784  C CA  . SER A 1 100 ? -5.538  -11.911 8.885   1.00 37.75 ? 100 SER A CA  1 
ATOM   785  C C   . SER A 1 100 ? -5.989  -12.207 7.467   1.00 37.01 ? 100 SER A C   1 
ATOM   786  O O   . SER A 1 100 ? -7.082  -12.673 7.302   1.00 38.32 ? 100 SER A O   1 
ATOM   787  C CB  . SER A 1 100 ? -6.277  -10.700 9.520   1.00 40.50 ? 100 SER A CB  1 
ATOM   788  O OG  . SER A 1 100 ? -6.580  -9.702  8.563   1.00 42.70 ? 100 SER A OG  1 
ATOM   789  N N   . THR A 1 101 ? -5.230  -11.935 6.415   1.00 35.97 ? 101 THR A N   1 
ATOM   790  C CA  . THR A 1 101 ? -5.729  -12.292 5.077   1.00 35.72 ? 101 THR A CA  1 
ATOM   791  C C   . THR A 1 101 ? -5.323  -13.698 4.657   1.00 35.47 ? 101 THR A C   1 
ATOM   792  O O   . THR A 1 101 ? -4.247  -14.093 4.920   1.00 37.15 ? 101 THR A O   1 
ATOM   793  C CB  . THR A 1 101 ? -5.635  -11.205 3.922   1.00 33.75 ? 101 THR A CB  1 
ATOM   794  O OG1 . THR A 1 101 ? -5.070  -11.752 2.701   1.00 39.22 ? 101 THR A OG1 1 
ATOM   795  C CG2 . THR A 1 101 ? -4.914  -10.140 4.297   1.00 26.85 ? 101 THR A CG2 1 
ATOM   796  N N   . PRO A 1 102 ? -6.240  -14.471 4.106   1.00 35.45 ? 102 PRO A N   1 
ATOM   797  C CA  . PRO A 1 102 ? -5.948  -15.870 3.771   1.00 34.15 ? 102 PRO A CA  1 
ATOM   798  C C   . PRO A 1 102 ? -4.901  -16.096 2.746   1.00 34.49 ? 102 PRO A C   1 
ATOM   799  O O   . PRO A 1 102 ? -4.826  -15.411 1.747   1.00 33.86 ? 102 PRO A O   1 
ATOM   800  C CB  . PRO A 1 102 ? -7.287  -16.403 3.303   1.00 33.01 ? 102 PRO A CB  1 
ATOM   801  C CG  . PRO A 1 102 ? -8.279  -15.511 3.796   1.00 35.19 ? 102 PRO A CG  1 
ATOM   802  C CD  . PRO A 1 102 ? -7.672  -14.155 3.928   1.00 35.85 ? 102 PRO A CD  1 
ATOM   803  N N   . ALA A 1 103 ? -4.143  -17.169 2.934   1.00 34.12 ? 103 ALA A N   1 
ATOM   804  C CA  . ALA A 1 103 ? -3.167  -17.550 1.967   1.00 36.50 ? 103 ALA A CA  1 
ATOM   805  C C   . ALA A 1 103 ? -3.784  -17.716 0.577   1.00 36.23 ? 103 ALA A C   1 
ATOM   806  O O   . ALA A 1 103 ? -4.925  -18.137 0.386   1.00 36.23 ? 103 ALA A O   1 
ATOM   807  C CB  . ALA A 1 103 ? -2.386  -18.917 2.412   1.00 36.54 ? 103 ALA A CB  1 
ATOM   808  N N   . ASN A 1 104 ? -2.950  -17.386 -0.378  1.00 38.17 ? 104 ASN A N   1 
ATOM   809  C CA  . ASN A 1 104 ? -3.332  -17.284 -1.771  1.00 39.59 ? 104 ASN A CA  1 
ATOM   810  C C   . ASN A 1 104 ? -2.137  -17.391 -2.538  1.00 40.42 ? 104 ASN A C   1 
ATOM   811  O O   . ASN A 1 104 ? -1.239  -16.612 -2.331  1.00 43.01 ? 104 ASN A O   1 
ATOM   812  C CB  . ASN A 1 104 ? -3.980  -15.936 -2.167  1.00 39.10 ? 104 ASN A CB  1 
ATOM   813  C CG  . ASN A 1 104 ? -5.064  -16.137 -3.183  1.00 40.51 ? 104 ASN A CG  1 
ATOM   814  O OD1 . ASN A 1 104 ? -6.252  -15.704 -2.997  1.00 39.20 ? 104 ASN A OD1 1 
ATOM   815  N ND2 . ASN A 1 104 ? -4.712  -16.862 -4.260  1.00 36.74 ? 104 ASN A ND2 1 
ATOM   816  N N   . ASP A 1 105 ? -2.101  -18.326 -3.487  1.00 41.61 ? 105 ASP A N   1 
ATOM   817  C CA  . ASP A 1 105 ? -1.017  -18.299 -4.481  1.00 41.25 ? 105 ASP A CA  1 
ATOM   818  C C   . ASP A 1 105 ? -1.076  -17.103 -5.367  1.00 37.87 ? 105 ASP A C   1 
ATOM   819  O O   . ASP A 1 105 ? -0.110  -16.861 -6.117  1.00 36.96 ? 105 ASP A O   1 
ATOM   820  C CB  . ASP A 1 105 ? -1.188  -19.417 -5.548  1.00 43.09 ? 105 ASP A CB  1 
ATOM   821  C CG  . ASP A 1 105 ? -1.080  -20.730 -4.992  1.00 46.48 ? 105 ASP A CG  1 
ATOM   822  O OD1 . ASP A 1 105 ? -0.188  -20.900 -4.118  1.00 51.87 ? 105 ASP A OD1 1 
ATOM   823  O OD2 . ASP A 1 105 ? -1.836  -21.640 -5.390  1.00 50.76 ? 105 ASP A OD2 1 
ATOM   824  N N   . ASP A 1 106 ? -2.263  -16.488 -5.457  1.00 33.78 ? 106 ASP A N   1 
ATOM   825  C CA  . ASP A 1 106 ? -2.397  -15.389 -6.361  1.00 30.99 ? 106 ASP A CA  1 
ATOM   826  C C   . ASP A 1 106 ? -1.969  -14.218 -5.482  1.00 28.02 ? 106 ASP A C   1 
ATOM   827  O O   . ASP A 1 106 ? -2.714  -13.788 -4.617  1.00 30.11 ? 106 ASP A O   1 
ATOM   828  C CB  . ASP A 1 106 ? -3.823  -15.310 -6.929  1.00 29.90 ? 106 ASP A CB  1 
ATOM   829  C CG  . ASP A 1 106 ? -4.008  -14.180 -7.916  1.00 29.24 ? 106 ASP A CG  1 
ATOM   830  O OD1 . ASP A 1 106 ? -3.272  -13.170 -7.826  1.00 28.16 ? 106 ASP A OD1 1 
ATOM   831  O OD2 . ASP A 1 106 ? -4.863  -14.216 -8.862  1.00 27.69 ? 106 ASP A OD2 1 
ATOM   832  N N   . LYS A 1 107 ? -0.731  -13.796 -5.609  1.00 27.37 ? 107 LYS A N   1 
ATOM   833  C CA  . LYS A 1 107 ? -0.176  -12.707 -4.778  1.00 27.27 ? 107 LYS A CA  1 
ATOM   834  C C   . LYS A 1 107 ? -0.854  -11.315 -5.064  1.00 26.34 ? 107 LYS A C   1 
ATOM   835  O O   . LYS A 1 107 ? -0.885  -10.424 -4.170  1.00 25.90 ? 107 LYS A O   1 
ATOM   836  C CB  . LYS A 1 107 ? 1.339   -12.620 -4.955  1.00 30.74 ? 107 LYS A CB  1 
ATOM   837  C CG  . LYS A 1 107 ? 2.142   -13.949 -4.539  1.00 33.26 ? 107 LYS A CG  1 
ATOM   838  C CD  . LYS A 1 107 ? 1.914   -14.502 -3.054  1.00 39.84 ? 107 LYS A CD  1 
ATOM   839  C CE  . LYS A 1 107 ? 2.672   -15.796 -2.810  0.01 38.44 ? 107 LYS A CE  1 
ATOM   840  N NZ  . LYS A 1 107 ? 2.175   -16.503 -1.595  0.01 38.90 ? 107 LYS A NZ  1 
ATOM   841  N N   . CYS A 1 108 ? -1.429  -11.162 -6.221  1.00 26.34 ? 108 CYS A N   1 
ATOM   842  C CA  . CYS A 1 108 ? -2.102  -9.880  -6.632  1.00 26.61 ? 108 CYS A CA  1 
ATOM   843  C C   . CYS A 1 108 ? -3.367  -9.821  -5.829  1.00 26.52 ? 108 CYS A C   1 
ATOM   844  O O   . CYS A 1 108 ? -3.672  -8.772  -5.284  1.00 24.92 ? 108 CYS A O   1 
ATOM   845  C CB  . CYS A 1 108 ? -2.429  -9.778  -8.130  1.00 26.10 ? 108 CYS A CB  1 
ATOM   846  S SG  . CYS A 1 108 ? -0.995  -9.782  -9.196  1.00 26.66 ? 108 CYS A SG  1 
ATOM   847  N N   . ILE A 1 109 ? -4.105  -10.938 -5.755  1.00 24.24 ? 109 ILE A N   1 
ATOM   848  C CA  . ILE A 1 109 ? -5.299  -10.985 -4.938  1.00 24.11 ? 109 ILE A CA  1 
ATOM   849  C C   . ILE A 1 109 ? -4.976  -10.905 -3.479  1.00 24.20 ? 109 ILE A C   1 
ATOM   850  O O   . ILE A 1 109 ? -5.684  -10.193 -2.801  1.00 21.72 ? 109 ILE A O   1 
ATOM   851  C CB  . ILE A 1 109 ? -6.208  -12.157 -5.281  1.00 25.47 ? 109 ILE A CB  1 
ATOM   852  C CG1 . ILE A 1 109 ? -6.853  -11.896 -6.623  1.00 29.45 ? 109 ILE A CG1 1 
ATOM   853  C CG2 . ILE A 1 109 ? -7.336  -12.292 -4.253  1.00 29.59 ? 109 ILE A CG2 1 
ATOM   854  C CD1 . ILE A 1 109 ? -7.067  -13.078 -7.257  1.00 39.48 ? 109 ILE A CD1 1 
ATOM   855  N N   . TRP A 1 110 ? -3.919  -11.612 -2.986  1.00 22.24 ? 110 TRP A N   1 
ATOM   856  C CA  . TRP A 1 110 ? -3.453  -11.514 -1.606  1.00 23.63 ? 110 TRP A CA  1 
ATOM   857  C C   . TRP A 1 110 ? -3.140  -10.008 -1.248  1.00 20.86 ? 110 TRP A C   1 
ATOM   858  O O   . TRP A 1 110 ? -3.549  -9.487  -0.174  1.00 22.53 ? 110 TRP A O   1 
ATOM   859  C CB  . TRP A 1 110 ? -2.138  -12.294 -1.440  1.00 25.52 ? 110 TRP A CB  1 
ATOM   860  C CG  . TRP A 1 110 ? -1.841  -12.399 -0.069  1.00 26.21 ? 110 TRP A CG  1 
ATOM   861  C CD1 . TRP A 1 110 ? -2.473  -13.203 0.884   1.00 29.86 ? 110 TRP A CD1 1 
ATOM   862  C CD2 . TRP A 1 110 ? -0.814  -11.743 0.574   1.00 28.59 ? 110 TRP A CD2 1 
ATOM   863  N NE1 . TRP A 1 110 ? -1.881  -13.013 2.087   1.00 29.94 ? 110 TRP A NE1 1 
ATOM   864  C CE2 . TRP A 1 110 ? -0.859  -12.107 1.921   1.00 34.92 ? 110 TRP A CE2 1 
ATOM   865  C CE3 . TRP A 1 110 ? 0.202   -10.898 0.134   1.00 34.66 ? 110 TRP A CE3 1 
ATOM   866  C CZ2 . TRP A 1 110 ? 0.051   -11.598 2.851   1.00 36.26 ? 110 TRP A CZ2 1 
ATOM   867  C CZ3 . TRP A 1 110 ? 1.047   -10.349 1.059   1.00 37.70 ? 110 TRP A CZ3 1 
ATOM   868  C CH2 . TRP A 1 110 ? 1.000   -10.729 2.368   1.00 35.07 ? 110 TRP A CH2 1 
ATOM   869  N N   . THR A 1 111 ? -2.453  -9.327  -2.132  1.00 21.03 ? 111 THR A N   1 
ATOM   870  C CA  . THR A 1 111 ? -2.054  -7.954  -1.897  1.00 20.39 ? 111 THR A CA  1 
ATOM   871  C C   . THR A 1 111 ? -3.308  -7.049  -1.735  1.00 19.15 ? 111 THR A C   1 
ATOM   872  O O   . THR A 1 111 ? -3.322  -6.067  -0.923  1.00 21.41 ? 111 THR A O   1 
ATOM   873  C CB  . THR A 1 111 ? -1.212  -7.507  -3.058  1.00 21.77 ? 111 THR A CB  1 
ATOM   874  O OG1 . THR A 1 111 ? -0.025  -8.264  -3.046  1.00 24.79 ? 111 THR A OG1 1 
ATOM   875  C CG2 . THR A 1 111 ? -0.572  -6.038  -2.806  1.00 18.46 ? 111 THR A CG2 1 
ATOM   876  N N   . LEU A 1 112 ? -4.295  -7.244  -2.577  1.00 18.39 ? 112 LEU A N   1 
ATOM   877  C CA  . LEU A 1 112 ? -5.500  -6.442  -2.468  1.00 21.59 ? 112 LEU A CA  1 
ATOM   878  C C   . LEU A 1 112 ? -6.114  -6.620  -1.152  1.00 22.31 ? 112 LEU A C   1 
ATOM   879  O O   . LEU A 1 112 ? -6.649  -5.593  -0.556  1.00 25.84 ? 112 LEU A O   1 
ATOM   880  C CB  . LEU A 1 112 ? -6.620  -6.707  -3.482  1.00 24.62 ? 112 LEU A CB  1 
ATOM   881  C CG  . LEU A 1 112 ? -6.530  -6.125  -4.861  1.00 26.39 ? 112 LEU A CG  1 
ATOM   882  C CD1 . LEU A 1 112 ? -7.760  -6.388  -5.628  1.00 29.87 ? 112 LEU A CD1 1 
ATOM   883  C CD2 . LEU A 1 112 ? -6.120  -4.689  -4.776  1.00 31.88 ? 112 LEU A CD2 1 
ATOM   884  N N   . GLY A 1 113 ? -6.171  -7.839  -0.677  1.00 19.37 ? 113 GLY A N   1 
ATOM   885  C CA  . GLY A 1 113 ? -6.719  -8.070  0.642   1.00 21.30 ? 113 GLY A CA  1 
ATOM   886  C C   . GLY A 1 113 ? -5.977  -7.407  1.756   1.00 20.04 ? 113 GLY A C   1 
ATOM   887  O O   . GLY A 1 113 ? -6.539  -6.805  2.702   1.00 19.79 ? 113 GLY A O   1 
ATOM   888  N N   . VAL A 1 114 ? -4.671  -7.498  1.710   1.00 21.08 ? 114 VAL A N   1 
ATOM   889  C CA  . VAL A 1 114 ? -3.847  -6.806  2.775   1.00 18.71 ? 114 VAL A CA  1 
ATOM   890  C C   . VAL A 1 114 ? -4.043  -5.307  2.720   1.00 18.57 ? 114 VAL A C   1 
ATOM   891  O O   . VAL A 1 114 ? -4.158  -4.617  3.802   1.00 21.32 ? 114 VAL A O   1 
ATOM   892  C CB  . VAL A 1 114 ? -2.304  -7.199  2.569   1.00 17.26 ? 114 VAL A CB  1 
ATOM   893  C CG1 . VAL A 1 114 ? -1.444  -6.441  3.485   1.00 20.68 ? 114 VAL A CG1 1 
ATOM   894  C CG2 . VAL A 1 114 ? -2.087  -8.671  2.733   1.00 20.10 ? 114 VAL A CG2 1 
ATOM   895  N N   . ALA A 1 115 ? -3.958  -4.775  1.503   1.00 18.72 ? 115 ALA A N   1 
ATOM   896  C CA  . ALA A 1 115 ? -4.121  -3.344  1.216   1.00 20.32 ? 115 ALA A CA  1 
ATOM   897  C C   . ALA A 1 115 ? -5.518  -2.746  1.595   1.00 21.85 ? 115 ALA A C   1 
ATOM   898  O O   . ALA A 1 115 ? -5.554  -1.602  2.168   1.00 18.70 ? 115 ALA A O   1 
ATOM   899  C CB  . ALA A 1 115 ? -3.897  -3.019  -0.232  1.00 22.49 ? 115 ALA A CB  1 
ATOM   900  N N   . THR A 1 116 ? -6.591  -3.539  1.323   1.00 19.73 ? 116 THR A N   1 
ATOM   901  C CA  . THR A 1 116 ? -7.963  -3.252  1.929   1.00 21.50 ? 116 THR A CA  1 
ATOM   902  C C   . THR A 1 116 ? -8.043  -3.187  3.453   1.00 19.74 ? 116 THR A C   1 
ATOM   903  O O   . THR A 1 116 ? -8.624  -2.264  4.037   1.00 20.95 ? 116 THR A O   1 
ATOM   904  C CB  . THR A 1 116 ? -8.997  -4.224  1.353   1.00 20.54 ? 116 THR A CB  1 
ATOM   905  O OG1 . THR A 1 116 ? -8.935  -4.023  -0.073  1.00 17.17 ? 116 THR A OG1 1 
ATOM   906  C CG2 . THR A 1 116 ? -10.441 -3.763  1.522   1.00 25.81 ? 116 THR A CG2 1 
ATOM   907  N N   . CYS A 1 117 ? -7.443  -4.155  4.105   1.00 19.70 ? 117 CYS A N   1 
ATOM   908  C CA  . CYS A 1 117 ? -7.366  -4.229  5.516   1.00 22.98 ? 117 CYS A CA  1 
ATOM   909  C C   . CYS A 1 117 ? -6.599  -3.047  6.097   1.00 24.29 ? 117 CYS A C   1 
ATOM   910  O O   . CYS A 1 117 ? -7.036  -2.363  7.095   1.00 23.38 ? 117 CYS A O   1 
ATOM   911  C CB  . CYS A 1 117 ? -6.799  -5.627  5.866   1.00 23.79 ? 117 CYS A CB  1 
ATOM   912  S SG  . CYS A 1 117 ? -6.361  -5.777  7.605   1.00 29.45 ? 117 CYS A SG  1 
ATOM   913  N N   . PHE A 1 118 ? -5.460  -2.731  5.440   1.00 23.11 ? 118 PHE A N   1 
ATOM   914  C CA  . PHE A 1 118 ? -4.622  -1.602  5.789   1.00 23.73 ? 118 PHE A CA  1 
ATOM   915  C C   . PHE A 1 118 ? -5.343  -0.254  5.700   1.00 23.96 ? 118 PHE A C   1 
ATOM   916  O O   . PHE A 1 118 ? -5.322  0.531   6.656   1.00 24.84 ? 118 PHE A O   1 
ATOM   917  C CB  . PHE A 1 118 ? -3.277  -1.575  4.946   1.00 22.61 ? 118 PHE A CB  1 
ATOM   918  C CG  . PHE A 1 118 ? -2.411  -0.354  5.197   1.00 22.52 ? 118 PHE A CG  1 
ATOM   919  C CD1 . PHE A 1 118 ? -1.552  -0.314  6.230   1.00 19.91 ? 118 PHE A CD1 1 
ATOM   920  C CD2 . PHE A 1 118 ? -2.419  0.707   4.325   1.00 27.22 ? 118 PHE A CD2 1 
ATOM   921  C CE1 . PHE A 1 118 ? -0.798  0.756   6.463   1.00 22.16 ? 118 PHE A CE1 1 
ATOM   922  C CE2 . PHE A 1 118 ? -1.642  1.808   4.579   1.00 27.63 ? 118 PHE A CE2 1 
ATOM   923  C CZ  . PHE A 1 118 ? -0.863  1.826   5.677   1.00 28.93 ? 118 PHE A CZ  1 
ATOM   924  N N   . LYS A 1 119 ? -6.068  -0.047  4.607   1.00 25.67 ? 119 LYS A N   1 
ATOM   925  C CA  . LYS A 1 119 ? -6.816  1.159   4.350   1.00 26.77 ? 119 LYS A CA  1 
ATOM   926  C C   . LYS A 1 119 ? -7.876  1.345   5.448   1.00 27.09 ? 119 LYS A C   1 
ATOM   927  O O   . LYS A 1 119 ? -7.976  2.386   6.007   1.00 28.31 ? 119 LYS A O   1 
ATOM   928  C CB  . LYS A 1 119 ? -7.400  1.168   2.890   1.00 29.02 ? 119 LYS A CB  1 
ATOM   929  C CG  . LYS A 1 119 ? -8.868  1.486   2.758   1.00 32.26 ? 119 LYS A CG  1 
ATOM   930  C CD  . LYS A 1 119 ? -9.347  1.677   1.324   1.00 33.02 ? 119 LYS A CD  1 
ATOM   931  C CE  . LYS A 1 119 ? -10.725 2.606   1.283   1.00 31.54 ? 119 LYS A CE  1 
ATOM   932  N NZ  . LYS A 1 119 ? -10.450 4.066   1.306   1.00 18.14 ? 119 LYS A NZ  1 
ATOM   933  N N   . ALA A 1 120 ? -8.613  0.300   5.736   1.00 26.75 ? 120 ALA A N   1 
ATOM   934  C CA  . ALA A 1 120 ? -9.583  0.264   6.777   1.00 28.93 ? 120 ALA A CA  1 
ATOM   935  C C   . ALA A 1 120 ? -9.045  0.726   8.149   1.00 30.40 ? 120 ALA A C   1 
ATOM   936  O O   . ALA A 1 120 ? -9.713  1.511   8.855   1.00 26.42 ? 120 ALA A O   1 
ATOM   937  C CB  . ALA A 1 120 ? -10.155 -1.144  6.865   1.00 28.38 ? 120 ALA A CB  1 
ATOM   938  N N   . GLU A 1 121 ? -7.840  0.241   8.506   1.00 28.22 ? 121 GLU A N   1 
ATOM   939  C CA  . GLU A 1 121 ? -7.297  0.524   9.824   1.00 29.00 ? 121 GLU A CA  1 
ATOM   940  C C   . GLU A 1 121 ? -6.834  1.975   9.887   1.00 27.68 ? 121 GLU A C   1 
ATOM   941  O O   . GLU A 1 121 ? -7.019  2.700   10.922  1.00 25.34 ? 121 GLU A O   1 
ATOM   942  C CB  . GLU A 1 121 ? -6.217  -0.468  10.216  1.00 29.69 ? 121 GLU A CB  1 
ATOM   943  C CG  . GLU A 1 121 ? -6.670  -1.898  10.394  1.00 34.60 ? 121 GLU A CG  1 
ATOM   944  C CD  . GLU A 1 121 ? -7.762  -2.025  11.433  1.00 39.70 ? 121 GLU A CD  1 
ATOM   945  O OE1 . GLU A 1 121 ? -8.843  -2.549  11.106  1.00 45.23 ? 121 GLU A OE1 1 
ATOM   946  O OE2 . GLU A 1 121 ? -7.565  -1.472  12.506  1.00 39.52 ? 121 GLU A OE2 1 
ATOM   947  N N   . ILE A 1 122 ? -6.431  2.479   8.732   1.00 26.96 ? 122 ILE A N   1 
ATOM   948  C CA  . ILE A 1 122 ? -5.979  3.876   8.590   1.00 28.92 ? 122 ILE A CA  1 
ATOM   949  C C   . ILE A 1 122 ? -7.193  4.850   8.745   1.00 29.41 ? 122 ILE A C   1 
ATOM   950  O O   . ILE A 1 122 ? -7.066  5.884   9.405   1.00 29.99 ? 122 ILE A O   1 
ATOM   951  C CB  . ILE A 1 122 ? -5.266  4.096   7.221   1.00 27.48 ? 122 ILE A CB  1 
ATOM   952  C CG1 . ILE A 1 122 ? -3.916  3.371   7.078   1.00 32.21 ? 122 ILE A CG1 1 
ATOM   953  C CG2 . ILE A 1 122 ? -5.020  5.428   7.002   1.00 28.38 ? 122 ILE A CG2 1 
ATOM   954  C CD1 . ILE A 1 122 ? -3.258  2.833   8.249   1.00 36.98 ? 122 ILE A CD1 1 
ATOM   955  N N   . HIS A 1 123 ? -8.315  4.517   8.115   1.00 29.46 ? 123 HIS A N   1 
ATOM   956  C CA  . HIS A 1 123 ? -9.603  5.197   8.380   1.00 30.34 ? 123 HIS A CA  1 
ATOM   957  C C   . HIS A 1 123 ? -9.969  5.215   9.899   1.00 31.93 ? 123 HIS A C   1 
ATOM   958  O O   . HIS A 1 123 ? -10.398 6.259   10.369  1.00 32.86 ? 123 HIS A O   1 
ATOM   959  C CB  . HIS A 1 123 ? -10.784 4.724   7.484   1.00 29.80 ? 123 HIS A CB  1 
ATOM   960  C CG  . HIS A 1 123 ? -10.655 5.104   6.031   1.00 27.16 ? 123 HIS A CG  1 
ATOM   961  N ND1 . HIS A 1 123 ? -10.766 6.394   5.575   1.00 25.01 ? 123 HIS A ND1 1 
ATOM   962  C CD2 . HIS A 1 123 ? -10.590 4.329   4.905   1.00 28.21 ? 123 HIS A CD2 1 
ATOM   963  C CE1 . HIS A 1 123 ? -10.647 6.425   4.265   1.00 30.33 ? 123 HIS A CE1 1 
ATOM   964  N NE2 . HIS A 1 123 ? -10.536 5.178   3.835   1.00 28.30 ? 123 HIS A NE2 1 
ATOM   965  N N   . LYS A 1 124 ? -9.726  4.120   10.627  1.00 33.81 ? 124 LYS A N   1 
ATOM   966  C CA  . LYS A 1 124 ? -10.110 3.964   12.030  1.00 33.16 ? 124 LYS A CA  1 
ATOM   967  C C   . LYS A 1 124 ? -9.301  4.836   12.910  1.00 34.99 ? 124 LYS A C   1 
ATOM   968  O O   . LYS A 1 124 ? -9.709  5.199   14.002  1.00 33.51 ? 124 LYS A O   1 
ATOM   969  C CB  . LYS A 1 124 ? -10.008 2.514   12.544  1.00 34.03 ? 124 LYS A CB  1 
ATOM   970  C CG  . LYS A 1 124 ? -11.171 1.540   12.086  1.00 35.58 ? 124 LYS A CG  1 
ATOM   971  C CD  . LYS A 1 124 ? -10.896 0.050   12.328  1.00 38.41 ? 124 LYS A CD  1 
ATOM   972  C CE  . LYS A 1 124 ? -12.025 -0.875  11.820  1.00 40.61 ? 124 LYS A CE  1 
ATOM   973  N NZ  . LYS A 1 124 ? -13.363 -0.492  12.354  0.01 39.97 ? 124 LYS A NZ  1 
ATOM   974  N N   . LEU A 1 125 ? -8.119  5.160   12.466  1.00 34.28 ? 125 LEU A N   1 
ATOM   975  C CA  . LEU A 1 125 ? -7.273  6.081   13.168  1.00 33.01 ? 125 LEU A CA  1 
ATOM   976  C C   . LEU A 1 125 ? -7.553  7.494   12.865  1.00 32.54 ? 125 LEU A C   1 
ATOM   977  O O   . LEU A 1 125 ? -6.981  8.290   13.533  1.00 34.40 ? 125 LEU A O   1 
ATOM   978  C CB  . LEU A 1 125 ? -5.804  5.833   12.865  1.00 31.83 ? 125 LEU A CB  1 
ATOM   979  C CG  . LEU A 1 125 ? -5.142  4.751   13.650  1.00 35.32 ? 125 LEU A CG  1 
ATOM   980  C CD1 . LEU A 1 125 ? -6.068  3.723   13.922  1.00 40.00 ? 125 LEU A CD1 1 
ATOM   981  C CD2 . LEU A 1 125 ? -3.919  4.132   12.893  1.00 32.87 ? 125 LEU A CD2 1 
ATOM   982  N N   . ASN A 1 126 ? -8.360  7.789   11.861  1.00 31.18 ? 126 ASN A N   1 
ATOM   983  C CA  . ASN A 1 126 ? -8.582  9.074   11.195  1.00 33.30 ? 126 ASN A CA  1 
ATOM   984  C C   . ASN A 1 126 ? -7.363  9.544   10.456  1.00 31.38 ? 126 ASN A C   1 
ATOM   985  O O   . ASN A 1 126 ? -7.106  10.780  10.452  1.00 30.71 ? 126 ASN A O   1 
ATOM   986  C CB  . ASN A 1 126 ? -9.127  10.265  12.079  1.00 34.06 ? 126 ASN A CB  1 
ATOM   987  C CG  . ASN A 1 126 ? -9.723  11.399  11.189  1.00 39.79 ? 126 ASN A CG  1 
ATOM   988  O OD1 . ASN A 1 126 ? -9.592  12.634  11.458  1.00 51.13 ? 126 ASN A OD1 1 
ATOM   989  N ND2 . ASN A 1 126 ? -10.385 10.984  10.100  1.00 34.59 ? 126 ASN A ND2 1 
ATOM   990  N N   . TRP A 1 127 ? -6.513  8.592   9.984   1.00 28.65 ? 127 TRP A N   1 
ATOM   991  C CA  . TRP A 1 127 ? -5.308  9.005   9.210   1.00 26.93 ? 127 TRP A CA  1 
ATOM   992  C C   . TRP A 1 127 ? -5.381  8.946   7.722   1.00 28.63 ? 127 TRP A C   1 
ATOM   993  O O   . TRP A 1 127 ? -4.390  9.333   7.033   1.00 27.53 ? 127 TRP A O   1 
ATOM   994  C CB  . TRP A 1 127 ? -4.094  8.214   9.649   1.00 29.06 ? 127 TRP A CB  1 
ATOM   995  C CG  . TRP A 1 127 ? -3.599  8.404   11.089  1.00 29.29 ? 127 TRP A CG  1 
ATOM   996  C CD1 . TRP A 1 127 ? -4.018  9.356   12.072  1.00 33.88 ? 127 TRP A CD1 1 
ATOM   997  C CD2 . TRP A 1 127 ? -2.617  7.607   11.723  1.00 31.39 ? 127 TRP A CD2 1 
ATOM   998  N NE1 . TRP A 1 127 ? -3.327  9.143   13.231  1.00 32.55 ? 127 TRP A NE1 1 
ATOM   999  C CE2 . TRP A 1 127 ? -2.456  8.093   13.047  1.00 32.88 ? 127 TRP A CE2 1 
ATOM   1000 C CE3 . TRP A 1 127 ? -1.790  6.552   11.282  1.00 30.14 ? 127 TRP A CE3 1 
ATOM   1001 C CZ2 . TRP A 1 127 ? -1.519  7.569   13.884  1.00 29.69 ? 127 TRP A CZ2 1 
ATOM   1002 C CZ3 . TRP A 1 127 ? -0.898  6.022   12.126  1.00 27.69 ? 127 TRP A CZ3 1 
ATOM   1003 C CH2 . TRP A 1 127 ? -0.733  6.519   13.391  1.00 30.88 ? 127 TRP A CH2 1 
ATOM   1004 N N   . ALA A 1 128 ? -6.557  8.574   7.140   1.00 29.57 ? 128 ALA A N   1 
ATOM   1005 C CA  . ALA A 1 128 ? -6.743  8.589   5.733   1.00 27.93 ? 128 ALA A CA  1 
ATOM   1006 C C   . ALA A 1 128 ? -6.730  10.016  5.217   1.00 30.01 ? 128 ALA A C   1 
ATOM   1007 O O   . ALA A 1 128 ? -7.616  10.730  5.643   1.00 31.80 ? 128 ALA A O   1 
ATOM   1008 C CB  . ALA A 1 128 ? -8.067  7.958   5.378   1.00 30.23 ? 128 ALA A CB  1 
ATOM   1009 N N   . PRO A 1 129 ? -5.890  10.403  4.215   1.00 28.74 ? 129 PRO A N   1 
ATOM   1010 C CA  . PRO A 1 129 ? -5.814  11.808  3.730   1.00 30.11 ? 129 PRO A CA  1 
ATOM   1011 C C   . PRO A 1 129 ? -6.888  12.179  2.729   1.00 28.94 ? 129 PRO A C   1 
ATOM   1012 O O   . PRO A 1 129 ? -7.480  11.245  2.241   1.00 31.36 ? 129 PRO A O   1 
ATOM   1013 C CB  . PRO A 1 129 ? -4.426  11.877  3.102   1.00 28.25 ? 129 PRO A CB  1 
ATOM   1014 C CG  . PRO A 1 129 ? -4.130  10.377  2.761   1.00 27.54 ? 129 PRO A CG  1 
ATOM   1015 C CD  . PRO A 1 129 ? -4.920  9.552   3.511   1.00 28.75 ? 129 PRO A CD  1 
ATOM   1016 N N   . SER A 1 130 ? -7.175  13.449  2.492   1.00 30.55 ? 130 SER A N   1 
ATOM   1017 C CA  . SER A 1 130 ? -7.904  13.912  1.323   1.00 32.70 ? 130 SER A CA  1 
ATOM   1018 C C   . SER A 1 130 ? -6.845  14.230  0.303   1.00 34.82 ? 130 SER A C   1 
ATOM   1019 O O   . SER A 1 130 ? -6.135  15.273  0.475   1.00 38.24 ? 130 SER A O   1 
ATOM   1020 C CB  . SER A 1 130 ? -8.743  15.181  1.581   1.00 31.44 ? 130 SER A CB  1 
ATOM   1021 O OG  . SER A 1 130 ? -9.356  15.645  0.390   0.01 32.27 ? 130 SER A OG  1 
ATOM   1022 N N   . MET A 1 131 ? -6.761  13.440  -0.776  1.00 35.94 ? 131 MET A N   1 
ATOM   1023 C CA  . MET A 1 131 ? -5.559  13.513  -1.681  1.00 37.08 ? 131 MET A CA  1 
ATOM   1024 C C   . MET A 1 131 ? -5.621  14.808  -2.509  1.00 40.45 ? 131 MET A C   1 
ATOM   1025 O O   . MET A 1 131 ? -4.611  15.267  -3.032  1.00 38.88 ? 131 MET A O   1 
ATOM   1026 C CB  . MET A 1 131 ? -5.333  12.250  -2.576  1.00 36.01 ? 131 MET A CB  1 
ATOM   1027 C CG  . MET A 1 131 ? -4.844  10.977  -1.912  1.00 33.24 ? 131 MET A CG  1 
ATOM   1028 S SD  . MET A 1 131 ? -3.374  11.237  -0.781  1.00 28.06 ? 131 MET A SD  1 
ATOM   1029 C CE  . MET A 1 131 ? -2.251  11.229  -1.986  1.00 32.14 ? 131 MET A CE  1 
ATOM   1030 N N   . ASP A 1 132 ? -6.843  15.358  -2.587  1.00 44.58 ? 132 ASP A N   1 
ATOM   1031 C CA  . ASP A 1 132 ? -7.179  16.780  -2.847  1.00 48.31 ? 132 ASP A CA  1 
ATOM   1032 C C   . ASP A 1 132 ? -6.549  17.219  -4.035  1.00 49.73 ? 132 ASP A C   1 
ATOM   1033 O O   . ASP A 1 132 ? -6.084  18.366  -3.836  1.00 49.58 ? 132 ASP A O   1 
ATOM   1034 C CB  . ASP A 1 132 ? -6.805  17.759  -1.738  1.00 48.37 ? 132 ASP A CB  1 
ATOM   1035 C CG  . ASP A 1 132 ? -7.578  19.083  -1.833  1.00 49.64 ? 132 ASP A CG  1 
ATOM   1036 O OD1 . ASP A 1 132 ? -6.945  20.153  -1.690  0.01 49.84 ? 132 ASP A OD1 1 
ATOM   1037 O OD2 . ASP A 1 132 ? -8.808  19.144  -2.051  0.01 49.95 ? 132 ASP A OD2 1 
ATOM   1038 O OXT . ASP A 1 132 ? -6.745  16.210  -4.746  1.00 53.91 ? 132 ASP A OXT 1 
HETATM 1039 C C17 . IHD B 2 .   ? 4.532   1.211   5.900   1.00 39.67 ? 300 IHD A C17 1 
HETATM 1040 C C16 . IHD B 2 .   ? 4.441   2.083   4.687   1.00 42.39 ? 300 IHD A C16 1 
HETATM 1041 C C15 . IHD B 2 .   ? 3.115   2.120   3.881   1.00 44.19 ? 300 IHD A C15 1 
HETATM 1042 C C14 . IHD B 2 .   ? 3.361   3.281   2.886   1.00 40.19 ? 300 IHD A C14 1 
HETATM 1043 C C13 . IHD B 2 .   ? 2.441   3.660   1.714   1.00 40.31 ? 300 IHD A C13 1 
HETATM 1044 C C12 . IHD B 2 .   ? 0.991   3.285   1.699   1.00 42.02 ? 300 IHD A C12 1 
HETATM 1045 C C11 . IHD B 2 .   ? 0.319   3.385   0.330   1.00 41.09 ? 300 IHD A C11 1 
HETATM 1046 C C10 . IHD B 2 .   ? -0.466  2.176   -0.250  1.00 41.28 ? 300 IHD A C10 1 
HETATM 1047 C C9  . IHD B 2 .   ? 0.356   0.873   -0.196  1.00 45.37 ? 300 IHD A C9  1 
HETATM 1048 C C8  . IHD B 2 .   ? 0.241   0.226   1.235   1.00 47.03 ? 300 IHD A C8  1 
HETATM 1049 C C7  . IHD B 2 .   ? -0.595  -1.037  1.343   1.00 41.16 ? 300 IHD A C7  1 
HETATM 1050 C C6  . IHD B 2 .   ? 0.324   -2.253  1.536   1.00 46.58 ? 300 IHD A C6  1 
HETATM 1051 C C5  . IHD B 2 .   ? -0.386  -3.455  0.922   1.00 43.60 ? 300 IHD A C5  1 
HETATM 1052 C C4  . IHD B 2 .   ? 0.351   -4.793  0.730   1.00 47.30 ? 300 IHD A C4  1 
HETATM 1053 C C3  . IHD B 2 .   ? 1.590   -5.015  1.628   1.00 49.44 ? 300 IHD A C3  1 
HETATM 1054 C C2  . IHD B 2 .   ? 2.872   -4.705  0.871   1.00 50.09 ? 300 IHD A C2  1 
HETATM 1055 I I1  . IHD B 2 .   ? 3.754   -3.019  1.953   1.00 61.48 ? 300 IHD A I1  1 
HETATM 1056 O O   . HOH C 3 .   ? -6.342  -13.927 -0.415  1.00 30.92 ? 301 HOH A O   1 
HETATM 1057 O O   . HOH C 3 .   ? -7.634  8.747   -2.683  1.00 25.64 ? 302 HOH A O   1 
HETATM 1058 O O   . HOH C 3 .   ? -12.229 -0.881  -8.281  1.00 27.47 ? 303 HOH A O   1 
HETATM 1059 O O   . HOH C 3 .   ? 5.976   -5.667  -20.862 1.00 43.37 ? 304 HOH A O   1 
HETATM 1060 O O   . HOH C 3 .   ? -11.250 -0.737  3.148   1.00 26.60 ? 305 HOH A O   1 
HETATM 1061 O O   . HOH C 3 .   ? -11.779 -4.526  -2.298  1.00 42.91 ? 306 HOH A O   1 
HETATM 1062 O O   . HOH C 3 .   ? -11.574 0.670   -11.954 1.00 39.86 ? 307 HOH A O   1 
HETATM 1063 O O   . HOH C 3 .   ? -9.292  10.079  7.717   1.00 40.07 ? 308 HOH A O   1 
HETATM 1064 O O   . HOH C 3 .   ? 2.073   -6.797  -19.768 1.00 34.34 ? 309 HOH A O   1 
HETATM 1065 O O   . HOH C 3 .   ? -8.990  3.630   -19.983 1.00 30.26 ? 310 HOH A O   1 
HETATM 1066 O O   . HOH C 3 .   ? -8.308  19.686  0.442   1.00 66.37 ? 311 HOH A O   1 
HETATM 1067 O O   . HOH C 3 .   ? -9.759  14.975  -2.457  1.00 32.94 ? 312 HOH A O   1 
HETATM 1068 O O   . HOH C 3 .   ? 9.389   6.839   -3.806  1.00 28.93 ? 313 HOH A O   1 
HETATM 1069 O O   . HOH C 3 .   ? 8.040   5.774   -12.939 1.00 51.08 ? 314 HOH A O   1 
HETATM 1070 O O   . HOH C 3 .   ? 2.951   15.499  0.373   1.00 33.90 ? 315 HOH A O   1 
HETATM 1071 O O   . HOH C 3 .   ? 6.938   -7.831  -13.927 1.00 38.41 ? 316 HOH A O   1 
HETATM 1072 O O   . HOH C 3 .   ? -7.851  -6.637  -13.304 1.00 44.78 ? 317 HOH A O   1 
HETATM 1073 O O   . HOH C 3 .   ? -11.264 8.114   7.303   1.00 28.53 ? 318 HOH A O   1 
HETATM 1074 O O   . HOH C 3 .   ? 11.057  6.337   -1.427  1.00 26.15 ? 319 HOH A O   1 
HETATM 1075 O O   . HOH C 3 .   ? -6.983  11.141  -5.312  1.00 27.25 ? 320 HOH A O   1 
HETATM 1076 O O   . HOH C 3 .   ? 4.877   11.571  12.174  1.00 36.00 ? 321 HOH A O   1 
HETATM 1077 O O   . HOH C 3 .   ? -6.893  -11.442 -0.567  1.00 26.95 ? 322 HOH A O   1 
HETATM 1078 O O   . HOH C 3 .   ? -5.221  -4.309  12.669  1.00 47.22 ? 323 HOH A O   1 
HETATM 1079 O O   . HOH C 3 .   ? -19.732 -3.812  -0.764  1.00 31.06 ? 324 HOH A O   1 
HETATM 1080 O O   . HOH C 3 .   ? -4.521  8.410   -3.861  1.00 36.48 ? 325 HOH A O   1 
HETATM 1081 O O   . HOH C 3 .   ? -8.083  -9.350  6.654   1.00 36.84 ? 326 HOH A O   1 
HETATM 1082 O O   . HOH C 3 .   ? 10.853  10.743  9.474   1.00 32.77 ? 327 HOH A O   1 
# 
